data_7GAK
# 
_entry.id   7GAK 
# 
_audit_conform.dict_name       mmcif_pdbx.dic 
_audit_conform.dict_version    5.396 
_audit_conform.dict_location   http://mmcif.pdb.org/dictionaries/ascii/mmcif_pdbx.dic 
# 
loop_
_database_2.database_id 
_database_2.database_code 
_database_2.pdbx_database_accession 
_database_2.pdbx_DOI 
PDB   7GAK         pdb_00007gak 10.2210/pdb7gak/pdb 
WWPDB D_1001405941 ?            ?                   
# 
_pdbx_audit_revision_history.ordinal             1 
_pdbx_audit_revision_history.data_content_type   'Structure model' 
_pdbx_audit_revision_history.major_revision      1 
_pdbx_audit_revision_history.minor_revision      0 
_pdbx_audit_revision_history.revision_date       2024-09-04 
# 
_pdbx_audit_revision_details.ordinal             1 
_pdbx_audit_revision_details.revision_ordinal    1 
_pdbx_audit_revision_details.data_content_type   'Structure model' 
_pdbx_audit_revision_details.provider            repository 
_pdbx_audit_revision_details.type                'Initial release' 
_pdbx_audit_revision_details.description         ? 
_pdbx_audit_revision_details.details             ? 
# 
_pdbx_database_status.entry_id                        7GAK 
_pdbx_database_status.status_code                     REL 
_pdbx_database_status.status_code_sf                  REL 
_pdbx_database_status.status_code_mr                  ? 
_pdbx_database_status.status_code_cs                  ? 
_pdbx_database_status.recvd_initial_deposition_date   2023-08-10 
_pdbx_database_status.status_code_nmr_data            ? 
_pdbx_database_status.deposit_site                    RCSB 
_pdbx_database_status.process_site                    RCSB 
_pdbx_database_status.SG_entry                        ? 
_pdbx_database_status.pdb_format_compatible           Y 
_pdbx_database_status.methods_development_category    ? 
# 
_pdbx_contact_author.id                 1 
_pdbx_contact_author.email              knapp@pharmchem.uni-frankfurt.de 
_pdbx_contact_author.name_first         Stefan 
_pdbx_contact_author.name_last          Knapp 
_pdbx_contact_author.role               'principal investigator/group leader' 
_pdbx_contact_author.identifier_ORCID   0000-0001-5995-6494 
_pdbx_contact_author.name_mi            ? 
# 
loop_
_audit_author.name 
_audit_author.pdbx_ordinal 
_audit_author.identifier_ORCID 
'Kumar, A.'                            1 ? 
'Marples, P.G.'                        2 ? 
'Tomlinson, C.W.E.'                    3 ? 
'Fearon, D.'                           4 ? 
'von-Delft, F.'                        5 ? 
'Knapp, S.'                            6 ? 
'Structural Genomics Consortium (SGC)' 7 ? 
# 
_citation.id                        primary 
_citation.title                     'PanDDA analysis group deposition' 
_citation.journal_abbrev            'To Be Published' 
_citation.journal_volume            ? 
_citation.page_first                ? 
_citation.page_last                 ? 
_citation.year                      ? 
_citation.journal_id_ASTM           ? 
_citation.country                   ? 
_citation.journal_id_ISSN           ? 
_citation.journal_id_CSD            0353 
_citation.book_publisher            ? 
_citation.pdbx_database_id_PubMed   ? 
_citation.pdbx_database_id_DOI      ? 
# 
loop_
_citation_author.citation_id 
_citation_author.name 
_citation_author.identifier_ORCID 
_citation_author.ordinal 
primary 'Kumar, A.'                            ? 1 
primary 'Knapp, S.'                            ? 2 
primary 'Structural Genomics Consortium (SGC)' ? 3 
# 
loop_
_entity.id 
_entity.type 
_entity.src_method 
_entity.pdbx_description 
_entity.formula_weight 
_entity.pdbx_number_of_molecules 
_entity.pdbx_ec 
_entity.pdbx_mutation 
_entity.pdbx_fragment 
_entity.details 
1 polymer     man 'Microtubule-associated proteins 1A/1B light chain 3B'    14237.361 1  ? TruncationafterGly120 ? ? 
2 non-polymer syn 'N-(cyclopropylmethyl)-4-methoxypiperidine-1-carboxamide' 212.289   1  ? ?                     ? ? 
3 non-polymer syn 1,2-ETHANEDIOL                                            62.068    8  ? ?                     ? ? 
4 non-polymer syn 'CHLORIDE ION'                                            35.453    1  ? ?                     ? ? 
5 water       nat water                                                     18.015    93 ? ?                     ? ? 
# 
_entity_name_com.entity_id   1 
_entity_name_com.name        
;Autophagy-related protein LC3 B,Autophagy-related ubiquitin-like modifier LC3 B,MAP1 light chain 3-like protein 2,MAP1A/MAP1B light chain 3 B,MAP1A/MAP1B LC3 B,Microtubule-associated protein 1 light chain 3 beta
;
# 
_entity_poly.entity_id                      1 
_entity_poly.type                           'polypeptide(L)' 
_entity_poly.nstd_linkage                   no 
_entity_poly.nstd_monomer                   no 
_entity_poly.pdbx_seq_one_letter_code       
;SMPSEKTFKQRRTFEQRVEDVRLIREQHPTKIPVIIERYKGEKQLPVLDKTKFLVPDHVNMSELIKIIRRRLQLNANQAF
FLLVNGHSMVSVSTPISEVYESEKDEDGFLYMVYASQETFG
;
_entity_poly.pdbx_seq_one_letter_code_can   
;SMPSEKTFKQRRTFEQRVEDVRLIREQHPTKIPVIIERYKGEKQLPVLDKTKFLVPDHVNMSELIKIIRRRLQLNANQAF
FLLVNGHSMVSVSTPISEVYESEKDEDGFLYMVYASQETFG
;
_entity_poly.pdbx_strand_id                 A 
_entity_poly.pdbx_target_identifier         ? 
# 
loop_
_pdbx_entity_nonpoly.entity_id 
_pdbx_entity_nonpoly.name 
_pdbx_entity_nonpoly.comp_id 
2 'N-(cyclopropylmethyl)-4-methoxypiperidine-1-carboxamide' KA3 
3 1,2-ETHANEDIOL                                            EDO 
4 'CHLORIDE ION'                                            CL  
5 water                                                     HOH 
# 
loop_
_entity_poly_seq.entity_id 
_entity_poly_seq.num 
_entity_poly_seq.mon_id 
_entity_poly_seq.hetero 
1 1   SER n 
1 2   MET n 
1 3   PRO n 
1 4   SER n 
1 5   GLU n 
1 6   LYS n 
1 7   THR n 
1 8   PHE n 
1 9   LYS n 
1 10  GLN n 
1 11  ARG n 
1 12  ARG n 
1 13  THR n 
1 14  PHE n 
1 15  GLU n 
1 16  GLN n 
1 17  ARG n 
1 18  VAL n 
1 19  GLU n 
1 20  ASP n 
1 21  VAL n 
1 22  ARG n 
1 23  LEU n 
1 24  ILE n 
1 25  ARG n 
1 26  GLU n 
1 27  GLN n 
1 28  HIS n 
1 29  PRO n 
1 30  THR n 
1 31  LYS n 
1 32  ILE n 
1 33  PRO n 
1 34  VAL n 
1 35  ILE n 
1 36  ILE n 
1 37  GLU n 
1 38  ARG n 
1 39  TYR n 
1 40  LYS n 
1 41  GLY n 
1 42  GLU n 
1 43  LYS n 
1 44  GLN n 
1 45  LEU n 
1 46  PRO n 
1 47  VAL n 
1 48  LEU n 
1 49  ASP n 
1 50  LYS n 
1 51  THR n 
1 52  LYS n 
1 53  PHE n 
1 54  LEU n 
1 55  VAL n 
1 56  PRO n 
1 57  ASP n 
1 58  HIS n 
1 59  VAL n 
1 60  ASN n 
1 61  MET n 
1 62  SER n 
1 63  GLU n 
1 64  LEU n 
1 65  ILE n 
1 66  LYS n 
1 67  ILE n 
1 68  ILE n 
1 69  ARG n 
1 70  ARG n 
1 71  ARG n 
1 72  LEU n 
1 73  GLN n 
1 74  LEU n 
1 75  ASN n 
1 76  ALA n 
1 77  ASN n 
1 78  GLN n 
1 79  ALA n 
1 80  PHE n 
1 81  PHE n 
1 82  LEU n 
1 83  LEU n 
1 84  VAL n 
1 85  ASN n 
1 86  GLY n 
1 87  HIS n 
1 88  SER n 
1 89  MET n 
1 90  VAL n 
1 91  SER n 
1 92  VAL n 
1 93  SER n 
1 94  THR n 
1 95  PRO n 
1 96  ILE n 
1 97  SER n 
1 98  GLU n 
1 99  VAL n 
1 100 TYR n 
1 101 GLU n 
1 102 SER n 
1 103 GLU n 
1 104 LYS n 
1 105 ASP n 
1 106 GLU n 
1 107 ASP n 
1 108 GLY n 
1 109 PHE n 
1 110 LEU n 
1 111 TYR n 
1 112 MET n 
1 113 VAL n 
1 114 TYR n 
1 115 ALA n 
1 116 SER n 
1 117 GLN n 
1 118 GLU n 
1 119 THR n 
1 120 PHE n 
1 121 GLY n 
# 
_entity_src_gen.entity_id                          1 
_entity_src_gen.pdbx_src_id                        1 
_entity_src_gen.pdbx_alt_source_flag               sample 
_entity_src_gen.pdbx_seq_type                      'Biological sequence' 
_entity_src_gen.pdbx_beg_seq_num                   1 
_entity_src_gen.pdbx_end_seq_num                   121 
_entity_src_gen.gene_src_common_name               human 
_entity_src_gen.gene_src_genus                     ? 
_entity_src_gen.pdbx_gene_src_gene                 'MAP1LC3B, MAP1ALC3' 
_entity_src_gen.gene_src_species                   ? 
_entity_src_gen.gene_src_strain                    ? 
_entity_src_gen.gene_src_tissue                    ? 
_entity_src_gen.gene_src_tissue_fraction           ? 
_entity_src_gen.gene_src_details                   ? 
_entity_src_gen.pdbx_gene_src_fragment             ? 
_entity_src_gen.pdbx_gene_src_scientific_name      'Homo sapiens' 
_entity_src_gen.pdbx_gene_src_ncbi_taxonomy_id     9606 
_entity_src_gen.pdbx_gene_src_variant              ? 
_entity_src_gen.pdbx_gene_src_cell_line            ? 
_entity_src_gen.pdbx_gene_src_atcc                 ? 
_entity_src_gen.pdbx_gene_src_organ                ? 
_entity_src_gen.pdbx_gene_src_organelle            ? 
_entity_src_gen.pdbx_gene_src_cell                 ? 
_entity_src_gen.pdbx_gene_src_cellular_location    ? 
_entity_src_gen.host_org_common_name               ? 
_entity_src_gen.pdbx_host_org_scientific_name      'Escherichia coli' 
_entity_src_gen.pdbx_host_org_ncbi_taxonomy_id     562 
_entity_src_gen.host_org_genus                     ? 
_entity_src_gen.pdbx_host_org_gene                 ? 
_entity_src_gen.pdbx_host_org_organ                ? 
_entity_src_gen.host_org_species                   ? 
_entity_src_gen.pdbx_host_org_tissue               ? 
_entity_src_gen.pdbx_host_org_tissue_fraction      ? 
_entity_src_gen.pdbx_host_org_strain               ? 
_entity_src_gen.pdbx_host_org_variant              ? 
_entity_src_gen.pdbx_host_org_cell_line            ? 
_entity_src_gen.pdbx_host_org_atcc                 ? 
_entity_src_gen.pdbx_host_org_culture_collection   ? 
_entity_src_gen.pdbx_host_org_cell                 ? 
_entity_src_gen.pdbx_host_org_organelle            ? 
_entity_src_gen.pdbx_host_org_cellular_location    ? 
_entity_src_gen.pdbx_host_org_vector_type          ? 
_entity_src_gen.pdbx_host_org_vector               ? 
_entity_src_gen.host_org_details                   ? 
_entity_src_gen.expression_system_id               ? 
_entity_src_gen.plasmid_name                       ? 
_entity_src_gen.plasmid_details                    ? 
_entity_src_gen.pdbx_description                   ? 
# 
loop_
_chem_comp.id 
_chem_comp.type 
_chem_comp.mon_nstd_flag 
_chem_comp.name 
_chem_comp.pdbx_synonyms 
_chem_comp.formula 
_chem_comp.formula_weight 
ALA 'L-peptide linking' y ALANINE                                                   ?                 'C3 H7 N O2'     89.093  
ARG 'L-peptide linking' y ARGININE                                                  ?                 'C6 H15 N4 O2 1' 175.209 
ASN 'L-peptide linking' y ASPARAGINE                                                ?                 'C4 H8 N2 O3'    132.118 
ASP 'L-peptide linking' y 'ASPARTIC ACID'                                           ?                 'C4 H7 N O4'     133.103 
CL  non-polymer         . 'CHLORIDE ION'                                            ?                 'Cl -1'          35.453  
EDO non-polymer         . 1,2-ETHANEDIOL                                            'ETHYLENE GLYCOL' 'C2 H6 O2'       62.068  
GLN 'L-peptide linking' y GLUTAMINE                                                 ?                 'C5 H10 N2 O3'   146.144 
GLU 'L-peptide linking' y 'GLUTAMIC ACID'                                           ?                 'C5 H9 N O4'     147.129 
GLY 'peptide linking'   y GLYCINE                                                   ?                 'C2 H5 N O2'     75.067  
HIS 'L-peptide linking' y HISTIDINE                                                 ?                 'C6 H10 N3 O2 1' 156.162 
HOH non-polymer         . WATER                                                     ?                 'H2 O'           18.015  
ILE 'L-peptide linking' y ISOLEUCINE                                                ?                 'C6 H13 N O2'    131.173 
KA3 non-polymer         . 'N-(cyclopropylmethyl)-4-methoxypiperidine-1-carboxamide' ?                 'C11 H20 N2 O2'  212.289 
LEU 'L-peptide linking' y LEUCINE                                                   ?                 'C6 H13 N O2'    131.173 
LYS 'L-peptide linking' y LYSINE                                                    ?                 'C6 H15 N2 O2 1' 147.195 
MET 'L-peptide linking' y METHIONINE                                                ?                 'C5 H11 N O2 S'  149.211 
PHE 'L-peptide linking' y PHENYLALANINE                                             ?                 'C9 H11 N O2'    165.189 
PRO 'L-peptide linking' y PROLINE                                                   ?                 'C5 H9 N O2'     115.130 
SER 'L-peptide linking' y SERINE                                                    ?                 'C3 H7 N O3'     105.093 
THR 'L-peptide linking' y THREONINE                                                 ?                 'C4 H9 N O3'     119.119 
TYR 'L-peptide linking' y TYROSINE                                                  ?                 'C9 H11 N O3'    181.189 
VAL 'L-peptide linking' y VALINE                                                    ?                 'C5 H11 N O2'    117.146 
# 
loop_
_pdbx_poly_seq_scheme.asym_id 
_pdbx_poly_seq_scheme.entity_id 
_pdbx_poly_seq_scheme.seq_id 
_pdbx_poly_seq_scheme.mon_id 
_pdbx_poly_seq_scheme.ndb_seq_num 
_pdbx_poly_seq_scheme.pdb_seq_num 
_pdbx_poly_seq_scheme.auth_seq_num 
_pdbx_poly_seq_scheme.pdb_mon_id 
_pdbx_poly_seq_scheme.auth_mon_id 
_pdbx_poly_seq_scheme.pdb_strand_id 
_pdbx_poly_seq_scheme.pdb_ins_code 
_pdbx_poly_seq_scheme.hetero 
A 1 1   SER 1   0   ?   ?   ?   A . n 
A 1 2   MET 2   1   ?   ?   ?   A . n 
A 1 3   PRO 3   2   ?   ?   ?   A . n 
A 1 4   SER 4   3   ?   ?   ?   A . n 
A 1 5   GLU 5   4   ?   ?   ?   A . n 
A 1 6   LYS 6   5   5   LYS LYS A . n 
A 1 7   THR 7   6   6   THR THR A . n 
A 1 8   PHE 8   7   7   PHE PHE A . n 
A 1 9   LYS 9   8   8   LYS LYS A . n 
A 1 10  GLN 10  9   9   GLN GLN A . n 
A 1 11  ARG 11  10  10  ARG ARG A . n 
A 1 12  ARG 12  11  11  ARG ARG A . n 
A 1 13  THR 13  12  12  THR THR A . n 
A 1 14  PHE 14  13  13  PHE PHE A . n 
A 1 15  GLU 15  14  14  GLU GLU A . n 
A 1 16  GLN 16  15  15  GLN GLN A . n 
A 1 17  ARG 17  16  16  ARG ARG A . n 
A 1 18  VAL 18  17  17  VAL VAL A . n 
A 1 19  GLU 19  18  18  GLU GLU A . n 
A 1 20  ASP 20  19  19  ASP ASP A . n 
A 1 21  VAL 21  20  20  VAL VAL A . n 
A 1 22  ARG 22  21  21  ARG ARG A . n 
A 1 23  LEU 23  22  22  LEU LEU A . n 
A 1 24  ILE 24  23  23  ILE ILE A . n 
A 1 25  ARG 25  24  24  ARG ARG A . n 
A 1 26  GLU 26  25  25  GLU GLU A . n 
A 1 27  GLN 27  26  26  GLN GLN A . n 
A 1 28  HIS 28  27  27  HIS HIS A . n 
A 1 29  PRO 29  28  28  PRO PRO A . n 
A 1 30  THR 30  29  29  THR THR A . n 
A 1 31  LYS 31  30  30  LYS LYS A . n 
A 1 32  ILE 32  31  31  ILE ILE A . n 
A 1 33  PRO 33  32  32  PRO PRO A . n 
A 1 34  VAL 34  33  33  VAL VAL A . n 
A 1 35  ILE 35  34  34  ILE ILE A . n 
A 1 36  ILE 36  35  35  ILE ILE A . n 
A 1 37  GLU 37  36  36  GLU GLU A . n 
A 1 38  ARG 38  37  37  ARG ARG A . n 
A 1 39  TYR 39  38  38  TYR TYR A . n 
A 1 40  LYS 40  39  39  LYS LYS A . n 
A 1 41  GLY 41  40  40  GLY GLY A . n 
A 1 42  GLU 42  41  41  GLU GLU A . n 
A 1 43  LYS 43  42  42  LYS LYS A . n 
A 1 44  GLN 44  43  43  GLN GLN A . n 
A 1 45  LEU 45  44  44  LEU LEU A . n 
A 1 46  PRO 46  45  45  PRO PRO A . n 
A 1 47  VAL 47  46  46  VAL VAL A . n 
A 1 48  LEU 48  47  47  LEU LEU A . n 
A 1 49  ASP 49  48  48  ASP ASP A . n 
A 1 50  LYS 50  49  49  LYS LYS A . n 
A 1 51  THR 51  50  50  THR THR A . n 
A 1 52  LYS 52  51  51  LYS LYS A . n 
A 1 53  PHE 53  52  52  PHE PHE A . n 
A 1 54  LEU 54  53  53  LEU LEU A . n 
A 1 55  VAL 55  54  54  VAL VAL A . n 
A 1 56  PRO 56  55  55  PRO PRO A . n 
A 1 57  ASP 57  56  56  ASP ASP A . n 
A 1 58  HIS 58  57  57  HIS HIS A . n 
A 1 59  VAL 59  58  58  VAL VAL A . n 
A 1 60  ASN 60  59  59  ASN ASN A . n 
A 1 61  MET 61  60  60  MET MET A . n 
A 1 62  SER 62  61  61  SER SER A . n 
A 1 63  GLU 63  62  62  GLU GLU A . n 
A 1 64  LEU 64  63  63  LEU LEU A . n 
A 1 65  ILE 65  64  64  ILE ILE A . n 
A 1 66  LYS 66  65  65  LYS LYS A . n 
A 1 67  ILE 67  66  66  ILE ILE A . n 
A 1 68  ILE 68  67  67  ILE ILE A . n 
A 1 69  ARG 69  68  68  ARG ARG A . n 
A 1 70  ARG 70  69  69  ARG ARG A . n 
A 1 71  ARG 71  70  70  ARG ARG A . n 
A 1 72  LEU 72  71  71  LEU LEU A . n 
A 1 73  GLN 73  72  72  GLN GLN A . n 
A 1 74  LEU 74  73  73  LEU LEU A . n 
A 1 75  ASN 75  74  74  ASN ASN A . n 
A 1 76  ALA 76  75  75  ALA ALA A . n 
A 1 77  ASN 77  76  76  ASN ASN A . n 
A 1 78  GLN 78  77  77  GLN GLN A . n 
A 1 79  ALA 79  78  78  ALA ALA A . n 
A 1 80  PHE 80  79  79  PHE PHE A . n 
A 1 81  PHE 81  80  80  PHE PHE A . n 
A 1 82  LEU 82  81  81  LEU LEU A . n 
A 1 83  LEU 83  82  82  LEU LEU A . n 
A 1 84  VAL 84  83  83  VAL VAL A . n 
A 1 85  ASN 85  84  84  ASN ASN A . n 
A 1 86  GLY 86  85  85  GLY GLY A . n 
A 1 87  HIS 87  86  86  HIS HIS A . n 
A 1 88  SER 88  87  87  SER SER A . n 
A 1 89  MET 89  88  88  MET MET A . n 
A 1 90  VAL 90  89  89  VAL VAL A . n 
A 1 91  SER 91  90  90  SER SER A . n 
A 1 92  VAL 92  91  91  VAL VAL A . n 
A 1 93  SER 93  92  92  SER SER A . n 
A 1 94  THR 94  93  93  THR THR A . n 
A 1 95  PRO 95  94  94  PRO PRO A . n 
A 1 96  ILE 96  95  95  ILE ILE A . n 
A 1 97  SER 97  96  96  SER SER A . n 
A 1 98  GLU 98  97  97  GLU GLU A . n 
A 1 99  VAL 99  98  98  VAL VAL A . n 
A 1 100 TYR 100 99  99  TYR TYR A . n 
A 1 101 GLU 101 100 100 GLU GLU A . n 
A 1 102 SER 102 101 101 SER SER A . n 
A 1 103 GLU 103 102 102 GLU GLU A . n 
A 1 104 LYS 104 103 103 LYS LYS A . n 
A 1 105 ASP 105 104 104 ASP ASP A . n 
A 1 106 GLU 106 105 105 GLU GLU A . n 
A 1 107 ASP 107 106 106 ASP ASP A . n 
A 1 108 GLY 108 107 107 GLY GLY A . n 
A 1 109 PHE 109 108 108 PHE PHE A . n 
A 1 110 LEU 110 109 109 LEU LEU A . n 
A 1 111 TYR 111 110 110 TYR TYR A . n 
A 1 112 MET 112 111 111 MET MET A . n 
A 1 113 VAL 113 112 112 VAL VAL A . n 
A 1 114 TYR 114 113 113 TYR TYR A . n 
A 1 115 ALA 115 114 114 ALA ALA A . n 
A 1 116 SER 116 115 115 SER SER A . n 
A 1 117 GLN 117 116 116 GLN GLN A . n 
A 1 118 GLU 118 117 117 GLU GLU A . n 
A 1 119 THR 119 118 118 THR THR A . n 
A 1 120 PHE 120 119 119 PHE PHE A . n 
A 1 121 GLY 121 120 ?   ?   ?   A . n 
# 
_pdbx_entity_instance_feature.ordinal        1 
_pdbx_entity_instance_feature.comp_id        KA3 
_pdbx_entity_instance_feature.asym_id        ? 
_pdbx_entity_instance_feature.seq_num        ? 
_pdbx_entity_instance_feature.auth_comp_id   KA3 
_pdbx_entity_instance_feature.auth_asym_id   ? 
_pdbx_entity_instance_feature.auth_seq_num   ? 
_pdbx_entity_instance_feature.feature_type   'SUBJECT OF INVESTIGATION' 
_pdbx_entity_instance_feature.details        ? 
# 
loop_
_pdbx_nonpoly_scheme.asym_id 
_pdbx_nonpoly_scheme.entity_id 
_pdbx_nonpoly_scheme.mon_id 
_pdbx_nonpoly_scheme.ndb_seq_num 
_pdbx_nonpoly_scheme.pdb_seq_num 
_pdbx_nonpoly_scheme.auth_seq_num 
_pdbx_nonpoly_scheme.pdb_mon_id 
_pdbx_nonpoly_scheme.auth_mon_id 
_pdbx_nonpoly_scheme.pdb_strand_id 
_pdbx_nonpoly_scheme.pdb_ins_code 
B 2 KA3 1  201 201 KA3 LIG A . 
C 3 EDO 1  202 105 EDO EDO A . 
D 3 EDO 1  203 107 EDO EDO A . 
E 3 EDO 1  204 108 EDO EDO A . 
F 3 EDO 1  205 109 EDO EDO A . 
G 3 EDO 1  206 110 EDO EDO A . 
H 3 EDO 1  207 111 EDO EDO A . 
I 3 EDO 1  208 112 EDO EDO A . 
J 3 EDO 1  209 113 EDO EDO A . 
K 4 CL  1  210 114 CL  CL  A . 
L 5 HOH 1  301 56  HOH HOH A . 
L 5 HOH 2  302 59  HOH HOH A . 
L 5 HOH 3  303 62  HOH HOH A . 
L 5 HOH 4  304 40  HOH HOH A . 
L 5 HOH 5  305 42  HOH HOH A . 
L 5 HOH 6  306 43  HOH HOH A . 
L 5 HOH 7  307 27  HOH HOH A . 
L 5 HOH 8  308 10  HOH HOH A . 
L 5 HOH 9  309 82  HOH HOH A . 
L 5 HOH 10 310 38  HOH HOH A . 
L 5 HOH 11 311 19  HOH HOH A . 
L 5 HOH 12 312 64  HOH HOH A . 
L 5 HOH 13 313 21  HOH HOH A . 
L 5 HOH 14 314 33  HOH HOH A . 
L 5 HOH 15 315 91  HOH HOH A . 
L 5 HOH 16 316 34  HOH HOH A . 
L 5 HOH 17 317 41  HOH HOH A . 
L 5 HOH 18 318 47  HOH HOH A . 
L 5 HOH 19 319 86  HOH HOH A . 
L 5 HOH 20 320 4   HOH HOH A . 
L 5 HOH 21 321 87  HOH HOH A . 
L 5 HOH 22 322 20  HOH HOH A . 
L 5 HOH 23 323 8   HOH HOH A . 
L 5 HOH 24 324 1   HOH HOH A . 
L 5 HOH 25 325 51  HOH HOH A . 
L 5 HOH 26 326 18  HOH HOH A . 
L 5 HOH 27 327 89  HOH HOH A . 
L 5 HOH 28 328 23  HOH HOH A . 
L 5 HOH 29 329 74  HOH HOH A . 
L 5 HOH 30 330 25  HOH HOH A . 
L 5 HOH 31 331 48  HOH HOH A . 
L 5 HOH 32 332 12  HOH HOH A . 
L 5 HOH 33 333 13  HOH HOH A . 
L 5 HOH 34 334 55  HOH HOH A . 
L 5 HOH 35 335 71  HOH HOH A . 
L 5 HOH 36 336 9   HOH HOH A . 
L 5 HOH 37 337 17  HOH HOH A . 
L 5 HOH 38 338 83  HOH HOH A . 
L 5 HOH 39 339 49  HOH HOH A . 
L 5 HOH 40 340 16  HOH HOH A . 
L 5 HOH 41 341 2   HOH HOH A . 
L 5 HOH 42 342 75  HOH HOH A . 
L 5 HOH 43 343 77  HOH HOH A . 
L 5 HOH 44 344 57  HOH HOH A . 
L 5 HOH 45 345 84  HOH HOH A . 
L 5 HOH 46 346 7   HOH HOH A . 
L 5 HOH 47 347 45  HOH HOH A . 
L 5 HOH 48 348 53  HOH HOH A . 
L 5 HOH 49 349 32  HOH HOH A . 
L 5 HOH 50 350 11  HOH HOH A . 
L 5 HOH 51 351 35  HOH HOH A . 
L 5 HOH 52 352 66  HOH HOH A . 
L 5 HOH 53 353 15  HOH HOH A . 
L 5 HOH 54 354 78  HOH HOH A . 
L 5 HOH 55 355 52  HOH HOH A . 
L 5 HOH 56 356 92  HOH HOH A . 
L 5 HOH 57 357 5   HOH HOH A . 
L 5 HOH 58 358 24  HOH HOH A . 
L 5 HOH 59 359 67  HOH HOH A . 
L 5 HOH 60 360 3   HOH HOH A . 
L 5 HOH 61 361 14  HOH HOH A . 
L 5 HOH 62 362 72  HOH HOH A . 
L 5 HOH 63 363 63  HOH HOH A . 
L 5 HOH 64 364 31  HOH HOH A . 
L 5 HOH 65 365 73  HOH HOH A . 
L 5 HOH 66 366 79  HOH HOH A . 
L 5 HOH 67 367 93  HOH HOH A . 
L 5 HOH 68 368 6   HOH HOH A . 
L 5 HOH 69 369 37  HOH HOH A . 
L 5 HOH 70 370 44  HOH HOH A . 
L 5 HOH 71 371 60  HOH HOH A . 
L 5 HOH 72 372 69  HOH HOH A . 
L 5 HOH 73 373 46  HOH HOH A . 
L 5 HOH 74 374 61  HOH HOH A . 
L 5 HOH 75 375 88  HOH HOH A . 
L 5 HOH 76 376 36  HOH HOH A . 
L 5 HOH 77 377 54  HOH HOH A . 
L 5 HOH 78 378 90  HOH HOH A . 
L 5 HOH 79 379 80  HOH HOH A . 
L 5 HOH 80 380 81  HOH HOH A . 
L 5 HOH 81 381 28  HOH HOH A . 
L 5 HOH 82 382 68  HOH HOH A . 
L 5 HOH 83 383 30  HOH HOH A . 
L 5 HOH 84 384 94  HOH HOH A . 
L 5 HOH 85 385 76  HOH HOH A . 
L 5 HOH 86 386 50  HOH HOH A . 
L 5 HOH 87 387 85  HOH HOH A . 
L 5 HOH 88 388 29  HOH HOH A . 
L 5 HOH 89 389 26  HOH HOH A . 
L 5 HOH 90 390 58  HOH HOH A . 
L 5 HOH 91 391 70  HOH HOH A . 
L 5 HOH 92 392 65  HOH HOH A . 
L 5 HOH 93 393 39  HOH HOH A . 
# 
loop_
_pdbx_unobs_or_zero_occ_atoms.id 
_pdbx_unobs_or_zero_occ_atoms.PDB_model_num 
_pdbx_unobs_or_zero_occ_atoms.polymer_flag 
_pdbx_unobs_or_zero_occ_atoms.occupancy_flag 
_pdbx_unobs_or_zero_occ_atoms.auth_asym_id 
_pdbx_unobs_or_zero_occ_atoms.auth_comp_id 
_pdbx_unobs_or_zero_occ_atoms.auth_seq_id 
_pdbx_unobs_or_zero_occ_atoms.PDB_ins_code 
_pdbx_unobs_or_zero_occ_atoms.auth_atom_id 
_pdbx_unobs_or_zero_occ_atoms.label_alt_id 
_pdbx_unobs_or_zero_occ_atoms.label_asym_id 
_pdbx_unobs_or_zero_occ_atoms.label_comp_id 
_pdbx_unobs_or_zero_occ_atoms.label_seq_id 
_pdbx_unobs_or_zero_occ_atoms.label_atom_id 
1 1 Y 1 A GLN 116 ? CG  ? A GLN 117 CG  
2 1 Y 1 A GLN 116 ? CD  ? A GLN 117 CD  
3 1 Y 1 A GLN 116 ? OE1 ? A GLN 117 OE1 
4 1 Y 1 A GLN 116 ? NE2 ? A GLN 117 NE2 
5 1 Y 1 A THR 118 ? OG1 ? A THR 119 OG1 
6 1 Y 1 A THR 118 ? CG2 ? A THR 119 CG2 
# 
loop_
_software.pdbx_ordinal 
_software.name 
_software.version 
_software.date 
_software.type 
_software.contact_author 
_software.contact_author_email 
_software.classification 
_software.location 
_software.language 
_software.citation_id 
1 REFMAC      5.8.0267 ?               program 'Garib N. Murshudov' garib@ysbl.york.ac.uk    refinement        
http://www.ccp4.ac.uk/dist/html/refmac5.html        Fortran_77 ? 
2 Aimless     0.7.7    23/04/21        program 'Phil Evans'         ?                        'data scaling'    
http://www.mrc-lmb.cam.ac.uk/harry/pre/aimless.html ?          ? 
3 PDB_EXTRACT 3.23     'SEP. 23, 2016' package PDB                  deposit@deposit.rcsb.org 'data extraction' 
http://sw-tools.pdb.org/apps/PDB_EXTRACT/           C++        ? 
4 XDS         .        ?               program ?                    ?                        'data reduction'  ? ?          ? 
5 REFMAC      .        ?               program ?                    ?                        phasing           ? ?          ? 
# 
_cell.entry_id           7GAK 
_cell.length_a           60.807 
_cell.length_b           60.807 
_cell.length_c           35.097 
_cell.angle_alpha        90.000 
_cell.angle_beta         90.000 
_cell.angle_gamma        90.000 
_cell.Z_PDB              4 
_cell.pdbx_unique_axis   ? 
# 
_symmetry.entry_id                         7GAK 
_symmetry.space_group_name_H-M             'P 43' 
_symmetry.pdbx_full_space_group_name_H-M   ? 
_symmetry.cell_setting                     ? 
_symmetry.Int_Tables_number                78 
# 
_exptl.crystals_number   1 
_exptl.entry_id          7GAK 
_exptl.method            'X-RAY DIFFRACTION' 
# 
_exptl_crystal.id                    1 
_exptl_crystal.pdbx_mosaicity        0.000 
_exptl_crystal.pdbx_mosaicity_esd    ? 
_exptl_crystal.density_Matthews      2.19 
_exptl_crystal.density_diffrn        ? 
_exptl_crystal.density_meas          ? 
_exptl_crystal.density_meas_temp     ? 
_exptl_crystal.density_percent_sol   43.90 
_exptl_crystal.size_max              ? 
_exptl_crystal.size_mid              ? 
_exptl_crystal.size_min              ? 
_exptl_crystal.size_rad              ? 
_exptl_crystal.description           ? 
# 
_exptl_crystal_grow.crystal_id      1 
_exptl_crystal_grow.method          'VAPOR DIFFUSION, SITTING DROP' 
_exptl_crystal_grow.pH              4.7 
_exptl_crystal_grow.temp            293 
_exptl_crystal_grow.pdbx_details    '36% PEG 8000, 0.1M acetate pH 4.7' 
_exptl_crystal_grow.temp_details    ? 
_exptl_crystal_grow.pdbx_pH_range   ? 
# 
_diffrn.id                     1 
_diffrn.ambient_temp           100 
_diffrn.crystal_id             1 
_diffrn.ambient_temp_details   ? 
# 
_diffrn_detector.detector               PIXEL 
_diffrn_detector.type                   'DECTRIS PILATUS 6M' 
_diffrn_detector.pdbx_collection_date   2023-02-09 
_diffrn_detector.diffrn_id              1 
_diffrn_detector.details                ? 
# 
_diffrn_radiation.diffrn_id                        1 
_diffrn_radiation.wavelength_id                    1 
_diffrn_radiation.pdbx_diffrn_protocol             'SINGLE WAVELENGTH' 
_diffrn_radiation.pdbx_monochromatic_or_laue_m_l   ? 
_diffrn_radiation.monochromator                    ? 
_diffrn_radiation.pdbx_scattering_type             x-ray 
# 
_diffrn_radiation_wavelength.id           1 
_diffrn_radiation_wavelength.wavelength   0.92124 
_diffrn_radiation_wavelength.wt           1.0 
# 
_diffrn_source.diffrn_id                   1 
_diffrn_source.source                      SYNCHROTRON 
_diffrn_source.type                        'DIAMOND BEAMLINE I04-1' 
_diffrn_source.pdbx_wavelength_list        0.92124 
_diffrn_source.pdbx_synchrotron_site       Diamond 
_diffrn_source.pdbx_synchrotron_beamline   I04-1 
_diffrn_source.pdbx_wavelength             ? 
# 
_reflns.entry_id                     7GAK 
_reflns.pdbx_diffrn_id               1 
_reflns.pdbx_ordinal                 1 
_reflns.observed_criterion_sigma_I   ? 
_reflns.observed_criterion_sigma_F   ? 
_reflns.d_resolution_low             30.400 
_reflns.d_resolution_high            1.770 
_reflns.number_obs                   12673 
_reflns.number_all                   ? 
_reflns.percent_possible_obs         100.000 
_reflns.pdbx_Rmerge_I_obs            0.104 
_reflns.pdbx_Rsym_value              ? 
_reflns.pdbx_netI_over_sigmaI        13.600 
_reflns.B_iso_Wilson_estimate        ? 
_reflns.pdbx_redundancy              13.700 
_reflns.pdbx_Rrim_I_all              0.109 
_reflns.pdbx_Rpim_I_all              0.030 
_reflns.pdbx_CC_half                 0.997 
_reflns.pdbx_netI_over_av_sigmaI     ? 
_reflns.pdbx_number_measured_all     173163 
_reflns.pdbx_scaling_rejects         0 
_reflns.pdbx_chi_squared             ? 
_reflns.Rmerge_F_all                 ? 
_reflns.Rmerge_F_obs                 ? 
_reflns.observed_criterion_F_max     ? 
_reflns.observed_criterion_F_min     ? 
_reflns.observed_criterion_I_max     ? 
_reflns.observed_criterion_I_min     ? 
_reflns.pdbx_d_res_high_opt          ? 
_reflns.pdbx_d_res_low_opt           ? 
_reflns.details                      ? 
_reflns.pdbx_CC_star                 ? 
# 
loop_
_reflns_shell.pdbx_diffrn_id 
_reflns_shell.pdbx_ordinal 
_reflns_shell.d_res_high 
_reflns_shell.d_res_low 
_reflns_shell.number_measured_obs 
_reflns_shell.number_measured_all 
_reflns_shell.number_unique_obs 
_reflns_shell.pdbx_rejects 
_reflns_shell.Rmerge_I_obs 
_reflns_shell.meanI_over_sigI_obs 
_reflns_shell.pdbx_Rsym_value 
_reflns_shell.pdbx_chi_squared 
_reflns_shell.pdbx_redundancy 
_reflns_shell.percent_possible_obs 
_reflns_shell.pdbx_netI_over_sigmaI_obs 
_reflns_shell.number_possible 
_reflns_shell.number_unique_all 
_reflns_shell.Rmerge_F_all 
_reflns_shell.Rmerge_F_obs 
_reflns_shell.Rmerge_I_all 
_reflns_shell.meanI_over_sigI_all 
_reflns_shell.percent_possible_all 
_reflns_shell.pdbx_Rrim_I_all 
_reflns_shell.pdbx_Rpim_I_all 
_reflns_shell.pdbx_CC_half 
_reflns_shell.pdbx_CC_star 
1 1 1.770 1.810  ? 9502 736 ? 6.109 ? ? ? 12.900 ? 0.300  ? ? ? ? ? ? 99.400 6.361 1.764 0.382 ? 
1 2 9.040 30.400 ? 1171 110 ? 0.053 ? ? ? 10.600 ? 69.100 ? ? ? ? ? ? 98.600 0.056 0.017 0.998 ? 
# 
_refine.entry_id                                 7GAK 
_refine.pdbx_refine_id                           'X-RAY DIFFRACTION' 
_refine.ls_d_res_high                            1.7700 
_refine.ls_d_res_low                             30.4200 
_refine.pdbx_ls_sigma_F                          0.000 
_refine.pdbx_data_cutoff_high_absF               ? 
_refine.pdbx_data_cutoff_low_absF                ? 
_refine.ls_percent_reflns_obs                    99.2600 
_refine.ls_number_reflns_obs                     12022 
_refine.ls_number_reflns_all                     ? 
_refine.pdbx_ls_cross_valid_method               THROUGHOUT 
_refine.ls_matrix_type                           ? 
_refine.pdbx_R_Free_selection_details            RANDOM 
_refine.details                                  
'HYDROGENS HAVE BEEN ADDED IN THE RIDING POSITIONS U VALUES      : REFINED INDIVIDUALLY' 
_refine.ls_R_factor_all                          ? 
_refine.ls_R_factor_obs                          0.2024 
_refine.ls_R_factor_R_work                       0.2004 
_refine.ls_wR_factor_R_work                      ? 
_refine.ls_R_factor_R_free                       0.2497 
_refine.ls_wR_factor_R_free                      ? 
_refine.ls_percent_reflns_R_free                 4.4000 
_refine.ls_number_reflns_R_free                  549 
_refine.ls_number_reflns_R_work                  ? 
_refine.ls_R_factor_R_free_error                 ? 
_refine.B_iso_mean                               49.7730 
_refine.solvent_model_param_bsol                 ? 
_refine.solvent_model_param_ksol                 ? 
_refine.pdbx_isotropic_thermal_model             ? 
_refine.aniso_B[1][1]                            -0.1700 
_refine.aniso_B[2][2]                            -0.1700 
_refine.aniso_B[3][3]                            0.3300 
_refine.aniso_B[1][2]                            0.0000 
_refine.aniso_B[1][3]                            0.0000 
_refine.aniso_B[2][3]                            0.0000 
_refine.correlation_coeff_Fo_to_Fc               0.9690 
_refine.correlation_coeff_Fo_to_Fc_free          0.9540 
_refine.overall_SU_R_Cruickshank_DPI             ? 
_refine.pdbx_overall_SU_R_free_Cruickshank_DPI   ? 
_refine.pdbx_overall_SU_R_Blow_DPI               ? 
_refine.pdbx_overall_SU_R_free_Blow_DPI          ? 
_refine.overall_SU_R_free                        ? 
_refine.pdbx_overall_ESU_R                       0.1570 
_refine.pdbx_overall_ESU_R_Free                  0.1470 
_refine.overall_SU_ML                            0.1740 
_refine.overall_SU_B                             6.2320 
_refine.solvent_model_details                    MASK 
_refine.pdbx_solvent_vdw_probe_radii             1.2000 
_refine.pdbx_solvent_ion_probe_radii             0.8000 
_refine.pdbx_solvent_shrinkage_radii             0.8000 
_refine.ls_number_parameters                     ? 
_refine.ls_number_restraints                     ? 
_refine.pdbx_starting_model                      8Q53 
_refine.pdbx_method_to_determine_struct          'FOURIER SYNTHESIS' 
_refine.pdbx_stereochemistry_target_values       'MAXIMUM LIKELIHOOD' 
_refine.pdbx_stereochem_target_val_spec_case     ? 
_refine.overall_FOM_work_R_set                   ? 
_refine.B_iso_max                                151.120 
_refine.B_iso_min                                24.940 
_refine.pdbx_overall_phase_error                 ? 
_refine.occupancy_max                            ? 
_refine.occupancy_min                            ? 
_refine.pdbx_diffrn_id                           1 
_refine.pdbx_TLS_residual_ADP_flag               ? 
_refine.pdbx_ls_sigma_I                          ? 
_refine.pdbx_data_cutoff_high_rms_absF           ? 
_refine.ls_R_factor_R_free_error_details         ? 
# 
_refine_hist.cycle_id                         final 
_refine_hist.pdbx_refine_id                   'X-RAY DIFFRACTION' 
_refine_hist.d_res_high                       1.7700 
_refine_hist.d_res_low                        30.4200 
_refine_hist.pdbx_number_atoms_ligand         48 
_refine_hist.number_atoms_solvent             93 
_refine_hist.number_atoms_total               1095 
_refine_hist.pdbx_number_residues_total       113 
_refine_hist.pdbx_B_iso_mean_ligand           75.68 
_refine_hist.pdbx_B_iso_mean_solvent          60.61 
_refine_hist.pdbx_number_atoms_protein        954 
_refine_hist.pdbx_number_atoms_nucleic_acid   0 
# 
loop_
_refine_ls_restr.pdbx_refine_id 
_refine_ls_restr.type 
_refine_ls_restr.number 
_refine_ls_restr.dev_ideal 
_refine_ls_restr.dev_ideal_target 
_refine_ls_restr.weight 
_refine_ls_restr.pdbx_restraint_function 
'X-RAY DIFFRACTION' r_bond_refined_d       1355 0.009  0.014  ? ? 
'X-RAY DIFFRACTION' r_bond_other_d         1243 0.001  0.014  ? ? 
'X-RAY DIFFRACTION' r_angle_refined_deg    1658 1.619  1.675  ? ? 
'X-RAY DIFFRACTION' r_angle_other_deg      2826 1.222  1.580  ? ? 
'X-RAY DIFFRACTION' r_dihedral_angle_1_deg 156  6.498  5.000  ? ? 
'X-RAY DIFFRACTION' r_dihedral_angle_2_deg 74   29.083 18.919 ? ? 
'X-RAY DIFFRACTION' r_dihedral_angle_3_deg 224  15.446 15.000 ? ? 
'X-RAY DIFFRACTION' r_dihedral_angle_4_deg 15   19.588 15.000 ? ? 
'X-RAY DIFFRACTION' r_chiral_restr         156  0.075  0.200  ? ? 
'X-RAY DIFFRACTION' r_gen_planes_refined   1417 0.008  0.020  ? ? 
'X-RAY DIFFRACTION' r_gen_planes_other     305  0.002  0.020  ? ? 
'X-RAY DIFFRACTION' r_mcbond_it            621  4.087  4.712  ? ? 
'X-RAY DIFFRACTION' r_mcbond_other         619  4.088  4.702  ? ? 
'X-RAY DIFFRACTION' r_mcangle_it           740  5.686  7.056  ? ? 
# 
_refine_ls_shell.d_res_high                       1.7740 
_refine_ls_shell.d_res_low                        1.8200 
_refine_ls_shell.pdbx_total_number_of_bins_used   20 
_refine_ls_shell.percent_reflns_obs               90.5700 
_refine_ls_shell.number_reflns_R_work             833 
_refine_ls_shell.R_factor_all                     ? 
_refine_ls_shell.R_factor_R_work                  0.4080 
_refine_ls_shell.R_factor_R_free                  0.4390 
_refine_ls_shell.percent_reflns_R_free            ? 
_refine_ls_shell.number_reflns_R_free             51 
_refine_ls_shell.R_factor_R_free_error            ? 
_refine_ls_shell.number_reflns_all                884 
_refine_ls_shell.number_reflns_obs                ? 
_refine_ls_shell.pdbx_refine_id                   'X-RAY DIFFRACTION' 
_refine_ls_shell.R_factor_obs                     ? 
# 
_struct.entry_id                  7GAK 
_struct.title                     'PanDDA analysis group deposition -- Crystal Structure of MAP1LC3B in complex with Z287121492' 
_struct.pdbx_model_details        ? 
_struct.pdbx_CASP_flag            ? 
_struct.pdbx_model_type_details   ? 
# 
_struct_keywords.entry_id        7GAK 
_struct_keywords.text            'SGC - Diamond I04-1 fragment screening, PanDDA, XChemExplorer, STRUCTURAL PROTEIN' 
_struct_keywords.pdbx_keywords   'STRUCTURAL PROTEIN' 
# 
loop_
_struct_asym.id 
_struct_asym.pdbx_blank_PDB_chainid_flag 
_struct_asym.pdbx_modified 
_struct_asym.entity_id 
_struct_asym.details 
A N N 1 ? 
B N N 2 ? 
C N N 3 ? 
D N N 3 ? 
E N N 3 ? 
F N N 3 ? 
G N N 3 ? 
H N N 3 ? 
I N N 3 ? 
J N N 3 ? 
K N N 4 ? 
L N N 5 ? 
# 
_struct_ref.id                         1 
_struct_ref.db_name                    UNP 
_struct_ref.db_code                    MLP3B_HUMAN 
_struct_ref.pdbx_db_accession          Q9GZQ8 
_struct_ref.pdbx_db_isoform            ? 
_struct_ref.entity_id                  1 
_struct_ref.pdbx_seq_one_letter_code   
;MPSEKTFKQRRTFEQRVEDVRLIREQHPTKIPVIIERYKGEKQLPVLDKTKFLVPDHVNMSELIKIIRRRLQLNANQAFF
LLVNGHSMVSVSTPISEVYESEKDEDGFLYMVYASQETFG
;
_struct_ref.pdbx_align_begin           1 
# 
_struct_ref_seq.align_id                      1 
_struct_ref_seq.ref_id                        1 
_struct_ref_seq.pdbx_PDB_id_code              7GAK 
_struct_ref_seq.pdbx_strand_id                A 
_struct_ref_seq.seq_align_beg                 2 
_struct_ref_seq.pdbx_seq_align_beg_ins_code   ? 
_struct_ref_seq.seq_align_end                 121 
_struct_ref_seq.pdbx_seq_align_end_ins_code   ? 
_struct_ref_seq.pdbx_db_accession             Q9GZQ8 
_struct_ref_seq.db_align_beg                  1 
_struct_ref_seq.pdbx_db_align_beg_ins_code    ? 
_struct_ref_seq.db_align_end                  120 
_struct_ref_seq.pdbx_db_align_end_ins_code    ? 
_struct_ref_seq.pdbx_auth_seq_align_beg       1 
_struct_ref_seq.pdbx_auth_seq_align_end       120 
# 
_struct_ref_seq_dif.align_id                     1 
_struct_ref_seq_dif.pdbx_pdb_id_code             7GAK 
_struct_ref_seq_dif.mon_id                       SER 
_struct_ref_seq_dif.pdbx_pdb_strand_id           A 
_struct_ref_seq_dif.seq_num                      1 
_struct_ref_seq_dif.pdbx_pdb_ins_code            ? 
_struct_ref_seq_dif.pdbx_seq_db_name             UNP 
_struct_ref_seq_dif.pdbx_seq_db_accession_code   Q9GZQ8 
_struct_ref_seq_dif.db_mon_id                    ? 
_struct_ref_seq_dif.pdbx_seq_db_seq_num          ? 
_struct_ref_seq_dif.details                      'expression tag' 
_struct_ref_seq_dif.pdbx_auth_seq_num            0 
_struct_ref_seq_dif.pdbx_ordinal                 1 
# 
_pdbx_struct_assembly.id                   1 
_pdbx_struct_assembly.details              author_and_software_defined_assembly 
_pdbx_struct_assembly.method_details       PISA 
_pdbx_struct_assembly.oligomeric_details   monomeric 
_pdbx_struct_assembly.oligomeric_count     1 
# 
_pdbx_struct_assembly_gen.assembly_id       1 
_pdbx_struct_assembly_gen.oper_expression   1 
_pdbx_struct_assembly_gen.asym_id_list      A,B,C,D,E,F,G,H,I,J,K,L 
# 
_pdbx_struct_oper_list.id                   1 
_pdbx_struct_oper_list.type                 'identity operation' 
_pdbx_struct_oper_list.name                 1_555 
_pdbx_struct_oper_list.symmetry_operation   x,y,z 
_pdbx_struct_oper_list.matrix[1][1]         1.0000000000 
_pdbx_struct_oper_list.matrix[1][2]         0.0000000000 
_pdbx_struct_oper_list.matrix[1][3]         0.0000000000 
_pdbx_struct_oper_list.vector[1]            0.0000000000 
_pdbx_struct_oper_list.matrix[2][1]         0.0000000000 
_pdbx_struct_oper_list.matrix[2][2]         1.0000000000 
_pdbx_struct_oper_list.matrix[2][3]         0.0000000000 
_pdbx_struct_oper_list.vector[2]            0.0000000000 
_pdbx_struct_oper_list.matrix[3][1]         0.0000000000 
_pdbx_struct_oper_list.matrix[3][2]         0.0000000000 
_pdbx_struct_oper_list.matrix[3][3]         1.0000000000 
_pdbx_struct_oper_list.vector[3]            0.0000000000 
# 
loop_
_struct_conf.conf_type_id 
_struct_conf.id 
_struct_conf.pdbx_PDB_helix_id 
_struct_conf.beg_label_comp_id 
_struct_conf.beg_label_asym_id 
_struct_conf.beg_label_seq_id 
_struct_conf.pdbx_beg_PDB_ins_code 
_struct_conf.end_label_comp_id 
_struct_conf.end_label_asym_id 
_struct_conf.end_label_seq_id 
_struct_conf.pdbx_end_PDB_ins_code 
_struct_conf.beg_auth_comp_id 
_struct_conf.beg_auth_asym_id 
_struct_conf.beg_auth_seq_id 
_struct_conf.end_auth_comp_id 
_struct_conf.end_auth_asym_id 
_struct_conf.end_auth_seq_id 
_struct_conf.pdbx_PDB_helix_class 
_struct_conf.details 
_struct_conf.pdbx_PDB_helix_length 
HELX_P HELX_P1 AA1 THR A 7  ? ARG A 12  ? THR A 6  ARG A 11  1 ? 6  
HELX_P HELX_P2 AA2 THR A 13 ? HIS A 28  ? THR A 12 HIS A 27  1 ? 16 
HELX_P HELX_P3 AA3 ASN A 60 ? GLN A 73  ? ASN A 59 GLN A 72  1 ? 14 
HELX_P HELX_P4 AA4 PRO A 95 ? LYS A 104 ? PRO A 94 LYS A 103 1 ? 10 
# 
_struct_conf_type.id          HELX_P 
_struct_conf_type.criteria    ? 
_struct_conf_type.reference   ? 
# 
_struct_sheet.id               AA1 
_struct_sheet.type             ? 
_struct_sheet.number_strands   5 
_struct_sheet.details          ? 
# 
loop_
_struct_sheet_order.sheet_id 
_struct_sheet_order.range_id_1 
_struct_sheet_order.range_id_2 
_struct_sheet_order.offset 
_struct_sheet_order.sense 
AA1 1 2 ? anti-parallel 
AA1 2 3 ? parallel      
AA1 3 4 ? anti-parallel 
AA1 4 5 ? anti-parallel 
# 
loop_
_struct_sheet_range.sheet_id 
_struct_sheet_range.id 
_struct_sheet_range.beg_label_comp_id 
_struct_sheet_range.beg_label_asym_id 
_struct_sheet_range.beg_label_seq_id 
_struct_sheet_range.pdbx_beg_PDB_ins_code 
_struct_sheet_range.end_label_comp_id 
_struct_sheet_range.end_label_asym_id 
_struct_sheet_range.end_label_seq_id 
_struct_sheet_range.pdbx_end_PDB_ins_code 
_struct_sheet_range.beg_auth_comp_id 
_struct_sheet_range.beg_auth_asym_id 
_struct_sheet_range.beg_auth_seq_id 
_struct_sheet_range.end_auth_comp_id 
_struct_sheet_range.end_auth_asym_id 
_struct_sheet_range.end_auth_seq_id 
AA1 1 LYS A 52  ? PRO A 56  ? LYS A 51  PRO A 55  
AA1 2 LYS A 31  ? ARG A 38  ? LYS A 30  ARG A 37  
AA1 3 LEU A 110 ? ALA A 115 ? LEU A 109 ALA A 114 
AA1 4 PHE A 81  ? VAL A 84  ? PHE A 80  VAL A 83  
AA1 5 HIS A 87  ? SER A 88  ? HIS A 86  SER A 87  
# 
loop_
_pdbx_struct_sheet_hbond.sheet_id 
_pdbx_struct_sheet_hbond.range_id_1 
_pdbx_struct_sheet_hbond.range_id_2 
_pdbx_struct_sheet_hbond.range_1_label_atom_id 
_pdbx_struct_sheet_hbond.range_1_label_comp_id 
_pdbx_struct_sheet_hbond.range_1_label_asym_id 
_pdbx_struct_sheet_hbond.range_1_label_seq_id 
_pdbx_struct_sheet_hbond.range_1_PDB_ins_code 
_pdbx_struct_sheet_hbond.range_1_auth_atom_id 
_pdbx_struct_sheet_hbond.range_1_auth_comp_id 
_pdbx_struct_sheet_hbond.range_1_auth_asym_id 
_pdbx_struct_sheet_hbond.range_1_auth_seq_id 
_pdbx_struct_sheet_hbond.range_2_label_atom_id 
_pdbx_struct_sheet_hbond.range_2_label_comp_id 
_pdbx_struct_sheet_hbond.range_2_label_asym_id 
_pdbx_struct_sheet_hbond.range_2_label_seq_id 
_pdbx_struct_sheet_hbond.range_2_PDB_ins_code 
_pdbx_struct_sheet_hbond.range_2_auth_atom_id 
_pdbx_struct_sheet_hbond.range_2_auth_comp_id 
_pdbx_struct_sheet_hbond.range_2_auth_asym_id 
_pdbx_struct_sheet_hbond.range_2_auth_seq_id 
AA1 1 2 O PHE A 53  ? O PHE A 52  N VAL A 34  ? N VAL A 33  
AA1 2 3 N ILE A 35  ? N ILE A 34  O LEU A 110 ? O LEU A 109 
AA1 3 4 O VAL A 113 ? O VAL A 112 N LEU A 83  ? N LEU A 82  
AA1 4 5 N VAL A 84  ? N VAL A 83  O HIS A 87  ? O HIS A 86  
# 
_pdbx_entry_details.entry_id                   7GAK 
_pdbx_entry_details.compound_details           ? 
_pdbx_entry_details.source_details             ? 
_pdbx_entry_details.nonpolymer_details         ? 
_pdbx_entry_details.sequence_details           ? 
_pdbx_entry_details.has_ligand_of_interest     Y 
_pdbx_entry_details.has_protein_modification   ? 
# 
loop_
_pdbx_validate_close_contact.id 
_pdbx_validate_close_contact.PDB_model_num 
_pdbx_validate_close_contact.auth_atom_id_1 
_pdbx_validate_close_contact.auth_asym_id_1 
_pdbx_validate_close_contact.auth_comp_id_1 
_pdbx_validate_close_contact.auth_seq_id_1 
_pdbx_validate_close_contact.PDB_ins_code_1 
_pdbx_validate_close_contact.label_alt_id_1 
_pdbx_validate_close_contact.auth_atom_id_2 
_pdbx_validate_close_contact.auth_asym_id_2 
_pdbx_validate_close_contact.auth_comp_id_2 
_pdbx_validate_close_contact.auth_seq_id_2 
_pdbx_validate_close_contact.PDB_ins_code_2 
_pdbx_validate_close_contact.label_alt_id_2 
_pdbx_validate_close_contact.dist 
1 1 O   A HOH 376 ? ? O A HOH 383 ? ? 1.55 
2 1 O   A HOH 327 ? ? O A HOH 375 ? ? 1.85 
3 1 O   A HOH 335 ? ? O A HOH 372 ? ? 1.86 
4 1 O   A HOH 330 ? ? O A HOH 377 ? ? 1.89 
5 1 OG1 A THR 6   ? ? O A HOH 301 ? ? 1.99 
6 1 O   A HOH 348 ? ? O A HOH 359 ? ? 2.10 
7 1 O1  A EDO 204 ? ? O A HOH 302 ? ? 2.16 
8 1 O   A HOH 366 ? ? O A HOH 379 ? ? 2.16 
9 1 O   A HOH 344 ? ? O A HOH 355 ? ? 2.17 
# 
_pdbx_validate_symm_contact.id                1 
_pdbx_validate_symm_contact.PDB_model_num     1 
_pdbx_validate_symm_contact.auth_atom_id_1    O 
_pdbx_validate_symm_contact.auth_asym_id_1    A 
_pdbx_validate_symm_contact.auth_comp_id_1    HOH 
_pdbx_validate_symm_contact.auth_seq_id_1     354 
_pdbx_validate_symm_contact.PDB_ins_code_1    ? 
_pdbx_validate_symm_contact.label_alt_id_1    ? 
_pdbx_validate_symm_contact.site_symmetry_1   1_555 
_pdbx_validate_symm_contact.auth_atom_id_2    O 
_pdbx_validate_symm_contact.auth_asym_id_2    A 
_pdbx_validate_symm_contact.auth_comp_id_2    HOH 
_pdbx_validate_symm_contact.auth_seq_id_2     384 
_pdbx_validate_symm_contact.PDB_ins_code_2    ? 
_pdbx_validate_symm_contact.label_alt_id_2    ? 
_pdbx_validate_symm_contact.site_symmetry_2   1_554 
_pdbx_validate_symm_contact.dist              1.91 
# 
_phasing.method   MR 
# 
loop_
_pdbx_unobs_or_zero_occ_residues.id 
_pdbx_unobs_or_zero_occ_residues.PDB_model_num 
_pdbx_unobs_or_zero_occ_residues.polymer_flag 
_pdbx_unobs_or_zero_occ_residues.occupancy_flag 
_pdbx_unobs_or_zero_occ_residues.auth_asym_id 
_pdbx_unobs_or_zero_occ_residues.auth_comp_id 
_pdbx_unobs_or_zero_occ_residues.auth_seq_id 
_pdbx_unobs_or_zero_occ_residues.PDB_ins_code 
_pdbx_unobs_or_zero_occ_residues.label_asym_id 
_pdbx_unobs_or_zero_occ_residues.label_comp_id 
_pdbx_unobs_or_zero_occ_residues.label_seq_id 
1 1 Y 1 A SER 0   ? A SER 1   
2 1 Y 1 A MET 1   ? A MET 2   
3 1 Y 1 A PRO 2   ? A PRO 3   
4 1 Y 1 A SER 3   ? A SER 4   
5 1 Y 1 A GLU 4   ? A GLU 5   
6 1 Y 1 A GLY 120 ? A GLY 121 
# 
loop_
_chem_comp_atom.comp_id 
_chem_comp_atom.atom_id 
_chem_comp_atom.type_symbol 
_chem_comp_atom.pdbx_aromatic_flag 
_chem_comp_atom.pdbx_stereo_config 
_chem_comp_atom.pdbx_ordinal 
ALA N    N  N N 1   
ALA CA   C  N S 2   
ALA C    C  N N 3   
ALA O    O  N N 4   
ALA CB   C  N N 5   
ALA OXT  O  N N 6   
ALA H    H  N N 7   
ALA H2   H  N N 8   
ALA HA   H  N N 9   
ALA HB1  H  N N 10  
ALA HB2  H  N N 11  
ALA HB3  H  N N 12  
ALA HXT  H  N N 13  
ARG N    N  N N 14  
ARG CA   C  N S 15  
ARG C    C  N N 16  
ARG O    O  N N 17  
ARG CB   C  N N 18  
ARG CG   C  N N 19  
ARG CD   C  N N 20  
ARG NE   N  N N 21  
ARG CZ   C  N N 22  
ARG NH1  N  N N 23  
ARG NH2  N  N N 24  
ARG OXT  O  N N 25  
ARG H    H  N N 26  
ARG H2   H  N N 27  
ARG HA   H  N N 28  
ARG HB2  H  N N 29  
ARG HB3  H  N N 30  
ARG HG2  H  N N 31  
ARG HG3  H  N N 32  
ARG HD2  H  N N 33  
ARG HD3  H  N N 34  
ARG HE   H  N N 35  
ARG HH11 H  N N 36  
ARG HH12 H  N N 37  
ARG HH21 H  N N 38  
ARG HH22 H  N N 39  
ARG HXT  H  N N 40  
ASN N    N  N N 41  
ASN CA   C  N S 42  
ASN C    C  N N 43  
ASN O    O  N N 44  
ASN CB   C  N N 45  
ASN CG   C  N N 46  
ASN OD1  O  N N 47  
ASN ND2  N  N N 48  
ASN OXT  O  N N 49  
ASN H    H  N N 50  
ASN H2   H  N N 51  
ASN HA   H  N N 52  
ASN HB2  H  N N 53  
ASN HB3  H  N N 54  
ASN HD21 H  N N 55  
ASN HD22 H  N N 56  
ASN HXT  H  N N 57  
ASP N    N  N N 58  
ASP CA   C  N S 59  
ASP C    C  N N 60  
ASP O    O  N N 61  
ASP CB   C  N N 62  
ASP CG   C  N N 63  
ASP OD1  O  N N 64  
ASP OD2  O  N N 65  
ASP OXT  O  N N 66  
ASP H    H  N N 67  
ASP H2   H  N N 68  
ASP HA   H  N N 69  
ASP HB2  H  N N 70  
ASP HB3  H  N N 71  
ASP HD2  H  N N 72  
ASP HXT  H  N N 73  
CL  CL   CL N N 74  
EDO C1   C  N N 75  
EDO O1   O  N N 76  
EDO C2   C  N N 77  
EDO O2   O  N N 78  
EDO H11  H  N N 79  
EDO H12  H  N N 80  
EDO HO1  H  N N 81  
EDO H21  H  N N 82  
EDO H22  H  N N 83  
EDO HO2  H  N N 84  
GLN N    N  N N 85  
GLN CA   C  N S 86  
GLN C    C  N N 87  
GLN O    O  N N 88  
GLN CB   C  N N 89  
GLN CG   C  N N 90  
GLN CD   C  N N 91  
GLN OE1  O  N N 92  
GLN NE2  N  N N 93  
GLN OXT  O  N N 94  
GLN H    H  N N 95  
GLN H2   H  N N 96  
GLN HA   H  N N 97  
GLN HB2  H  N N 98  
GLN HB3  H  N N 99  
GLN HG2  H  N N 100 
GLN HG3  H  N N 101 
GLN HE21 H  N N 102 
GLN HE22 H  N N 103 
GLN HXT  H  N N 104 
GLU N    N  N N 105 
GLU CA   C  N S 106 
GLU C    C  N N 107 
GLU O    O  N N 108 
GLU CB   C  N N 109 
GLU CG   C  N N 110 
GLU CD   C  N N 111 
GLU OE1  O  N N 112 
GLU OE2  O  N N 113 
GLU OXT  O  N N 114 
GLU H    H  N N 115 
GLU H2   H  N N 116 
GLU HA   H  N N 117 
GLU HB2  H  N N 118 
GLU HB3  H  N N 119 
GLU HG2  H  N N 120 
GLU HG3  H  N N 121 
GLU HE2  H  N N 122 
GLU HXT  H  N N 123 
GLY N    N  N N 124 
GLY CA   C  N N 125 
GLY C    C  N N 126 
GLY O    O  N N 127 
GLY OXT  O  N N 128 
GLY H    H  N N 129 
GLY H2   H  N N 130 
GLY HA2  H  N N 131 
GLY HA3  H  N N 132 
GLY HXT  H  N N 133 
HIS N    N  N N 134 
HIS CA   C  N S 135 
HIS C    C  N N 136 
HIS O    O  N N 137 
HIS CB   C  N N 138 
HIS CG   C  Y N 139 
HIS ND1  N  Y N 140 
HIS CD2  C  Y N 141 
HIS CE1  C  Y N 142 
HIS NE2  N  Y N 143 
HIS OXT  O  N N 144 
HIS H    H  N N 145 
HIS H2   H  N N 146 
HIS HA   H  N N 147 
HIS HB2  H  N N 148 
HIS HB3  H  N N 149 
HIS HD1  H  N N 150 
HIS HD2  H  N N 151 
HIS HE1  H  N N 152 
HIS HE2  H  N N 153 
HIS HXT  H  N N 154 
HOH O    O  N N 155 
HOH H1   H  N N 156 
HOH H2   H  N N 157 
ILE N    N  N N 158 
ILE CA   C  N S 159 
ILE C    C  N N 160 
ILE O    O  N N 161 
ILE CB   C  N S 162 
ILE CG1  C  N N 163 
ILE CG2  C  N N 164 
ILE CD1  C  N N 165 
ILE OXT  O  N N 166 
ILE H    H  N N 167 
ILE H2   H  N N 168 
ILE HA   H  N N 169 
ILE HB   H  N N 170 
ILE HG12 H  N N 171 
ILE HG13 H  N N 172 
ILE HG21 H  N N 173 
ILE HG22 H  N N 174 
ILE HG23 H  N N 175 
ILE HD11 H  N N 176 
ILE HD12 H  N N 177 
ILE HD13 H  N N 178 
ILE HXT  H  N N 179 
KA3 N1   N  N N 180 
KA3 C4   C  N N 181 
KA3 C5   C  N N 182 
KA3 C6   C  N N 183 
KA3 C7   C  N N 184 
KA3 C8   C  N N 185 
KA3 C10  C  N N 186 
KA3 C1   C  N N 187 
KA3 C11  C  N N 188 
KA3 C2   C  N N 189 
KA3 C3   C  N N 190 
KA3 C9   C  N N 191 
KA3 N2   N  N N 192 
KA3 O1   O  N N 193 
KA3 O2   O  N N 194 
KA3 H7   H  N N 195 
KA3 H8   H  N N 196 
KA3 H9   H  N N 197 
KA3 H10  H  N N 198 
KA3 H11  H  N N 199 
KA3 H12  H  N N 200 
KA3 H15  H  N N 201 
KA3 H14  H  N N 202 
KA3 H18  H  N N 203 
KA3 H17  H  N N 204 
KA3 H2   H  N N 205 
KA3 H1   H  N N 206 
KA3 H3   H  N N 207 
KA3 H20  H  N N 208 
KA3 H19  H  N N 209 
KA3 H4   H  N N 210 
KA3 H6   H  N N 211 
KA3 H5   H  N N 212 
KA3 H16  H  N N 213 
KA3 H13  H  N N 214 
LEU N    N  N N 215 
LEU CA   C  N S 216 
LEU C    C  N N 217 
LEU O    O  N N 218 
LEU CB   C  N N 219 
LEU CG   C  N N 220 
LEU CD1  C  N N 221 
LEU CD2  C  N N 222 
LEU OXT  O  N N 223 
LEU H    H  N N 224 
LEU H2   H  N N 225 
LEU HA   H  N N 226 
LEU HB2  H  N N 227 
LEU HB3  H  N N 228 
LEU HG   H  N N 229 
LEU HD11 H  N N 230 
LEU HD12 H  N N 231 
LEU HD13 H  N N 232 
LEU HD21 H  N N 233 
LEU HD22 H  N N 234 
LEU HD23 H  N N 235 
LEU HXT  H  N N 236 
LYS N    N  N N 237 
LYS CA   C  N S 238 
LYS C    C  N N 239 
LYS O    O  N N 240 
LYS CB   C  N N 241 
LYS CG   C  N N 242 
LYS CD   C  N N 243 
LYS CE   C  N N 244 
LYS NZ   N  N N 245 
LYS OXT  O  N N 246 
LYS H    H  N N 247 
LYS H2   H  N N 248 
LYS HA   H  N N 249 
LYS HB2  H  N N 250 
LYS HB3  H  N N 251 
LYS HG2  H  N N 252 
LYS HG3  H  N N 253 
LYS HD2  H  N N 254 
LYS HD3  H  N N 255 
LYS HE2  H  N N 256 
LYS HE3  H  N N 257 
LYS HZ1  H  N N 258 
LYS HZ2  H  N N 259 
LYS HZ3  H  N N 260 
LYS HXT  H  N N 261 
MET N    N  N N 262 
MET CA   C  N S 263 
MET C    C  N N 264 
MET O    O  N N 265 
MET CB   C  N N 266 
MET CG   C  N N 267 
MET SD   S  N N 268 
MET CE   C  N N 269 
MET OXT  O  N N 270 
MET H    H  N N 271 
MET H2   H  N N 272 
MET HA   H  N N 273 
MET HB2  H  N N 274 
MET HB3  H  N N 275 
MET HG2  H  N N 276 
MET HG3  H  N N 277 
MET HE1  H  N N 278 
MET HE2  H  N N 279 
MET HE3  H  N N 280 
MET HXT  H  N N 281 
PHE N    N  N N 282 
PHE CA   C  N S 283 
PHE C    C  N N 284 
PHE O    O  N N 285 
PHE CB   C  N N 286 
PHE CG   C  Y N 287 
PHE CD1  C  Y N 288 
PHE CD2  C  Y N 289 
PHE CE1  C  Y N 290 
PHE CE2  C  Y N 291 
PHE CZ   C  Y N 292 
PHE OXT  O  N N 293 
PHE H    H  N N 294 
PHE H2   H  N N 295 
PHE HA   H  N N 296 
PHE HB2  H  N N 297 
PHE HB3  H  N N 298 
PHE HD1  H  N N 299 
PHE HD2  H  N N 300 
PHE HE1  H  N N 301 
PHE HE2  H  N N 302 
PHE HZ   H  N N 303 
PHE HXT  H  N N 304 
PRO N    N  N N 305 
PRO CA   C  N S 306 
PRO C    C  N N 307 
PRO O    O  N N 308 
PRO CB   C  N N 309 
PRO CG   C  N N 310 
PRO CD   C  N N 311 
PRO OXT  O  N N 312 
PRO H    H  N N 313 
PRO HA   H  N N 314 
PRO HB2  H  N N 315 
PRO HB3  H  N N 316 
PRO HG2  H  N N 317 
PRO HG3  H  N N 318 
PRO HD2  H  N N 319 
PRO HD3  H  N N 320 
PRO HXT  H  N N 321 
SER N    N  N N 322 
SER CA   C  N S 323 
SER C    C  N N 324 
SER O    O  N N 325 
SER CB   C  N N 326 
SER OG   O  N N 327 
SER OXT  O  N N 328 
SER H    H  N N 329 
SER H2   H  N N 330 
SER HA   H  N N 331 
SER HB2  H  N N 332 
SER HB3  H  N N 333 
SER HG   H  N N 334 
SER HXT  H  N N 335 
THR N    N  N N 336 
THR CA   C  N S 337 
THR C    C  N N 338 
THR O    O  N N 339 
THR CB   C  N R 340 
THR OG1  O  N N 341 
THR CG2  C  N N 342 
THR OXT  O  N N 343 
THR H    H  N N 344 
THR H2   H  N N 345 
THR HA   H  N N 346 
THR HB   H  N N 347 
THR HG1  H  N N 348 
THR HG21 H  N N 349 
THR HG22 H  N N 350 
THR HG23 H  N N 351 
THR HXT  H  N N 352 
TYR N    N  N N 353 
TYR CA   C  N S 354 
TYR C    C  N N 355 
TYR O    O  N N 356 
TYR CB   C  N N 357 
TYR CG   C  Y N 358 
TYR CD1  C  Y N 359 
TYR CD2  C  Y N 360 
TYR CE1  C  Y N 361 
TYR CE2  C  Y N 362 
TYR CZ   C  Y N 363 
TYR OH   O  N N 364 
TYR OXT  O  N N 365 
TYR H    H  N N 366 
TYR H2   H  N N 367 
TYR HA   H  N N 368 
TYR HB2  H  N N 369 
TYR HB3  H  N N 370 
TYR HD1  H  N N 371 
TYR HD2  H  N N 372 
TYR HE1  H  N N 373 
TYR HE2  H  N N 374 
TYR HH   H  N N 375 
TYR HXT  H  N N 376 
VAL N    N  N N 377 
VAL CA   C  N S 378 
VAL C    C  N N 379 
VAL O    O  N N 380 
VAL CB   C  N N 381 
VAL CG1  C  N N 382 
VAL CG2  C  N N 383 
VAL OXT  O  N N 384 
VAL H    H  N N 385 
VAL H2   H  N N 386 
VAL HA   H  N N 387 
VAL HB   H  N N 388 
VAL HG11 H  N N 389 
VAL HG12 H  N N 390 
VAL HG13 H  N N 391 
VAL HG21 H  N N 392 
VAL HG22 H  N N 393 
VAL HG23 H  N N 394 
VAL HXT  H  N N 395 
# 
loop_
_chem_comp_bond.comp_id 
_chem_comp_bond.atom_id_1 
_chem_comp_bond.atom_id_2 
_chem_comp_bond.value_order 
_chem_comp_bond.pdbx_aromatic_flag 
_chem_comp_bond.pdbx_stereo_config 
_chem_comp_bond.pdbx_ordinal 
ALA N   CA   sing N N 1   
ALA N   H    sing N N 2   
ALA N   H2   sing N N 3   
ALA CA  C    sing N N 4   
ALA CA  CB   sing N N 5   
ALA CA  HA   sing N N 6   
ALA C   O    doub N N 7   
ALA C   OXT  sing N N 8   
ALA CB  HB1  sing N N 9   
ALA CB  HB2  sing N N 10  
ALA CB  HB3  sing N N 11  
ALA OXT HXT  sing N N 12  
ARG N   CA   sing N N 13  
ARG N   H    sing N N 14  
ARG N   H2   sing N N 15  
ARG CA  C    sing N N 16  
ARG CA  CB   sing N N 17  
ARG CA  HA   sing N N 18  
ARG C   O    doub N N 19  
ARG C   OXT  sing N N 20  
ARG CB  CG   sing N N 21  
ARG CB  HB2  sing N N 22  
ARG CB  HB3  sing N N 23  
ARG CG  CD   sing N N 24  
ARG CG  HG2  sing N N 25  
ARG CG  HG3  sing N N 26  
ARG CD  NE   sing N N 27  
ARG CD  HD2  sing N N 28  
ARG CD  HD3  sing N N 29  
ARG NE  CZ   sing N N 30  
ARG NE  HE   sing N N 31  
ARG CZ  NH1  sing N N 32  
ARG CZ  NH2  doub N N 33  
ARG NH1 HH11 sing N N 34  
ARG NH1 HH12 sing N N 35  
ARG NH2 HH21 sing N N 36  
ARG NH2 HH22 sing N N 37  
ARG OXT HXT  sing N N 38  
ASN N   CA   sing N N 39  
ASN N   H    sing N N 40  
ASN N   H2   sing N N 41  
ASN CA  C    sing N N 42  
ASN CA  CB   sing N N 43  
ASN CA  HA   sing N N 44  
ASN C   O    doub N N 45  
ASN C   OXT  sing N N 46  
ASN CB  CG   sing N N 47  
ASN CB  HB2  sing N N 48  
ASN CB  HB3  sing N N 49  
ASN CG  OD1  doub N N 50  
ASN CG  ND2  sing N N 51  
ASN ND2 HD21 sing N N 52  
ASN ND2 HD22 sing N N 53  
ASN OXT HXT  sing N N 54  
ASP N   CA   sing N N 55  
ASP N   H    sing N N 56  
ASP N   H2   sing N N 57  
ASP CA  C    sing N N 58  
ASP CA  CB   sing N N 59  
ASP CA  HA   sing N N 60  
ASP C   O    doub N N 61  
ASP C   OXT  sing N N 62  
ASP CB  CG   sing N N 63  
ASP CB  HB2  sing N N 64  
ASP CB  HB3  sing N N 65  
ASP CG  OD1  doub N N 66  
ASP CG  OD2  sing N N 67  
ASP OD2 HD2  sing N N 68  
ASP OXT HXT  sing N N 69  
EDO C1  O1   sing N N 70  
EDO C1  C2   sing N N 71  
EDO C1  H11  sing N N 72  
EDO C1  H12  sing N N 73  
EDO O1  HO1  sing N N 74  
EDO C2  O2   sing N N 75  
EDO C2  H21  sing N N 76  
EDO C2  H22  sing N N 77  
EDO O2  HO2  sing N N 78  
GLN N   CA   sing N N 79  
GLN N   H    sing N N 80  
GLN N   H2   sing N N 81  
GLN CA  C    sing N N 82  
GLN CA  CB   sing N N 83  
GLN CA  HA   sing N N 84  
GLN C   O    doub N N 85  
GLN C   OXT  sing N N 86  
GLN CB  CG   sing N N 87  
GLN CB  HB2  sing N N 88  
GLN CB  HB3  sing N N 89  
GLN CG  CD   sing N N 90  
GLN CG  HG2  sing N N 91  
GLN CG  HG3  sing N N 92  
GLN CD  OE1  doub N N 93  
GLN CD  NE2  sing N N 94  
GLN NE2 HE21 sing N N 95  
GLN NE2 HE22 sing N N 96  
GLN OXT HXT  sing N N 97  
GLU N   CA   sing N N 98  
GLU N   H    sing N N 99  
GLU N   H2   sing N N 100 
GLU CA  C    sing N N 101 
GLU CA  CB   sing N N 102 
GLU CA  HA   sing N N 103 
GLU C   O    doub N N 104 
GLU C   OXT  sing N N 105 
GLU CB  CG   sing N N 106 
GLU CB  HB2  sing N N 107 
GLU CB  HB3  sing N N 108 
GLU CG  CD   sing N N 109 
GLU CG  HG2  sing N N 110 
GLU CG  HG3  sing N N 111 
GLU CD  OE1  doub N N 112 
GLU CD  OE2  sing N N 113 
GLU OE2 HE2  sing N N 114 
GLU OXT HXT  sing N N 115 
GLY N   CA   sing N N 116 
GLY N   H    sing N N 117 
GLY N   H2   sing N N 118 
GLY CA  C    sing N N 119 
GLY CA  HA2  sing N N 120 
GLY CA  HA3  sing N N 121 
GLY C   O    doub N N 122 
GLY C   OXT  sing N N 123 
GLY OXT HXT  sing N N 124 
HIS N   CA   sing N N 125 
HIS N   H    sing N N 126 
HIS N   H2   sing N N 127 
HIS CA  C    sing N N 128 
HIS CA  CB   sing N N 129 
HIS CA  HA   sing N N 130 
HIS C   O    doub N N 131 
HIS C   OXT  sing N N 132 
HIS CB  CG   sing N N 133 
HIS CB  HB2  sing N N 134 
HIS CB  HB3  sing N N 135 
HIS CG  ND1  sing Y N 136 
HIS CG  CD2  doub Y N 137 
HIS ND1 CE1  doub Y N 138 
HIS ND1 HD1  sing N N 139 
HIS CD2 NE2  sing Y N 140 
HIS CD2 HD2  sing N N 141 
HIS CE1 NE2  sing Y N 142 
HIS CE1 HE1  sing N N 143 
HIS NE2 HE2  sing N N 144 
HIS OXT HXT  sing N N 145 
HOH O   H1   sing N N 146 
HOH O   H2   sing N N 147 
ILE N   CA   sing N N 148 
ILE N   H    sing N N 149 
ILE N   H2   sing N N 150 
ILE CA  C    sing N N 151 
ILE CA  CB   sing N N 152 
ILE CA  HA   sing N N 153 
ILE C   O    doub N N 154 
ILE C   OXT  sing N N 155 
ILE CB  CG1  sing N N 156 
ILE CB  CG2  sing N N 157 
ILE CB  HB   sing N N 158 
ILE CG1 CD1  sing N N 159 
ILE CG1 HG12 sing N N 160 
ILE CG1 HG13 sing N N 161 
ILE CG2 HG21 sing N N 162 
ILE CG2 HG22 sing N N 163 
ILE CG2 HG23 sing N N 164 
ILE CD1 HD11 sing N N 165 
ILE CD1 HD12 sing N N 166 
ILE CD1 HD13 sing N N 167 
ILE OXT HXT  sing N N 168 
KA3 C1  O1   sing N N 169 
KA3 O1  C2   sing N N 170 
KA3 C2  C3   sing N N 171 
KA3 C3  C4   sing N N 172 
KA3 C4  N1   sing N N 173 
KA3 N1  C5   sing N N 174 
KA3 C5  C6   sing N N 175 
KA3 N1  C7   sing N N 176 
KA3 C7  O2   doub N N 177 
KA3 C7  N2   sing N N 178 
KA3 N2  C8   sing N N 179 
KA3 C8  C9   sing N N 180 
KA3 C9  C10  sing N N 181 
KA3 C10 C11  sing N N 182 
KA3 C2  C6   sing N N 183 
KA3 C9  C11  sing N N 184 
KA3 C4  H7   sing N N 185 
KA3 C4  H8   sing N N 186 
KA3 C5  H9   sing N N 187 
KA3 C5  H10  sing N N 188 
KA3 C6  H11  sing N N 189 
KA3 C6  H12  sing N N 190 
KA3 C8  H15  sing N N 191 
KA3 C8  H14  sing N N 192 
KA3 C10 H18  sing N N 193 
KA3 C10 H17  sing N N 194 
KA3 C1  H2   sing N N 195 
KA3 C1  H1   sing N N 196 
KA3 C1  H3   sing N N 197 
KA3 C11 H20  sing N N 198 
KA3 C11 H19  sing N N 199 
KA3 C2  H4   sing N N 200 
KA3 C3  H6   sing N N 201 
KA3 C3  H5   sing N N 202 
KA3 C9  H16  sing N N 203 
KA3 N2  H13  sing N N 204 
LEU N   CA   sing N N 205 
LEU N   H    sing N N 206 
LEU N   H2   sing N N 207 
LEU CA  C    sing N N 208 
LEU CA  CB   sing N N 209 
LEU CA  HA   sing N N 210 
LEU C   O    doub N N 211 
LEU C   OXT  sing N N 212 
LEU CB  CG   sing N N 213 
LEU CB  HB2  sing N N 214 
LEU CB  HB3  sing N N 215 
LEU CG  CD1  sing N N 216 
LEU CG  CD2  sing N N 217 
LEU CG  HG   sing N N 218 
LEU CD1 HD11 sing N N 219 
LEU CD1 HD12 sing N N 220 
LEU CD1 HD13 sing N N 221 
LEU CD2 HD21 sing N N 222 
LEU CD2 HD22 sing N N 223 
LEU CD2 HD23 sing N N 224 
LEU OXT HXT  sing N N 225 
LYS N   CA   sing N N 226 
LYS N   H    sing N N 227 
LYS N   H2   sing N N 228 
LYS CA  C    sing N N 229 
LYS CA  CB   sing N N 230 
LYS CA  HA   sing N N 231 
LYS C   O    doub N N 232 
LYS C   OXT  sing N N 233 
LYS CB  CG   sing N N 234 
LYS CB  HB2  sing N N 235 
LYS CB  HB3  sing N N 236 
LYS CG  CD   sing N N 237 
LYS CG  HG2  sing N N 238 
LYS CG  HG3  sing N N 239 
LYS CD  CE   sing N N 240 
LYS CD  HD2  sing N N 241 
LYS CD  HD3  sing N N 242 
LYS CE  NZ   sing N N 243 
LYS CE  HE2  sing N N 244 
LYS CE  HE3  sing N N 245 
LYS NZ  HZ1  sing N N 246 
LYS NZ  HZ2  sing N N 247 
LYS NZ  HZ3  sing N N 248 
LYS OXT HXT  sing N N 249 
MET N   CA   sing N N 250 
MET N   H    sing N N 251 
MET N   H2   sing N N 252 
MET CA  C    sing N N 253 
MET CA  CB   sing N N 254 
MET CA  HA   sing N N 255 
MET C   O    doub N N 256 
MET C   OXT  sing N N 257 
MET CB  CG   sing N N 258 
MET CB  HB2  sing N N 259 
MET CB  HB3  sing N N 260 
MET CG  SD   sing N N 261 
MET CG  HG2  sing N N 262 
MET CG  HG3  sing N N 263 
MET SD  CE   sing N N 264 
MET CE  HE1  sing N N 265 
MET CE  HE2  sing N N 266 
MET CE  HE3  sing N N 267 
MET OXT HXT  sing N N 268 
PHE N   CA   sing N N 269 
PHE N   H    sing N N 270 
PHE N   H2   sing N N 271 
PHE CA  C    sing N N 272 
PHE CA  CB   sing N N 273 
PHE CA  HA   sing N N 274 
PHE C   O    doub N N 275 
PHE C   OXT  sing N N 276 
PHE CB  CG   sing N N 277 
PHE CB  HB2  sing N N 278 
PHE CB  HB3  sing N N 279 
PHE CG  CD1  doub Y N 280 
PHE CG  CD2  sing Y N 281 
PHE CD1 CE1  sing Y N 282 
PHE CD1 HD1  sing N N 283 
PHE CD2 CE2  doub Y N 284 
PHE CD2 HD2  sing N N 285 
PHE CE1 CZ   doub Y N 286 
PHE CE1 HE1  sing N N 287 
PHE CE2 CZ   sing Y N 288 
PHE CE2 HE2  sing N N 289 
PHE CZ  HZ   sing N N 290 
PHE OXT HXT  sing N N 291 
PRO N   CA   sing N N 292 
PRO N   CD   sing N N 293 
PRO N   H    sing N N 294 
PRO CA  C    sing N N 295 
PRO CA  CB   sing N N 296 
PRO CA  HA   sing N N 297 
PRO C   O    doub N N 298 
PRO C   OXT  sing N N 299 
PRO CB  CG   sing N N 300 
PRO CB  HB2  sing N N 301 
PRO CB  HB3  sing N N 302 
PRO CG  CD   sing N N 303 
PRO CG  HG2  sing N N 304 
PRO CG  HG3  sing N N 305 
PRO CD  HD2  sing N N 306 
PRO CD  HD3  sing N N 307 
PRO OXT HXT  sing N N 308 
SER N   CA   sing N N 309 
SER N   H    sing N N 310 
SER N   H2   sing N N 311 
SER CA  C    sing N N 312 
SER CA  CB   sing N N 313 
SER CA  HA   sing N N 314 
SER C   O    doub N N 315 
SER C   OXT  sing N N 316 
SER CB  OG   sing N N 317 
SER CB  HB2  sing N N 318 
SER CB  HB3  sing N N 319 
SER OG  HG   sing N N 320 
SER OXT HXT  sing N N 321 
THR N   CA   sing N N 322 
THR N   H    sing N N 323 
THR N   H2   sing N N 324 
THR CA  C    sing N N 325 
THR CA  CB   sing N N 326 
THR CA  HA   sing N N 327 
THR C   O    doub N N 328 
THR C   OXT  sing N N 329 
THR CB  OG1  sing N N 330 
THR CB  CG2  sing N N 331 
THR CB  HB   sing N N 332 
THR OG1 HG1  sing N N 333 
THR CG2 HG21 sing N N 334 
THR CG2 HG22 sing N N 335 
THR CG2 HG23 sing N N 336 
THR OXT HXT  sing N N 337 
TYR N   CA   sing N N 338 
TYR N   H    sing N N 339 
TYR N   H2   sing N N 340 
TYR CA  C    sing N N 341 
TYR CA  CB   sing N N 342 
TYR CA  HA   sing N N 343 
TYR C   O    doub N N 344 
TYR C   OXT  sing N N 345 
TYR CB  CG   sing N N 346 
TYR CB  HB2  sing N N 347 
TYR CB  HB3  sing N N 348 
TYR CG  CD1  doub Y N 349 
TYR CG  CD2  sing Y N 350 
TYR CD1 CE1  sing Y N 351 
TYR CD1 HD1  sing N N 352 
TYR CD2 CE2  doub Y N 353 
TYR CD2 HD2  sing N N 354 
TYR CE1 CZ   doub Y N 355 
TYR CE1 HE1  sing N N 356 
TYR CE2 CZ   sing Y N 357 
TYR CE2 HE2  sing N N 358 
TYR CZ  OH   sing N N 359 
TYR OH  HH   sing N N 360 
TYR OXT HXT  sing N N 361 
VAL N   CA   sing N N 362 
VAL N   H    sing N N 363 
VAL N   H2   sing N N 364 
VAL CA  C    sing N N 365 
VAL CA  CB   sing N N 366 
VAL CA  HA   sing N N 367 
VAL C   O    doub N N 368 
VAL C   OXT  sing N N 369 
VAL CB  CG1  sing N N 370 
VAL CB  CG2  sing N N 371 
VAL CB  HB   sing N N 372 
VAL CG1 HG11 sing N N 373 
VAL CG1 HG12 sing N N 374 
VAL CG1 HG13 sing N N 375 
VAL CG2 HG21 sing N N 376 
VAL CG2 HG22 sing N N 377 
VAL CG2 HG23 sing N N 378 
VAL OXT HXT  sing N N 379 
# 
_pdbx_audit_support.ordinal                1 
_pdbx_audit_support.funding_organization   'European Union (EU)' 
_pdbx_audit_support.grant_number           875510 
_pdbx_audit_support.country                'European Union' 
# 
_pdbx_deposit_group.group_id            G_1002273 
_pdbx_deposit_group.group_description   
;MAP1LC3B screened against the DSi-poised Fragment Library by X-ray Crystallography at the XChem facility of Diamond Light Source beamline I04-1
;
_pdbx_deposit_group.group_title         'PanDDA analysis group deposition' 
_pdbx_deposit_group.group_type          'changed state' 
# 
_atom_sites.entry_id                    7GAK 
_atom_sites.fract_transf_matrix[1][1]   -0.01523636 
_atom_sites.fract_transf_matrix[1][2]   -0.00581696 
_atom_sites.fract_transf_matrix[1][3]   0.00211056 
_atom_sites.fract_transf_matrix[2][1]   -0.00008701 
_atom_sites.fract_transf_matrix[2][2]   0.00580976 
_atom_sites.fract_transf_matrix[2][3]   0.01538431 
_atom_sites.fract_transf_matrix[3][1]   -0.01072006 
_atom_sites.fract_transf_matrix[3][2]   0.02467596 
_atom_sites.fract_transf_matrix[3][3]   -0.00937931 
_atom_sites.fract_transf_vector[1]      0.185323 
_atom_sites.fract_transf_vector[2]      -0.378861 
_atom_sites.fract_transf_vector[3]      0.022729 
# 
loop_
_atom_type.symbol 
C  
CL 
N  
O  
S  
# 
loop_
_atom_site.group_PDB 
_atom_site.id 
_atom_site.type_symbol 
_atom_site.label_atom_id 
_atom_site.label_alt_id 
_atom_site.label_comp_id 
_atom_site.label_asym_id 
_atom_site.label_entity_id 
_atom_site.label_seq_id 
_atom_site.pdbx_PDB_ins_code 
_atom_site.Cartn_x 
_atom_site.Cartn_y 
_atom_site.Cartn_z 
_atom_site.occupancy 
_atom_site.B_iso_or_equiv 
_atom_site.pdbx_formal_charge 
_atom_site.auth_seq_id 
_atom_site.auth_comp_id 
_atom_site.auth_asym_id 
_atom_site.auth_atom_id 
_atom_site.pdbx_PDB_model_num 
ATOM   1    N  N   . LYS A 1 6   ? 13.595  -3.246  9.786   1.00 92.14  ? 5   LYS A N   1 
ATOM   2    C  CA  . LYS A 1 6   ? 12.381  -2.462  10.185  1.00 97.61  ? 5   LYS A CA  1 
ATOM   3    C  C   . LYS A 1 6   ? 11.340  -2.475  9.051   1.00 88.75  ? 5   LYS A C   1 
ATOM   4    O  O   . LYS A 1 6   ? 10.200  -2.895  9.332   1.00 89.16  ? 5   LYS A O   1 
ATOM   5    C  CB  . LYS A 1 6   ? 12.766  -1.035  10.593  1.00 94.71  ? 5   LYS A CB  1 
ATOM   6    C  CG  . LYS A 1 6   ? 12.851  -0.814  12.095  1.00 94.01  ? 5   LYS A CG  1 
ATOM   7    C  CD  . LYS A 1 6   ? 11.573  -1.181  12.814  1.00 94.93  ? 5   LYS A CD  1 
ATOM   8    C  CE  . LYS A 1 6   ? 11.256  -0.220  13.936  1.00 102.94 ? 5   LYS A CE  1 
ATOM   9    N  NZ  . LYS A 1 6   ? 12.355  -0.178  14.930  1.00 107.38 ? 5   LYS A NZ  1 
ATOM   10   N  N   . THR A 1 7   ? 11.715  -2.045  7.835   1.00 86.70  ? 6   THR A N   1 
ATOM   11   C  CA  . THR A 1 7   ? 10.850  -2.029  6.613   1.00 73.23  ? 6   THR A CA  1 
ATOM   12   C  C   . THR A 1 7   ? 10.731  -3.460  6.074   1.00 72.89  ? 6   THR A C   1 
ATOM   13   O  O   . THR A 1 7   ? 11.602  -4.301  6.409   1.00 66.10  ? 6   THR A O   1 
ATOM   14   C  CB  . THR A 1 7   ? 11.329  -1.090  5.486   1.00 77.04  ? 6   THR A CB  1 
ATOM   15   O  OG1 . THR A 1 7   ? 12.429  -1.690  4.790   1.00 62.40  ? 6   THR A OG1 1 
ATOM   16   C  CG2 . THR A 1 7   ? 11.709  0.308   5.942   1.00 75.89  ? 6   THR A CG2 1 
ATOM   17   N  N   . PHE A 1 8   ? 9.682   -3.712  5.279   1.00 58.92  ? 7   PHE A N   1 
ATOM   18   C  CA  . PHE A 1 8   ? 9.305   -5.029  4.694   1.00 56.16  ? 7   PHE A CA  1 
ATOM   19   C  C   . PHE A 1 8   ? 10.450  -5.593  3.837   1.00 50.36  ? 7   PHE A C   1 
ATOM   20   O  O   . PHE A 1 8   ? 10.812  -6.831  3.943   1.00 52.26  ? 7   PHE A O   1 
ATOM   21   C  CB  . PHE A 1 8   ? 8.014   -4.889  3.863   1.00 49.93  ? 7   PHE A CB  1 
ATOM   22   C  CG  . PHE A 1 8   ? 7.510   -6.187  3.284   1.00 44.45  ? 7   PHE A CG  1 
ATOM   23   C  CD1 . PHE A 1 8   ? 6.943   -7.158  4.101   1.00 44.39  ? 7   PHE A CD1 1 
ATOM   24   C  CD2 . PHE A 1 8   ? 7.629   -6.446  1.928   1.00 41.21  ? 7   PHE A CD2 1 
ATOM   25   C  CE1 . PHE A 1 8   ? 6.476   -8.346  3.559   1.00 47.68  ? 7   PHE A CE1 1 
ATOM   26   C  CE2 . PHE A 1 8   ? 7.202   -7.649  1.401   1.00 43.39  ? 7   PHE A CE2 1 
ATOM   27   C  CZ  . PHE A 1 8   ? 6.622   -8.601  2.217   1.00 43.51  ? 7   PHE A CZ  1 
ATOM   28   N  N   . LYS A 1 9   ? 11.011  -4.737  2.975   1.00 52.70  ? 8   LYS A N   1 
ATOM   29   C  CA  . LYS A 1 9   ? 12.059  -5.151  2.009   1.00 52.57  ? 8   LYS A CA  1 
ATOM   30   C  C   . LYS A 1 9   ? 13.301  -5.606  2.792   1.00 56.64  ? 8   LYS A C   1 
ATOM   31   O  O   . LYS A 1 9   ? 13.983  -6.539  2.316   1.00 56.29  ? 8   LYS A O   1 
ATOM   32   C  CB  . LYS A 1 9   ? 12.379  -4.017  1.033   1.00 52.27  ? 8   LYS A CB  1 
ATOM   33   C  CG  . LYS A 1 9   ? 11.393  -3.827  -0.112  1.00 54.23  ? 8   LYS A CG  1 
ATOM   34   C  CD  . LYS A 1 9   ? 12.002  -3.094  -1.283  1.00 50.84  ? 8   LYS A CD  1 
ATOM   35   C  CE  . LYS A 1 9   ? 11.030  -2.924  -2.425  1.00 57.53  ? 8   LYS A CE  1 
ATOM   36   N  NZ  . LYS A 1 9   ? 11.510  -1.971  -3.451  1.00 56.71  ? 8   LYS A NZ  1 
ATOM   37   N  N   . GLN A 1 10  ? 13.549  -4.974  3.950   1.00 56.76  ? 9   GLN A N   1 
ATOM   38   C  CA  . GLN A 1 10  ? 14.657  -5.277  4.903   1.00 63.47  ? 9   GLN A CA  1 
ATOM   39   C  C   . GLN A 1 10  ? 14.460  -6.634  5.608   1.00 57.77  ? 9   GLN A C   1 
ATOM   40   O  O   . GLN A 1 10  ? 15.463  -7.324  5.866   1.00 59.29  ? 9   GLN A O   1 
ATOM   41   C  CB  . GLN A 1 10  ? 14.767  -4.130  5.920   1.00 63.96  ? 9   GLN A CB  1 
ATOM   42   C  CG  . GLN A 1 10  ? 15.314  -2.834  5.321   1.00 64.77  ? 9   GLN A CG  1 
ATOM   43   C  CD  . GLN A 1 10  ? 15.224  -1.645  6.256   1.00 74.71  ? 9   GLN A CD  1 
ATOM   44   O  OE1 . GLN A 1 10  ? 14.700  -1.706  7.380   1.00 67.33  ? 9   GLN A OE1 1 
ATOM   45   N  NE2 . GLN A 1 10  ? 15.752  -0.530  5.788   1.00 74.90  ? 9   GLN A NE2 1 
ATOM   46   N  N   A ARG A 1 11  ? 13.202  -6.992  5.899   0.34 55.14  ? 10  ARG A N   1 
ATOM   47   N  N   B ARG A 1 11  ? 13.205  -6.996  5.894   0.17 56.24  ? 10  ARG A N   1 
ATOM   48   C  CA  A ARG A 1 11  ? 12.802  -8.187  6.694   0.34 54.24  ? 10  ARG A CA  1 
ATOM   49   C  CA  B ARG A 1 11  ? 12.826  -8.189  6.700   0.17 55.10  ? 10  ARG A CA  1 
ATOM   50   C  C   A ARG A 1 11  ? 12.820  -9.444  5.818   0.34 54.23  ? 10  ARG A C   1 
ATOM   51   C  C   B ARG A 1 11  ? 12.795  -9.448  5.822   0.17 54.14  ? 10  ARG A C   1 
ATOM   52   O  O   A ARG A 1 11  ? 13.073  -10.531 6.373   0.34 53.77  ? 10  ARG A O   1 
ATOM   53   O  O   B ARG A 1 11  ? 12.996  -10.543 6.385   0.17 53.54  ? 10  ARG A O   1 
ATOM   54   C  CB  A ARG A 1 11  ? 11.398  -8.013  7.283   0.34 60.39  ? 10  ARG A CB  1 
ATOM   55   C  CB  B ARG A 1 11  ? 11.466  -7.967  7.368   0.17 58.52  ? 10  ARG A CB  1 
ATOM   56   C  CG  A ARG A 1 11  ? 11.297  -6.991  8.407   0.34 64.77  ? 10  ARG A CG  1 
ATOM   57   C  CG  B ARG A 1 11  ? 11.493  -6.978  8.525   0.17 61.01  ? 10  ARG A CG  1 
ATOM   58   C  CD  A ARG A 1 11  ? 9.958   -7.036  9.125   0.34 68.95  ? 10  ARG A CD  1 
ATOM   59   C  CD  B ARG A 1 11  ? 10.110  -6.704  9.089   0.17 63.11  ? 10  ARG A CD  1 
ATOM   60   N  NE  A ARG A 1 11  ? 8.980   -6.064  8.636   0.34 70.87  ? 10  ARG A NE  1 
ATOM   61   N  NE  B ARG A 1 11  ? 9.474   -5.533  8.496   0.17 64.40  ? 10  ARG A NE  1 
ATOM   62   C  CZ  A ARG A 1 11  ? 7.807   -6.378  8.096   0.34 69.36  ? 10  ARG A CZ  1 
ATOM   63   C  CZ  B ARG A 1 11  ? 8.189   -5.223  8.631   0.17 62.68  ? 10  ARG A CZ  1 
ATOM   64   N  NH1 A ARG A 1 11  ? 7.451   -7.646  7.969   0.34 69.67  ? 10  ARG A NH1 1 
ATOM   65   N  NH1 B ARG A 1 11  ? 7.391   -6.004  9.339   0.17 65.09  ? 10  ARG A NH1 1 
ATOM   66   N  NH2 A ARG A 1 11  ? 6.991   -5.420  7.692   0.34 69.25  ? 10  ARG A NH2 1 
ATOM   67   N  NH2 B ARG A 1 11  ? 7.707   -4.137  8.056   0.17 63.29  ? 10  ARG A NH2 1 
ATOM   68   N  N   . ARG A 1 12  ? 12.544  -9.311  4.513   1.00 50.03  ? 11  ARG A N   1 
ATOM   69   C  CA  . ARG A 1 12  ? 12.373  -10.488 3.603   1.00 54.40  ? 11  ARG A CA  1 
ATOM   70   C  C   . ARG A 1 12  ? 13.317  -10.401 2.389   1.00 52.91  ? 11  ARG A C   1 
ATOM   71   O  O   . ARG A 1 12  ? 13.498  -9.283  1.852   1.00 52.60  ? 11  ARG A O   1 
ATOM   72   C  CB  . ARG A 1 12  ? 10.900  -10.632 3.180   1.00 56.15  ? 11  ARG A CB  1 
ATOM   73   C  CG  . ARG A 1 12  ? 9.871   -10.674 4.315   1.00 57.56  ? 11  ARG A CG  1 
ATOM   74   C  CD  . ARG A 1 12  ? 9.705   -12.024 5.012   1.00 66.19  ? 11  ARG A CD  1 
ATOM   75   N  NE  . ARG A 1 12  ? 9.141   -13.067 4.152   1.00 84.11  ? 11  ARG A NE  1 
ATOM   76   C  CZ  . ARG A 1 12  ? 8.991   -14.362 4.476   1.00 95.99  ? 11  ARG A CZ  1 
ATOM   77   N  NH1 . ARG A 1 12  ? 9.371   -14.819 5.661   1.00 98.31  ? 11  ARG A NH1 1 
ATOM   78   N  NH2 . ARG A 1 12  ? 8.451   -15.201 3.604   1.00 102.49 ? 11  ARG A NH2 1 
ATOM   79   N  N   . THR A 1 13  ? 13.886  -11.550 1.977   1.00 44.45  ? 12  THR A N   1 
ATOM   80   C  CA  . THR A 1 13  ? 14.799  -11.671 0.809   1.00 44.94  ? 12  THR A CA  1 
ATOM   81   C  C   . THR A 1 13  ? 13.974  -11.424 -0.464  1.00 50.90  ? 12  THR A C   1 
ATOM   82   O  O   . THR A 1 13  ? 12.781  -11.768 -0.467  1.00 48.47  ? 12  THR A O   1 
ATOM   83   C  CB  . THR A 1 13  ? 15.487  -13.037 0.715   1.00 48.08  ? 12  THR A CB  1 
ATOM   84   O  OG1 . THR A 1 13  ? 14.529  -14.033 0.349   1.00 47.09  ? 12  THR A OG1 1 
ATOM   85   C  CG2 . THR A 1 13  ? 16.173  -13.490 1.988   1.00 49.77  ? 12  THR A CG2 1 
ATOM   86   N  N   . PHE A 1 14  ? 14.586  -10.913 -1.521  1.00 44.19  ? 13  PHE A N   1 
ATOM   87   C  CA  . PHE A 1 14  ? 13.928  -10.700 -2.823  1.00 50.91  ? 13  PHE A CA  1 
ATOM   88   C  C   . PHE A 1 14  ? 13.222  -12.009 -3.197  1.00 56.73  ? 13  PHE A C   1 
ATOM   89   O  O   . PHE A 1 14  ? 12.060  -11.945 -3.683  1.00 42.69  ? 13  PHE A O   1 
ATOM   90   C  CB  . PHE A 1 14  ? 14.921  -10.218 -3.893  1.00 48.95  ? 13  PHE A CB  1 
ATOM   91   C  CG  . PHE A 1 14  ? 14.270  -9.989  -5.237  1.00 44.84  ? 13  PHE A CG  1 
ATOM   92   C  CD1 . PHE A 1 14  ? 13.665  -8.779  -5.521  1.00 43.78  ? 13  PHE A CD1 1 
ATOM   93   C  CD2 . PHE A 1 14  ? 14.223  -10.998 -6.184  1.00 40.85  ? 13  PHE A CD2 1 
ATOM   94   C  CE1 . PHE A 1 14  ? 13.044  -8.565  -6.740  1.00 45.77  ? 13  PHE A CE1 1 
ATOM   95   C  CE2 . PHE A 1 14  ? 13.562  -10.804 -7.384  1.00 42.36  ? 13  PHE A CE2 1 
ATOM   96   C  CZ  . PHE A 1 14  ? 12.983  -9.581  -7.663  1.00 42.57  ? 13  PHE A CZ  1 
ATOM   97   N  N   . GLU A 1 15  ? 13.891  -13.143 -2.965  1.00 43.44  ? 14  GLU A N   1 
ATOM   98   C  CA  . GLU A 1 15  ? 13.373  -14.501 -3.284  1.00 47.53  ? 14  GLU A CA  1 
ATOM   99   C  C   . GLU A 1 15  ? 12.058  -14.796 -2.527  1.00 42.68  ? 14  GLU A C   1 
ATOM   100  O  O   . GLU A 1 15  ? 11.131  -15.468 -3.099  1.00 43.70  ? 14  GLU A O   1 
ATOM   101  C  CB  . GLU A 1 15  ? 14.399  -15.569 -2.890  1.00 51.11  ? 14  GLU A CB  1 
ATOM   102  C  CG  . GLU A 1 15  ? 13.943  -16.975 -3.262  1.00 59.17  ? 14  GLU A CG  1 
ATOM   103  C  CD  . GLU A 1 15  ? 14.971  -18.078 -3.052  1.00 71.00  ? 14  GLU A CD  1 
ATOM   104  O  OE1 . GLU A 1 15  ? 15.970  -17.820 -2.360  1.00 66.87  ? 14  GLU A OE1 1 
ATOM   105  O  OE2 . GLU A 1 15  ? 14.761  -19.199 -3.574  1.00 73.86  ? 14  GLU A OE2 1 
ATOM   106  N  N   . GLN A 1 16  ? 12.041  -14.450 -1.243  1.00 42.86  ? 15  GLN A N   1 
ATOM   107  C  CA  . GLN A 1 16  ? 10.900  -14.667 -0.339  1.00 43.73  ? 15  GLN A CA  1 
ATOM   108  C  C   . GLN A 1 16  ? 9.711   -13.771 -0.726  1.00 45.93  ? 15  GLN A C   1 
ATOM   109  O  O   . GLN A 1 16  ? 8.560   -14.223 -0.613  1.00 44.38  ? 15  GLN A O   1 
ATOM   110  C  CB  . GLN A 1 16  ? 11.294  -14.387 1.104   1.00 50.50  ? 15  GLN A CB  1 
ATOM   111  C  CG  . GLN A 1 16  ? 12.068  -15.535 1.764   1.00 49.43  ? 15  GLN A CG  1 
ATOM   112  C  CD  . GLN A 1 16  ? 12.535  -15.078 3.126   1.00 47.69  ? 15  GLN A CD  1 
ATOM   113  O  OE1 . GLN A 1 16  ? 12.608  -13.878 3.395   1.00 42.43  ? 15  GLN A OE1 1 
ATOM   114  N  NE2 . GLN A 1 16  ? 12.794  -16.025 4.008   1.00 53.71  ? 15  GLN A NE2 1 
ATOM   115  N  N   A ARG A 1 17  ? 9.987   -12.532 -1.146  0.15 44.14  ? 16  ARG A N   1 
ATOM   116  N  N   B ARG A 1 17  ? 9.983   -12.538 -1.157  0.35 41.60  ? 16  ARG A N   1 
ATOM   117  C  CA  A ARG A 1 17  ? 8.955   -11.557 -1.594  0.15 45.62  ? 16  ARG A CA  1 
ATOM   118  C  CA  B ARG A 1 17  ? 8.937   -11.573 -1.592  0.35 44.85  ? 16  ARG A CA  1 
ATOM   119  C  C   A ARG A 1 17  ? 8.372   -12.033 -2.928  0.15 43.71  ? 16  ARG A C   1 
ATOM   120  C  C   B ARG A 1 17  ? 8.366   -12.052 -2.929  0.35 43.87  ? 16  ARG A C   1 
ATOM   121  O  O   A ARG A 1 17  ? 7.138   -11.952 -3.091  0.15 44.31  ? 16  ARG A O   1 
ATOM   122  O  O   B ARG A 1 17  ? 7.128   -12.033 -3.083  0.35 44.83  ? 16  ARG A O   1 
ATOM   123  C  CB  A ARG A 1 17  ? 9.541   -10.144 -1.691  0.15 46.75  ? 16  ARG A CB  1 
ATOM   124  C  CB  B ARG A 1 17  ? 9.510   -10.154 -1.622  0.35 43.53  ? 16  ARG A CB  1 
ATOM   125  C  CG  A ARG A 1 17  ? 10.061  -9.602  -0.367  0.15 48.90  ? 16  ARG A CG  1 
ATOM   126  C  CG  B ARG A 1 17  ? 9.754   -9.572  -0.239  0.35 45.24  ? 16  ARG A CG  1 
ATOM   127  C  CD  A ARG A 1 17  ? 10.286  -8.100  -0.353  0.15 51.88  ? 16  ARG A CD  1 
ATOM   128  C  CD  B ARG A 1 17  ? 10.321  -8.159  -0.232  0.35 49.23  ? 16  ARG A CD  1 
ATOM   129  N  NE  A ARG A 1 17  ? 11.069  -7.592  -1.473  0.15 55.91  ? 16  ARG A NE  1 
ATOM   130  N  NE  B ARG A 1 17  ? 11.783  -8.098  -0.179  0.35 53.70  ? 16  ARG A NE  1 
ATOM   131  C  CZ  A ARG A 1 17  ? 12.326  -7.160  -1.395  0.15 55.74  ? 16  ARG A CZ  1 
ATOM   132  C  CZ  B ARG A 1 17  ? 12.573  -7.751  -1.194  0.35 56.53  ? 16  ARG A CZ  1 
ATOM   133  N  NH1 A ARG A 1 17  ? 12.969  -7.181  -0.241  0.15 55.74  ? 16  ARG A NH1 1 
ATOM   134  N  NH1 B ARG A 1 17  ? 12.054  -7.436  -2.369  0.35 58.04  ? 16  ARG A NH1 1 
ATOM   135  N  NH2 A ARG A 1 17  ? 12.936  -6.709  -2.477  0.15 57.00  ? 16  ARG A NH2 1 
ATOM   136  N  NH2 B ARG A 1 17  ? 13.886  -7.736  -1.038  0.35 56.83  ? 16  ARG A NH2 1 
ATOM   137  N  N   . VAL A 1 18  ? 9.216   -12.544 -3.832  1.00 38.45  ? 17  VAL A N   1 
ATOM   138  C  CA  . VAL A 1 18  ? 8.765   -13.021 -5.169  1.00 41.10  ? 17  VAL A CA  1 
ATOM   139  C  C   . VAL A 1 18  ? 7.853   -14.255 -5.002  1.00 49.41  ? 17  VAL A C   1 
ATOM   140  O  O   . VAL A 1 18  ? 6.744   -14.304 -5.647  1.00 36.46  ? 17  VAL A O   1 
ATOM   141  C  CB  . VAL A 1 18  ? 9.962   -13.278 -6.094  1.00 44.99  ? 17  VAL A CB  1 
ATOM   142  C  CG1 . VAL A 1 18  ? 9.673   -14.364 -7.108  1.00 47.48  ? 17  VAL A CG1 1 
ATOM   143  C  CG2 . VAL A 1 18  ? 10.393  -11.983 -6.778  1.00 50.79  ? 17  VAL A CG2 1 
ATOM   144  N  N   . GLU A 1 19  ? 8.287   -15.219 -4.183  1.00 46.89  ? 18  GLU A N   1 
ATOM   145  C  CA  . GLU A 1 19  ? 7.560   -16.491 -3.941  1.00 45.93  ? 18  GLU A CA  1 
ATOM   146  C  C   . GLU A 1 19  ? 6.221   -16.220 -3.243  1.00 37.34  ? 18  GLU A C   1 
ATOM   147  O  O   . GLU A 1 19  ? 5.252   -16.890 -3.589  1.00 43.28  ? 18  GLU A O   1 
ATOM   148  C  CB  . GLU A 1 19  ? 8.402   -17.458 -3.100  1.00 52.81  ? 18  GLU A CB  1 
ATOM   149  C  CG  . GLU A 1 19  ? 9.124   -18.461 -3.968  1.00 70.19  ? 18  GLU A CG  1 
ATOM   150  C  CD  . GLU A 1 19  ? 8.180   -19.218 -4.893  1.00 87.07  ? 18  GLU A CD  1 
ATOM   151  O  OE1 . GLU A 1 19  ? 7.174   -19.797 -4.382  1.00 91.49  ? 18  GLU A OE1 1 
ATOM   152  O  OE2 . GLU A 1 19  ? 8.431   -19.193 -6.121  1.00 92.78  ? 18  GLU A OE2 1 
ATOM   153  N  N   . ASP A 1 20  ? 6.186   -15.318 -2.278  1.00 36.73  ? 19  ASP A N   1 
ATOM   154  C  CA  . ASP A 1 20  ? 4.924   -14.891 -1.618  1.00 42.70  ? 19  ASP A CA  1 
ATOM   155  C  C   . ASP A 1 20  ? 3.923   -14.319 -2.639  1.00 45.03  ? 19  ASP A C   1 
ATOM   156  O  O   . ASP A 1 20  ? 2.739   -14.698 -2.545  1.00 38.05  ? 19  ASP A O   1 
ATOM   157  C  CB  . ASP A 1 20  ? 5.146   -13.894 -0.498  1.00 44.84  ? 19  ASP A CB  1 
ATOM   158  C  CG  . ASP A 1 20  ? 3.963   -13.917 0.463   1.00 56.78  ? 19  ASP A CG  1 
ATOM   159  O  OD1 . ASP A 1 20  ? 3.698   -12.850 1.027   1.00 51.47  ? 19  ASP A OD1 1 
ATOM   160  O  OD2 . ASP A 1 20  ? 3.280   -15.017 0.624   1.00 51.67  ? 19  ASP A OD2 1 
ATOM   161  N  N   . VAL A 1 21  ? 4.369   -13.489 -3.587  1.00 38.83  ? 20  VAL A N   1 
ATOM   162  C  CA  . VAL A 1 21  ? 3.504   -12.895 -4.639  1.00 38.74  ? 20  VAL A CA  1 
ATOM   163  C  C   . VAL A 1 21  ? 2.967   -14.029 -5.519  1.00 40.11  ? 20  VAL A C   1 
ATOM   164  O  O   . VAL A 1 21  ? 1.755   -13.978 -5.895  1.00 36.22  ? 20  VAL A O   1 
ATOM   165  C  CB  . VAL A 1 21  ? 4.237   -11.794 -5.440  1.00 40.64  ? 20  VAL A CB  1 
ATOM   166  C  CG1 . VAL A 1 21  ? 3.504   -11.390 -6.717  1.00 37.75  ? 20  VAL A CG1 1 
ATOM   167  C  CG2 . VAL A 1 21  ? 4.507   -10.579 -4.570  1.00 35.17  ? 20  VAL A CG2 1 
ATOM   168  N  N   . ARG A 1 22  ? 3.813   -15.013 -5.860  1.00 44.83  ? 21  ARG A N   1 
ATOM   169  C  CA  . ARG A 1 22  ? 3.422   -16.142 -6.750  1.00 44.54  ? 21  ARG A CA  1 
ATOM   170  C  C   . ARG A 1 22  ? 2.321   -16.963 -6.054  1.00 40.50  ? 21  ARG A C   1 
ATOM   171  O  O   . ARG A 1 22  ? 1.394   -17.437 -6.767  1.00 37.58  ? 21  ARG A O   1 
ATOM   172  C  CB  . ARG A 1 22  ? 4.614   -17.046 -7.104  1.00 50.58  ? 21  ARG A CB  1 
ATOM   173  C  CG  . ARG A 1 22  ? 5.556   -16.461 -8.147  1.00 64.16  ? 21  ARG A CG  1 
ATOM   174  C  CD  . ARG A 1 22  ? 6.827   -17.279 -8.321  1.00 72.10  ? 21  ARG A CD  1 
ATOM   175  N  NE  . ARG A 1 22  ? 7.831   -16.629 -9.171  1.00 83.29  ? 21  ARG A NE  1 
ATOM   176  C  CZ  . ARG A 1 22  ? 9.058   -17.105 -9.413  1.00 90.54  ? 21  ARG A CZ  1 
ATOM   177  N  NH1 . ARG A 1 22  ? 9.450   -18.251 -8.877  1.00 93.11  ? 21  ARG A NH1 1 
ATOM   178  N  NH2 . ARG A 1 22  ? 9.893   -16.437 -10.193 1.00 87.11  ? 21  ARG A NH2 1 
ATOM   179  N  N   . LEU A 1 23  ? 2.438   -17.131 -4.736  1.00 40.50  ? 22  LEU A N   1 
ATOM   180  C  CA  . LEU A 1 23  ? 1.474   -17.891 -3.885  1.00 45.53  ? 22  LEU A CA  1 
ATOM   181  C  C   . LEU A 1 23  ? 0.130   -17.132 -3.770  1.00 44.65  ? 22  LEU A C   1 
ATOM   182  O  O   . LEU A 1 23  ? -0.933  -17.773 -3.900  1.00 42.26  ? 22  LEU A O   1 
ATOM   183  C  CB  . LEU A 1 23  ? 2.101   -18.078 -2.505  1.00 49.86  ? 22  LEU A CB  1 
ATOM   184  C  CG  . LEU A 1 23  ? 1.162   -18.647 -1.439  1.00 54.39  ? 22  LEU A CG  1 
ATOM   185  C  CD1 . LEU A 1 23  ? 0.899   -20.135 -1.700  1.00 56.06  ? 22  LEU A CD1 1 
ATOM   186  C  CD2 . LEU A 1 23  ? 1.710   -18.421 -0.036  1.00 59.22  ? 22  LEU A CD2 1 
ATOM   187  N  N   . ILE A 1 24  ? 0.157   -15.812 -3.562  1.00 36.93  ? 23  ILE A N   1 
ATOM   188  C  CA  . ILE A 1 24  ? -1.062  -14.927 -3.596  1.00 34.47  ? 23  ILE A CA  1 
ATOM   189  C  C   . ILE A 1 24  ? -1.718  -15.056 -4.968  1.00 33.52  ? 23  ILE A C   1 
ATOM   190  O  O   . ILE A 1 24  ? -2.935  -15.212 -5.022  1.00 32.11  ? 23  ILE A O   1 
ATOM   191  C  CB  . ILE A 1 24  ? -0.688  -13.501 -3.193  1.00 34.49  ? 23  ILE A CB  1 
ATOM   192  C  CG1 . ILE A 1 24  ? -0.063  -13.529 -1.793  1.00 38.50  ? 23  ILE A CG1 1 
ATOM   193  C  CG2 . ILE A 1 24  ? -1.883  -12.556 -3.264  1.00 33.40  ? 23  ILE A CG2 1 
ATOM   194  C  CD1 . ILE A 1 24  ? 0.472   -12.193 -1.311  1.00 41.38  ? 23  ILE A CD1 1 
ATOM   195  N  N   . ARG A 1 25  ? -0.951  -15.089 -6.050  1.00 31.52  ? 24  ARG A N   1 
ATOM   196  C  CA  . ARG A 1 25  ? -1.493  -15.364 -7.402  1.00 33.95  ? 24  ARG A CA  1 
ATOM   197  C  C   . ARG A 1 25  ? -2.242  -16.689 -7.386  1.00 37.36  ? 24  ARG A C   1 
ATOM   198  O  O   . ARG A 1 25  ? -3.336  -16.725 -7.872  1.00 32.96  ? 24  ARG A O   1 
ATOM   199  C  CB  . ARG A 1 25  ? -0.404  -15.379 -8.463  1.00 38.61  ? 24  ARG A CB  1 
ATOM   200  C  CG  . ARG A 1 25  ? -0.091  -13.990 -8.976  1.00 44.14  ? 24  ARG A CG  1 
ATOM   201  C  CD  . ARG A 1 25  ? 0.833   -14.126 -10.164 1.00 48.28  ? 24  ARG A CD  1 
ATOM   202  N  NE  . ARG A 1 25  ? 1.696   -12.963 -10.133 1.00 64.40  ? 24  ARG A NE  1 
ATOM   203  C  CZ  . ARG A 1 25  ? 3.006   -12.983 -10.333 1.00 60.48  ? 24  ARG A CZ  1 
ATOM   204  N  NH1 . ARG A 1 25  ? 3.637   -14.119 -10.596 1.00 68.66  ? 24  ARG A NH1 1 
ATOM   205  N  NH2 . ARG A 1 25  ? 3.671   -11.852 -10.246 1.00 71.97  ? 24  ARG A NH2 1 
ATOM   206  N  N   . GLU A 1 26  ? -1.652  -17.732 -6.808  1.00 36.20  ? 25  GLU A N   1 
ATOM   207  C  CA  . GLU A 1 26  ? -2.206  -19.105 -6.856  1.00 38.85  ? 25  GLU A CA  1 
ATOM   208  C  C   . GLU A 1 26  ? -3.482  -19.142 -5.987  1.00 31.16  ? 25  GLU A C   1 
ATOM   209  O  O   . GLU A 1 26  ? -4.517  -19.605 -6.483  1.00 34.85  ? 25  GLU A O   1 
ATOM   210  C  CB  . GLU A 1 26  ? -1.085  -20.076 -6.453  1.00 46.80  ? 25  GLU A CB  1 
ATOM   211  C  CG  . GLU A 1 26  ? -1.392  -21.528 -6.702  1.00 57.33  ? 25  GLU A CG  1 
ATOM   212  C  CD  . GLU A 1 26  ? -1.338  -21.964 -8.154  1.00 60.33  ? 25  GLU A CD  1 
ATOM   213  O  OE1 . GLU A 1 26  ? -0.989  -21.120 -9.024  1.00 51.51  ? 25  GLU A OE1 1 
ATOM   214  O  OE2 . GLU A 1 26  ? -1.705  -23.137 -8.416  1.00 61.71  ? 25  GLU A OE2 1 
ATOM   215  N  N   . GLN A 1 27  ? -3.429  -18.637 -4.762  1.00 33.17  ? 26  GLN A N   1 
ATOM   216  C  CA  . GLN A 1 27  ? -4.459  -18.821 -3.716  1.00 33.55  ? 26  GLN A CA  1 
ATOM   217  C  C   . GLN A 1 27  ? -5.442  -17.669 -3.673  1.00 36.74  ? 26  GLN A C   1 
ATOM   218  O  O   . GLN A 1 27  ? -6.522  -17.855 -3.093  1.00 31.46  ? 26  GLN A O   1 
ATOM   219  C  CB  . GLN A 1 27  ? -3.778  -18.889 -2.370  1.00 34.43  ? 26  GLN A CB  1 
ATOM   220  C  CG  . GLN A 1 27  ? -2.916  -20.159 -2.271  1.00 46.65  ? 26  GLN A CG  1 
ATOM   221  C  CD  . GLN A 1 27  ? -2.286  -20.312 -0.902  1.00 55.01  ? 26  GLN A CD  1 
ATOM   222  O  OE1 . GLN A 1 27  ? -1.998  -19.335 -0.192  1.00 57.11  ? 26  GLN A OE1 1 
ATOM   223  N  NE2 . GLN A 1 27  ? -2.076  -21.563 -0.515  1.00 61.20  ? 26  GLN A NE2 1 
ATOM   224  N  N   . HIS A 1 28  ? -5.030  -16.472 -4.102  1.00 30.61  ? 27  HIS A N   1 
ATOM   225  C  CA  . HIS A 1 28  ? -5.883  -15.258 -3.998  1.00 28.66  ? 27  HIS A CA  1 
ATOM   226  C  C   . HIS A 1 28  ? -5.849  -14.529 -5.320  1.00 27.70  ? 27  HIS A C   1 
ATOM   227  O  O   . HIS A 1 28  ? -5.380  -13.401 -5.389  1.00 28.69  ? 27  HIS A O   1 
ATOM   228  C  CB  . HIS A 1 28  ? -5.448  -14.386 -2.825  1.00 33.80  ? 27  HIS A CB  1 
ATOM   229  C  CG  . HIS A 1 28  ? -5.541  -15.077 -1.505  1.00 40.24  ? 27  HIS A CG  1 
ATOM   230  N  ND1 . HIS A 1 28  ? -6.747  -15.173 -0.784  1.00 37.32  ? 27  HIS A ND1 1 
ATOM   231  C  CD2 . HIS A 1 28  ? -4.588  -15.698 -0.769  1.00 41.44  ? 27  HIS A CD2 1 
ATOM   232  C  CE1 . HIS A 1 28  ? -6.503  -15.862 0.320   1.00 45.86  ? 27  HIS A CE1 1 
ATOM   233  N  NE2 . HIS A 1 28  ? -5.196  -16.207 0.341   1.00 41.78  ? 27  HIS A NE2 1 
ATOM   234  N  N   . PRO A 1 29  ? -6.264  -15.217 -6.396  1.00 31.35  ? 28  PRO A N   1 
ATOM   235  C  CA  . PRO A 1 29  ? -6.061  -14.740 -7.759  1.00 29.66  ? 28  PRO A CA  1 
ATOM   236  C  C   . PRO A 1 29  ? -6.715  -13.386 -8.118  1.00 33.46  ? 28  PRO A C   1 
ATOM   237  O  O   . PRO A 1 29  ? -6.148  -12.662 -8.975  1.00 29.19  ? 28  PRO A O   1 
ATOM   238  C  CB  . PRO A 1 29  ? -6.600  -15.905 -8.599  1.00 32.89  ? 28  PRO A CB  1 
ATOM   239  C  CG  . PRO A 1 29  ? -7.608  -16.578 -7.656  1.00 33.59  ? 28  PRO A CG  1 
ATOM   240  C  CD  . PRO A 1 29  ? -6.833  -16.581 -6.367  1.00 33.79  ? 28  PRO A CD  1 
ATOM   241  N  N   . THR A 1 30  ? -7.802  -13.006 -7.447  1.00 27.26  ? 29  THR A N   1 
ATOM   242  C  CA  . THR A 1 30  ? -8.487  -11.693 -7.706  1.00 27.18  ? 29  THR A CA  1 
ATOM   243  C  C   . THR A 1 30  ? -7.919  -10.555 -6.859  1.00 27.52  ? 29  THR A C   1 
ATOM   244  O  O   . THR A 1 30  ? -8.465  -9.408  -7.002  1.00 29.65  ? 29  THR A O   1 
ATOM   245  C  CB  . THR A 1 30  ? -10.013 -11.810 -7.539  1.00 26.23  ? 29  THR A CB  1 
ATOM   246  O  OG1 . THR A 1 30  ? -10.361 -11.800 -6.158  1.00 27.85  ? 29  THR A OG1 1 
ATOM   247  C  CG2 . THR A 1 30  ? -10.586 -13.013 -8.268  1.00 26.26  ? 29  THR A CG2 1 
ATOM   248  N  N   . LYS A 1 31  ? -6.876  -10.786 -6.040  1.00 28.87  ? 30  LYS A N   1 
ATOM   249  C  CA  . LYS A 1 31  ? -6.359  -9.776  -5.076  1.00 29.40  ? 30  LYS A CA  1 
ATOM   250  C  C   . LYS A 1 31  ? -5.038  -9.133  -5.553  1.00 29.52  ? 30  LYS A C   1 
ATOM   251  O  O   . LYS A 1 31  ? -4.186  -9.787  -6.151  1.00 28.68  ? 30  LYS A O   1 
ATOM   252  C  CB  . LYS A 1 31  ? -6.160  -10.370 -3.675  1.00 31.59  ? 30  LYS A CB  1 
ATOM   253  C  CG  . LYS A 1 31  ? -7.397  -10.967 -3.013  1.00 33.65  ? 30  LYS A CG  1 
ATOM   254  C  CD  . LYS A 1 31  ? -8.565  -10.020 -3.000  1.00 35.16  ? 30  LYS A CD  1 
ATOM   255  C  CE  . LYS A 1 31  ? -9.874  -10.709 -2.699  1.00 38.70  ? 30  LYS A CE  1 
ATOM   256  N  NZ  . LYS A 1 31  ? -9.803  -11.378 -1.403  1.00 35.72  ? 30  LYS A NZ  1 
ATOM   257  N  N   . ILE A 1 32  ? -4.889  -7.842  -5.266  1.00 30.53  ? 31  ILE A N   1 
ATOM   258  C  CA  . ILE A 1 32  ? -3.622  -7.106  -5.520  1.00 31.59  ? 31  ILE A CA  1 
ATOM   259  C  C   . ILE A 1 32  ? -2.832  -7.169  -4.216  1.00 29.69  ? 31  ILE A C   1 
ATOM   260  O  O   . ILE A 1 32  ? -3.343  -6.850  -3.135  1.00 28.42  ? 31  ILE A O   1 
ATOM   261  C  CB  . ILE A 1 32  ? -3.879  -5.658  -6.009  1.00 32.83  ? 31  ILE A CB  1 
ATOM   262  C  CG1 . ILE A 1 32  ? -4.679  -5.579  -7.326  1.00 30.31  ? 31  ILE A CG1 1 
ATOM   263  C  CG2 . ILE A 1 32  ? -2.551  -4.888  -6.073  1.00 31.48  ? 31  ILE A CG2 1 
ATOM   264  C  CD1 . ILE A 1 32  ? -4.264  -6.455  -8.473  1.00 32.13  ? 31  ILE A CD1 1 
ATOM   265  N  N   . PRO A 1 33  ? -1.576  -7.667  -4.259  1.00 28.61  ? 32  PRO A N   1 
ATOM   266  C  CA  . PRO A 1 33  ? -0.729  -7.689  -3.074  1.00 32.51  ? 32  PRO A CA  1 
ATOM   267  C  C   . PRO A 1 33  ? -0.094  -6.322  -2.792  1.00 33.12  ? 32  PRO A C   1 
ATOM   268  O  O   . PRO A 1 33  ? 0.700   -5.822  -3.639  1.00 33.35  ? 32  PRO A O   1 
ATOM   269  C  CB  . PRO A 1 33  ? 0.284   -8.763  -3.481  1.00 28.90  ? 32  PRO A CB  1 
ATOM   270  C  CG  . PRO A 1 33  ? 0.490   -8.552  -4.951  1.00 30.91  ? 32  PRO A CG  1 
ATOM   271  C  CD  . PRO A 1 33  ? -0.914  -8.261  -5.434  1.00 31.31  ? 32  PRO A CD  1 
ATOM   272  N  N   . VAL A 1 34  ? -0.488  -5.706  -1.678  1.00 33.31  ? 33  VAL A N   1 
ATOM   273  C  CA  . VAL A 1 34  ? -0.094  -4.301  -1.357  1.00 34.32  ? 33  VAL A CA  1 
ATOM   274  C  C   . VAL A 1 34  ? 0.687   -4.298  -0.024  1.00 38.19  ? 33  VAL A C   1 
ATOM   275  O  O   . VAL A 1 34  ? 0.219   -4.912  0.955   1.00 37.75  ? 33  VAL A O   1 
ATOM   276  C  CB  . VAL A 1 34  ? -1.332  -3.391  -1.323  1.00 35.70  ? 33  VAL A CB  1 
ATOM   277  C  CG1 . VAL A 1 34  ? -0.951  -1.940  -1.120  1.00 40.18  ? 33  VAL A CG1 1 
ATOM   278  C  CG2 . VAL A 1 34  ? -2.143  -3.521  -2.598  1.00 33.42  ? 33  VAL A CG2 1 
ATOM   279  N  N   . ILE A 1 35  ? 1.847   -3.640  -0.017  1.00 40.76  ? 34  ILE A N   1 
ATOM   280  C  CA  . ILE A 1 35  ? 2.618   -3.313  1.218   1.00 39.42  ? 34  ILE A CA  1 
ATOM   281  C  C   . ILE A 1 35  ? 2.298   -1.879  1.576   1.00 34.76  ? 34  ILE A C   1 
ATOM   282  O  O   . ILE A 1 35  ? 2.484   -1.025  0.725   1.00 37.87  ? 34  ILE A O   1 
ATOM   283  C  CB  . ILE A 1 35  ? 4.124   -3.529  0.989   1.00 43.26  ? 34  ILE A CB  1 
ATOM   284  C  CG1 . ILE A 1 35  ? 4.413   -4.914  0.409   1.00 40.41  ? 34  ILE A CG1 1 
ATOM   285  C  CG2 . ILE A 1 35  ? 4.894   -3.278  2.271   1.00 46.03  ? 34  ILE A CG2 1 
ATOM   286  C  CD1 . ILE A 1 35  ? 4.116   -6.050  1.359   1.00 44.39  ? 34  ILE A CD1 1 
ATOM   287  N  N   . ILE A 1 36  ? 1.832   -1.659  2.799   1.00 36.84  ? 35  ILE A N   1 
ATOM   288  C  CA  . ILE A 1 36  ? 1.478   -0.306  3.291   1.00 41.90  ? 35  ILE A CA  1 
ATOM   289  C  C   . ILE A 1 36  ? 2.219   -0.079  4.613   1.00 43.61  ? 35  ILE A C   1 
ATOM   290  O  O   . ILE A 1 36  ? 2.086   -0.909  5.531   1.00 44.65  ? 35  ILE A O   1 
ATOM   291  C  CB  . ILE A 1 36  ? -0.043  -0.103  3.406   1.00 40.19  ? 35  ILE A CB  1 
ATOM   292  C  CG1 . ILE A 1 36  ? -0.784  -0.621  2.159   1.00 42.74  ? 35  ILE A CG1 1 
ATOM   293  C  CG2 . ILE A 1 36  ? -0.337  1.361   3.677   1.00 42.45  ? 35  ILE A CG2 1 
ATOM   294  C  CD1 . ILE A 1 36  ? -2.308  -0.494  2.255   1.00 42.49  ? 35  ILE A CD1 1 
ATOM   295  N  N   . GLU A 1 37  ? 2.987   1.010   4.631   1.00 50.89  ? 36  GLU A N   1 
ATOM   296  C  CA  . GLU A 1 37  ? 4.067   1.317   5.600   1.00 50.98  ? 36  GLU A CA  1 
ATOM   297  C  C   . GLU A 1 37  ? 3.918   2.776   6.014   1.00 52.11  ? 36  GLU A C   1 
ATOM   298  O  O   . GLU A 1 37  ? 3.616   3.601   5.151   1.00 41.11  ? 36  GLU A O   1 
ATOM   299  C  CB  . GLU A 1 37  ? 5.425   0.991   4.978   1.00 46.61  ? 36  GLU A CB  1 
ATOM   300  C  CG  . GLU A 1 37  ? 5.643   -0.506  4.933   1.00 50.59  ? 36  GLU A CG  1 
ATOM   301  C  CD  . GLU A 1 37  ? 7.023   -1.007  4.567   1.00 53.36  ? 36  GLU A CD  1 
ATOM   302  O  OE1 . GLU A 1 37  ? 7.522   -0.671  3.451   1.00 54.31  ? 36  GLU A OE1 1 
ATOM   303  O  OE2 . GLU A 1 37  ? 7.590   -1.762  5.398   1.00 58.82  ? 36  GLU A OE2 1 
ATOM   304  N  N   . ARG A 1 38  ? 4.044   3.046   7.310   1.00 54.66  ? 37  ARG A N   1 
ATOM   305  C  CA  . ARG A 1 38  ? 4.139   4.437   7.798   1.00 60.33  ? 37  ARG A CA  1 
ATOM   306  C  C   . ARG A 1 38  ? 5.494   5.015   7.371   1.00 60.40  ? 37  ARG A C   1 
ATOM   307  O  O   . ARG A 1 38  ? 6.550   4.309   7.510   1.00 56.42  ? 37  ARG A O   1 
ATOM   308  C  CB  . ARG A 1 38  ? 3.974   4.533   9.312   1.00 58.34  ? 37  ARG A CB  1 
ATOM   309  C  CG  . ARG A 1 38  ? 3.844   5.984   9.745   1.00 61.79  ? 37  ARG A CG  1 
ATOM   310  C  CD  . ARG A 1 38  ? 3.388   6.149   11.164  1.00 69.52  ? 37  ARG A CD  1 
ATOM   311  N  NE  . ARG A 1 38  ? 4.344   5.581   12.091  1.00 76.16  ? 37  ARG A NE  1 
ATOM   312  C  CZ  . ARG A 1 38  ? 4.433   5.912   13.372  1.00 78.23  ? 37  ARG A CZ  1 
ATOM   313  N  NH1 . ARG A 1 38  ? 3.641   6.841   13.888  1.00 73.99  ? 37  ARG A NH1 1 
ATOM   314  N  NH2 . ARG A 1 38  ? 5.331   5.309   14.129  1.00 82.71  ? 37  ARG A NH2 1 
ATOM   315  N  N   . TYR A 1 39  ? 5.451   6.239   6.840   1.00 59.92  ? 38  TYR A N   1 
ATOM   316  C  CA  . TYR A 1 39  ? 6.632   7.091   6.571   1.00 63.48  ? 38  TYR A CA  1 
ATOM   317  C  C   . TYR A 1 39  ? 7.541   7.064   7.805   1.00 66.57  ? 38  TYR A C   1 
ATOM   318  O  O   . TYR A 1 39  ? 7.015   7.274   8.927   1.00 54.26  ? 38  TYR A O   1 
ATOM   319  C  CB  . TYR A 1 39  ? 6.191   8.520   6.276   1.00 72.39  ? 38  TYR A CB  1 
ATOM   320  C  CG  . TYR A 1 39  ? 7.354   9.458   6.112   1.00 80.22  ? 38  TYR A CG  1 
ATOM   321  C  CD1 . TYR A 1 39  ? 8.360   9.173   5.200   1.00 83.57  ? 38  TYR A CD1 1 
ATOM   322  C  CD2 . TYR A 1 39  ? 7.442   10.620  6.859   1.00 86.30  ? 38  TYR A CD2 1 
ATOM   323  C  CE1 . TYR A 1 39  ? 9.433   10.028  5.033   1.00 100.19 ? 38  TYR A CE1 1 
ATOM   324  C  CE2 . TYR A 1 39  ? 8.505   11.493  6.694   1.00 99.93  ? 38  TYR A CE2 1 
ATOM   325  C  CZ  . TYR A 1 39  ? 9.507   11.188  5.787   1.00 107.71 ? 38  TYR A CZ  1 
ATOM   326  O  OH  . TYR A 1 39  ? 10.566  12.027  5.616   1.00 125.53 ? 38  TYR A OH  1 
ATOM   327  N  N   . LYS A 1 40  ? 8.836   6.775   7.630   1.00 71.87  ? 39  LYS A N   1 
ATOM   328  C  CA  . LYS A 1 40  ? 9.777   6.614   8.772   1.00 76.56  ? 39  LYS A CA  1 
ATOM   329  C  C   . LYS A 1 40  ? 9.826   7.941   9.546   1.00 69.17  ? 39  LYS A C   1 
ATOM   330  O  O   . LYS A 1 40  ? 9.919   7.864   10.768  1.00 63.49  ? 39  LYS A O   1 
ATOM   331  C  CB  . LYS A 1 40  ? 11.144  6.101   8.307   1.00 87.65  ? 39  LYS A CB  1 
ATOM   332  C  CG  . LYS A 1 40  ? 12.061  7.133   7.656   1.00 102.67 ? 39  LYS A CG  1 
ATOM   333  C  CD  . LYS A 1 40  ? 13.393  6.564   7.184   1.00 107.42 ? 39  LYS A CD  1 
ATOM   334  C  CE  . LYS A 1 40  ? 14.119  5.746   8.236   1.00 115.80 ? 39  LYS A CE  1 
ATOM   335  N  NZ  . LYS A 1 40  ? 14.376  6.530   9.468   1.00 116.19 ? 39  LYS A NZ  1 
ATOM   336  N  N   . GLY A 1 41  ? 9.650   9.096   8.880   1.00 66.72  ? 40  GLY A N   1 
ATOM   337  C  CA  . GLY A 1 41  ? 9.586   10.424  9.530   1.00 69.07  ? 40  GLY A CA  1 
ATOM   338  C  C   . GLY A 1 41  ? 8.260   10.771  10.229  1.00 80.73  ? 40  GLY A C   1 
ATOM   339  O  O   . GLY A 1 41  ? 8.148   11.926  10.699  1.00 87.26  ? 40  GLY A O   1 
ATOM   340  N  N   . GLU A 1 42  ? 7.280   9.863   10.354  1.00 75.20  ? 41  GLU A N   1 
ATOM   341  C  CA  . GLU A 1 42  ? 5.884   10.247  10.734  1.00 79.93  ? 41  GLU A CA  1 
ATOM   342  C  C   . GLU A 1 42  ? 5.694   10.349  12.259  1.00 81.18  ? 41  GLU A C   1 
ATOM   343  O  O   . GLU A 1 42  ? 6.010   9.364   12.970  1.00 78.13  ? 41  GLU A O   1 
ATOM   344  C  CB  . GLU A 1 42  ? 4.856   9.258   10.170  1.00 79.22  ? 41  GLU A CB  1 
ATOM   345  C  CG  . GLU A 1 42  ? 3.420   9.559   10.593  1.00 62.41  ? 41  GLU A CG  1 
ATOM   346  C  CD  . GLU A 1 42  ? 2.834   10.875  10.107  1.00 54.79  ? 41  GLU A CD  1 
ATOM   347  O  OE1 . GLU A 1 42  ? 3.211   11.339  9.010   1.00 57.33  ? 41  GLU A OE1 1 
ATOM   348  O  OE2 . GLU A 1 42  ? 1.955   11.421  10.825  1.00 56.18  ? 41  GLU A OE2 1 
ATOM   349  N  N   . LYS A 1 43  ? 5.073   11.449  12.715  1.00 87.56  ? 42  LYS A N   1 
ATOM   350  C  CA  . LYS A 1 43  ? 4.800   11.747  14.153  1.00 98.54  ? 42  LYS A CA  1 
ATOM   351  C  C   . LYS A 1 43  ? 3.312   11.593  14.496  1.00 94.29  ? 42  LYS A C   1 
ATOM   352  O  O   . LYS A 1 43  ? 3.033   11.005  15.564  1.00 92.46  ? 42  LYS A O   1 
ATOM   353  C  CB  . LYS A 1 43  ? 5.301   13.151  14.509  1.00 101.70 ? 42  LYS A CB  1 
ATOM   354  C  CG  . LYS A 1 43  ? 6.805   13.342  14.357  1.00 113.38 ? 42  LYS A CG  1 
ATOM   355  C  CD  . LYS A 1 43  ? 7.602   12.126  14.809  1.00 120.48 ? 42  LYS A CD  1 
ATOM   356  C  CE  . LYS A 1 43  ? 9.068   12.163  14.436  1.00 117.38 ? 42  LYS A CE  1 
ATOM   357  N  NZ  . LYS A 1 43  ? 9.612   10.787  14.376  1.00 121.95 ? 42  LYS A NZ  1 
ATOM   358  N  N   . GLN A 1 44  ? 2.405   12.083  13.639  1.00 87.33  ? 43  GLN A N   1 
ATOM   359  C  CA  . GLN A 1 44  ? 0.942   12.217  13.920  1.00 87.74  ? 43  GLN A CA  1 
ATOM   360  C  C   . GLN A 1 44  ? 0.213   10.856  13.870  1.00 82.39  ? 43  GLN A C   1 
ATOM   361  O  O   . GLN A 1 44  ? -0.452  10.526  14.873  1.00 81.10  ? 43  GLN A O   1 
ATOM   362  C  CB  . GLN A 1 44  ? 0.287   13.212  12.949  1.00 98.10  ? 43  GLN A CB  1 
ATOM   363  C  CG  . GLN A 1 44  ? 0.933   14.592  12.947  1.00 111.32 ? 43  GLN A CG  1 
ATOM   364  C  CD  . GLN A 1 44  ? 1.141   15.124  14.344  1.00 126.77 ? 43  GLN A CD  1 
ATOM   365  O  OE1 . GLN A 1 44  ? 0.191   15.303  15.106  1.00 151.12 ? 43  GLN A OE1 1 
ATOM   366  N  NE2 . GLN A 1 44  ? 2.393   15.371  14.697  1.00 130.19 ? 43  GLN A NE2 1 
ATOM   367  N  N   . LEU A 1 45  ? 0.299   10.099  12.765  1.00 71.57  ? 44  LEU A N   1 
ATOM   368  C  CA  . LEU A 1 45  ? -0.597  8.938   12.479  1.00 64.13  ? 44  LEU A CA  1 
ATOM   369  C  C   . LEU A 1 45  ? -0.076  7.660   13.143  1.00 60.74  ? 44  LEU A C   1 
ATOM   370  O  O   . LEU A 1 45  ? 1.132   7.435   13.253  1.00 63.37  ? 44  LEU A O   1 
ATOM   371  C  CB  . LEU A 1 45  ? -0.707  8.748   10.962  1.00 69.84  ? 44  LEU A CB  1 
ATOM   372  C  CG  . LEU A 1 45  ? -1.222  9.941   10.159  1.00 68.90  ? 44  LEU A CG  1 
ATOM   373  C  CD1 . LEU A 1 45  ? -0.996  9.723   8.672   1.00 67.29  ? 44  LEU A CD1 1 
ATOM   374  C  CD2 . LEU A 1 45  ? -2.692  10.206  10.444  1.00 73.46  ? 44  LEU A CD2 1 
ATOM   375  N  N   . PRO A 1 46  ? -0.975  6.753   13.591  1.00 61.12  ? 45  PRO A N   1 
ATOM   376  C  CA  . PRO A 1 46  ? -0.553  5.477   14.165  1.00 60.85  ? 45  PRO A CA  1 
ATOM   377  C  C   . PRO A 1 46  ? 0.121   4.574   13.124  1.00 63.65  ? 45  PRO A C   1 
ATOM   378  O  O   . PRO A 1 46  ? 0.043   4.872   11.952  1.00 68.84  ? 45  PRO A O   1 
ATOM   379  C  CB  . PRO A 1 46  ? -1.825  4.800   14.686  1.00 61.08  ? 45  PRO A CB  1 
ATOM   380  C  CG  . PRO A 1 46  ? -2.985  5.723   14.321  1.00 61.13  ? 45  PRO A CG  1 
ATOM   381  C  CD  . PRO A 1 46  ? -2.430  6.940   13.612  1.00 60.37  ? 45  PRO A CD  1 
ATOM   382  N  N   . VAL A 1 47  ? 0.769   3.498   13.566  1.00 60.21  ? 46  VAL A N   1 
ATOM   383  C  CA  . VAL A 1 47  ? 1.201   2.416   12.635  1.00 65.50  ? 46  VAL A CA  1 
ATOM   384  C  C   . VAL A 1 47  ? -0.002  1.486   12.417  1.00 60.93  ? 46  VAL A C   1 
ATOM   385  O  O   . VAL A 1 47  ? -0.884  1.432   13.312  1.00 55.36  ? 46  VAL A O   1 
ATOM   386  C  CB  . VAL A 1 47  ? 2.453   1.646   13.104  1.00 64.50  ? 46  VAL A CB  1 
ATOM   387  C  CG1 . VAL A 1 47  ? 3.656   2.563   13.192  1.00 63.67  ? 46  VAL A CG1 1 
ATOM   388  C  CG2 . VAL A 1 47  ? 2.240   0.874   14.401  1.00 66.57  ? 46  VAL A CG2 1 
ATOM   389  N  N   . LEU A 1 48  ? -0.039  0.788   11.277  1.00 57.11  ? 47  LEU A N   1 
ATOM   390  C  CA  . LEU A 1 48  ? -1.110  -0.198  10.969  1.00 52.44  ? 47  LEU A CA  1 
ATOM   391  C  C   . LEU A 1 48  ? -0.878  -1.456  11.806  1.00 55.35  ? 47  LEU A C   1 
ATOM   392  O  O   . LEU A 1 48  ? 0.256   -1.708  12.247  1.00 57.86  ? 47  LEU A O   1 
ATOM   393  C  CB  . LEU A 1 48  ? -1.101  -0.540  9.475   1.00 53.94  ? 47  LEU A CB  1 
ATOM   394  C  CG  . LEU A 1 48  ? -1.518  0.591   8.537   1.00 49.93  ? 47  LEU A CG  1 
ATOM   395  C  CD1 . LEU A 1 48  ? -1.029  0.326   7.127   1.00 50.04  ? 47  LEU A CD1 1 
ATOM   396  C  CD2 . LEU A 1 48  ? -3.012  0.768   8.534   1.00 50.92  ? 47  LEU A CD2 1 
ATOM   397  N  N   . ASP A 1 49  ? -1.939  -2.224  11.980  1.00 54.50  ? 48  ASP A N   1 
ATOM   398  C  CA  . ASP A 1 49  ? -1.924  -3.521  12.685  1.00 51.16  ? 48  ASP A CA  1 
ATOM   399  C  C   . ASP A 1 49  ? -1.165  -4.537  11.818  1.00 53.43  ? 48  ASP A C   1 
ATOM   400  O  O   . ASP A 1 49  ? -0.807  -5.591  12.350  1.00 51.38  ? 48  ASP A O   1 
ATOM   401  C  CB  . ASP A 1 49  ? -3.357  -3.887  13.070  1.00 55.44  ? 48  ASP A CB  1 
ATOM   402  C  CG  . ASP A 1 49  ? -4.315  -4.008  11.887  1.00 61.70  ? 48  ASP A CG  1 
ATOM   403  O  OD1 . ASP A 1 49  ? -4.804  -5.131  11.688  1.00 64.47  ? 48  ASP A OD1 1 
ATOM   404  O  OD2 . ASP A 1 49  ? -4.557  -2.981  11.165  1.00 52.97  ? 48  ASP A OD2 1 
ATOM   405  N  N   . LYS A 1 50  ? -0.933  -4.256  10.521  1.00 49.96  ? 49  LYS A N   1 
ATOM   406  C  CA  . LYS A 1 50  ? -0.216  -5.196  9.629   1.00 48.24  ? 49  LYS A CA  1 
ATOM   407  C  C   . LYS A 1 50  ? 0.390   -4.410  8.471   1.00 43.26  ? 49  LYS A C   1 
ATOM   408  O  O   . LYS A 1 50  ? 0.198   -3.198  8.392   1.00 43.62  ? 49  LYS A O   1 
ATOM   409  C  CB  . LYS A 1 50  ? -1.139  -6.352  9.217   1.00 47.42  ? 49  LYS A CB  1 
ATOM   410  C  CG  . LYS A 1 50  ? -2.233  -6.019  8.200   1.00 49.78  ? 49  LYS A CG  1 
ATOM   411  C  CD  . LYS A 1 50  ? -3.100  -7.213  7.849   1.00 50.75  ? 49  LYS A CD  1 
ATOM   412  C  CE  . LYS A 1 50  ? -4.118  -6.960  6.745   1.00 51.11  ? 49  LYS A CE  1 
ATOM   413  N  NZ  . LYS A 1 50  ? -4.444  -8.221  6.038   1.00 49.05  ? 49  LYS A NZ  1 
ATOM   414  N  N   A THR A 1 51  ? 1.129   -5.079  7.580   0.06 43.40  ? 50  THR A N   1 
ATOM   415  N  N   B THR A 1 51  ? 1.122   -5.128  7.614   0.45 45.58  ? 50  THR A N   1 
ATOM   416  C  CA  A THR A 1 51  ? 1.824   -4.416  6.441   0.06 42.83  ? 50  THR A CA  1 
ATOM   417  C  CA  B THR A 1 51  ? 1.952   -4.580  6.508   0.45 47.99  ? 50  THR A CA  1 
ATOM   418  C  C   A THR A 1 51  ? 1.366   -4.996  5.095   0.06 42.03  ? 50  THR A C   1 
ATOM   419  C  C   B THR A 1 51  ? 1.384   -5.006  5.144   0.45 41.13  ? 50  THR A C   1 
ATOM   420  O  O   A THR A 1 51  ? 1.327   -4.212  4.127   0.06 42.20  ? 50  THR A O   1 
ATOM   421  O  O   B THR A 1 51  ? 1.345   -4.158  4.226   0.45 41.22  ? 50  THR A O   1 
ATOM   422  C  CB  A THR A 1 51  ? 3.347   -4.469  6.624   0.06 42.44  ? 50  THR A CB  1 
ATOM   423  C  CB  B THR A 1 51  ? 3.405   -5.054  6.675   0.45 49.61  ? 50  THR A CB  1 
ATOM   424  O  OG1 A THR A 1 51  ? 3.943   -3.699  5.579   0.06 41.71  ? 50  THR A OG1 1 
ATOM   425  O  OG1 B THR A 1 51  ? 3.876   -4.567  7.934   0.45 56.85  ? 50  THR A OG1 1 
ATOM   426  C  CG2 A THR A 1 51  ? 3.895   -5.878  6.619   0.06 42.04  ? 50  THR A CG2 1 
ATOM   427  C  CG2 B THR A 1 51  ? 4.317   -4.590  5.562   0.45 50.31  ? 50  THR A CG2 1 
ATOM   428  N  N   . LYS A 1 52  ? 1.037   -6.293  5.020   1.00 42.94  ? 51  LYS A N   1 
ATOM   429  C  CA  . LYS A 1 52  ? 0.618   -6.941  3.745   1.00 40.48  ? 51  LYS A CA  1 
ATOM   430  C  C   . LYS A 1 52  ? -0.926  -7.006  3.625   1.00 42.10  ? 51  LYS A C   1 
ATOM   431  O  O   . LYS A 1 52  ? -1.584  -7.690  4.464   1.00 37.88  ? 51  LYS A O   1 
ATOM   432  C  CB  . LYS A 1 52  ? 1.265   -8.320  3.677   1.00 39.74  ? 51  LYS A CB  1 
ATOM   433  C  CG  . LYS A 1 52  ? 1.133   -8.986  2.326   1.00 46.66  ? 51  LYS A CG  1 
ATOM   434  C  CD  . LYS A 1 52  ? 1.849   -10.297 2.277   1.00 51.70  ? 51  LYS A CD  1 
ATOM   435  C  CE  . LYS A 1 52  ? 1.231   -11.347 3.181   1.00 52.46  ? 51  LYS A CE  1 
ATOM   436  N  NZ  . LYS A 1 52  ? 1.879   -12.657 2.936   1.00 55.27  ? 51  LYS A NZ  1 
ATOM   437  N  N   . PHE A 1 53  ? -1.484  -6.349  2.604   1.00 39.41  ? 52  PHE A N   1 
ATOM   438  C  CA  . PHE A 1 53  ? -2.942  -6.185  2.361   1.00 35.60  ? 52  PHE A CA  1 
ATOM   439  C  C   . PHE A 1 53  ? -3.283  -6.819  1.006   1.00 34.17  ? 52  PHE A C   1 
ATOM   440  O  O   . PHE A 1 53  ? -2.552  -6.622  0.026   1.00 34.53  ? 52  PHE A O   1 
ATOM   441  C  CB  . PHE A 1 53  ? -3.317  -4.706  2.385   1.00 33.50  ? 52  PHE A CB  1 
ATOM   442  C  CG  . PHE A 1 53  ? -3.180  -4.095  3.749   1.00 40.75  ? 52  PHE A CG  1 
ATOM   443  C  CD1 . PHE A 1 53  ? -1.936  -3.678  4.201   1.00 38.81  ? 52  PHE A CD1 1 
ATOM   444  C  CD2 . PHE A 1 53  ? -4.268  -4.007  4.607   1.00 43.31  ? 52  PHE A CD2 1 
ATOM   445  C  CE1 . PHE A 1 53  ? -1.784  -3.159  5.476   1.00 44.31  ? 52  PHE A CE1 1 
ATOM   446  C  CE2 . PHE A 1 53  ? -4.109  -3.501  5.892   1.00 46.67  ? 52  PHE A CE2 1 
ATOM   447  C  CZ  . PHE A 1 53  ? -2.870  -3.067  6.310   1.00 40.66  ? 52  PHE A CZ  1 
ATOM   448  N  N   . LEU A 1 54  ? -4.236  -7.738  0.993   1.00 32.81  ? 53  LEU A N   1 
ATOM   449  C  CA  . LEU A 1 54  ? -4.777  -8.334  -0.232  1.00 31.73  ? 53  LEU A CA  1 
ATOM   450  C  C   . LEU A 1 54  ? -6.006  -7.534  -0.634  1.00 33.90  ? 53  LEU A C   1 
ATOM   451  O  O   . LEU A 1 54  ? -7.055  -7.730  -0.076  1.00 34.98  ? 53  LEU A O   1 
ATOM   452  C  CB  . LEU A 1 54  ? -5.030  -9.832  0.000   1.00 33.89  ? 53  LEU A CB  1 
ATOM   453  C  CG  . LEU A 1 54  ? -3.779  -10.658 0.334   1.00 39.89  ? 53  LEU A CG  1 
ATOM   454  C  CD1 . LEU A 1 54  ? -4.022  -12.126 0.063   1.00 42.04  ? 53  LEU A CD1 1 
ATOM   455  C  CD2 . LEU A 1 54  ? -2.557  -10.207 -0.462  1.00 40.41  ? 53  LEU A CD2 1 
ATOM   456  N  N   . VAL A 1 55  ? -5.860  -6.673  -1.624  1.00 29.80  ? 54  VAL A N   1 
ATOM   457  C  CA  . VAL A 1 55  ? -6.908  -5.670  -2.008  1.00 28.43  ? 54  VAL A CA  1 
ATOM   458  C  C   . VAL A 1 55  ? -7.672  -6.198  -3.219  1.00 24.94  ? 54  VAL A C   1 
ATOM   459  O  O   . VAL A 1 55  ? -7.093  -6.565  -4.220  1.00 31.16  ? 54  VAL A O   1 
ATOM   460  C  CB  . VAL A 1 55  ? -6.282  -4.285  -2.244  1.00 29.13  ? 54  VAL A CB  1 
ATOM   461  C  CG1 . VAL A 1 55  ? -7.359  -3.255  -2.594  1.00 27.54  ? 54  VAL A CG1 1 
ATOM   462  C  CG2 . VAL A 1 55  ? -5.487  -3.814  -1.044  1.00 35.44  ? 54  VAL A CG2 1 
ATOM   463  N  N   . PRO A 1 56  ? -9.021  -6.326  -3.180  1.00 32.40  ? 55  PRO A N   1 
ATOM   464  C  CA  . PRO A 1 56  ? -9.791  -6.664  -4.385  1.00 29.45  ? 55  PRO A CA  1 
ATOM   465  C  C   . PRO A 1 56  ? -9.415  -5.763  -5.558  1.00 30.45  ? 55  PRO A C   1 
ATOM   466  O  O   . PRO A 1 56  ? -9.435  -4.537  -5.367  1.00 29.48  ? 55  PRO A O   1 
ATOM   467  C  CB  . PRO A 1 56  ? -11.244 -6.386  -3.985  1.00 31.63  ? 55  PRO A CB  1 
ATOM   468  C  CG  . PRO A 1 56  ? -11.192 -6.595  -2.492  1.00 36.07  ? 55  PRO A CG  1 
ATOM   469  C  CD  . PRO A 1 56  ? -9.881  -5.995  -2.034  1.00 31.48  ? 55  PRO A CD  1 
ATOM   470  N  N   . ASP A 1 57  ? -9.219  -6.347  -6.743  1.00 30.89  ? 56  ASP A N   1 
ATOM   471  C  CA  . ASP A 1 57  ? -8.525  -5.698  -7.877  1.00 29.43  ? 56  ASP A CA  1 
ATOM   472  C  C   . ASP A 1 57  ? -9.415  -4.631  -8.577  1.00 27.90  ? 56  ASP A C   1 
ATOM   473  O  O   . ASP A 1 57  ? -8.865  -3.891  -9.425  1.00 30.68  ? 56  ASP A O   1 
ATOM   474  C  CB  . ASP A 1 57  ? -7.933  -6.754  -8.799  1.00 30.12  ? 56  ASP A CB  1 
ATOM   475  C  CG  . ASP A 1 57  ? -8.885  -7.354  -9.841  1.00 32.69  ? 56  ASP A CG  1 
ATOM   476  O  OD1 . ASP A 1 57  ? -10.062 -7.365  -9.576  1.00 33.69  ? 56  ASP A OD1 1 
ATOM   477  O  OD2 . ASP A 1 57  ? -8.406  -7.817  -10.871 1.00 36.35  ? 56  ASP A OD2 1 
ATOM   478  N  N   . HIS A 1 58  ? -10.681 -4.531  -8.217  1.00 27.42  ? 57  HIS A N   1 
ATOM   479  C  CA  . HIS A 1 58  ? -11.691 -3.614  -8.844  1.00 33.55  ? 57  HIS A CA  1 
ATOM   480  C  C   . HIS A 1 58  ? -11.856 -2.347  -8.006  1.00 32.20  ? 57  HIS A C   1 
ATOM   481  O  O   . HIS A 1 58  ? -12.479 -1.357  -8.535  1.00 35.71  ? 57  HIS A O   1 
ATOM   482  C  CB  . HIS A 1 58  ? -13.075 -4.281  -9.015  1.00 37.34  ? 57  HIS A CB  1 
ATOM   483  C  CG  . HIS A 1 58  ? -13.695 -4.656  -7.717  1.00 37.45  ? 57  HIS A CG  1 
ATOM   484  N  ND1 . HIS A 1 58  ? -14.499 -3.778  -6.998  1.00 41.25  ? 57  HIS A ND1 1 
ATOM   485  C  CD2 . HIS A 1 58  ? -13.552 -5.772  -6.959  1.00 37.63  ? 57  HIS A CD2 1 
ATOM   486  C  CE1 . HIS A 1 58  ? -14.853 -4.348  -5.861  1.00 46.93  ? 57  HIS A CE1 1 
ATOM   487  N  NE2 . HIS A 1 58  ? -14.292 -5.580  -5.831  1.00 43.12  ? 57  HIS A NE2 1 
ATOM   488  N  N   . VAL A 1 59  ? -11.327 -2.283  -6.782  1.00 28.68  ? 58  VAL A N   1 
ATOM   489  C  CA  . VAL A 1 59  ? -11.507 -1.031  -5.975  1.00 35.39  ? 58  VAL A CA  1 
ATOM   490  C  C   . VAL A 1 59  ? -10.589 0.079   -6.558  1.00 32.61  ? 58  VAL A C   1 
ATOM   491  O  O   . VAL A 1 59  ? -9.433  -0.203  -6.973  1.00 31.64  ? 58  VAL A O   1 
ATOM   492  C  CB  . VAL A 1 59  ? -11.306 -1.215  -4.451  1.00 39.76  ? 58  VAL A CB  1 
ATOM   493  C  CG1 . VAL A 1 59  ? -12.036 -2.453  -3.910  1.00 40.81  ? 58  VAL A CG1 1 
ATOM   494  C  CG2 . VAL A 1 59  ? -9.857  -1.230  -4.092  1.00 44.13  ? 58  VAL A CG2 1 
ATOM   495  N  N   . ASN A 1 60  ? -11.051 1.329   -6.609  1.00 36.82  ? 59  ASN A N   1 
ATOM   496  C  CA  . ASN A 1 60  ? -10.176 2.431   -7.104  1.00 32.87  ? 59  ASN A CA  1 
ATOM   497  C  C   . ASN A 1 60  ? -9.375  3.045   -5.959  1.00 36.10  ? 59  ASN A C   1 
ATOM   498  O  O   . ASN A 1 60  ? -9.588  2.703   -4.808  1.00 28.29  ? 59  ASN A O   1 
ATOM   499  C  CB  . ASN A 1 60  ? -10.984 3.463   -7.891  1.00 37.30  ? 59  ASN A CB  1 
ATOM   500  C  CG  . ASN A 1 60  ? -11.992 4.230   -7.070  1.00 38.02  ? 59  ASN A CG  1 
ATOM   501  O  OD1 . ASN A 1 60  ? -11.936 4.313   -5.838  1.00 42.31  ? 59  ASN A OD1 1 
ATOM   502  N  ND2 . ASN A 1 60  ? -12.938 4.812   -7.771  1.00 46.14  ? 59  ASN A ND2 1 
ATOM   503  N  N   . MET A 1 61  ? -8.392  3.890   -6.283  1.00 33.87  ? 60  MET A N   1 
ATOM   504  C  CA  . MET A 1 61  ? -7.463  4.411   -5.269  1.00 33.52  ? 60  MET A CA  1 
ATOM   505  C  C   . MET A 1 61  ? -8.214  5.208   -4.217  1.00 32.15  ? 60  MET A C   1 
ATOM   506  O  O   . MET A 1 61  ? -7.809  5.155   -3.067  1.00 32.28  ? 60  MET A O   1 
ATOM   507  C  CB  . MET A 1 61  ? -6.372  5.297   -5.893  1.00 38.73  ? 60  MET A CB  1 
ATOM   508  C  CG  . MET A 1 61  ? -5.374  4.513   -6.745  1.00 38.82  ? 60  MET A CG  1 
ATOM   509  S  SD  . MET A 1 61  ? -4.661  3.102   -5.884  1.00 46.71  ? 60  MET A SD  1 
ATOM   510  C  CE  . MET A 1 61  ? -3.996  3.848   -4.409  1.00 43.92  ? 60  MET A CE  1 
ATOM   511  N  N   A SER A 1 62  ? -9.245  5.958   -4.626  0.47 33.91  ? 61  SER A N   1 
ATOM   512  N  N   B SER A 1 62  ? -9.256  5.944   -4.625  0.04 32.72  ? 61  SER A N   1 
ATOM   513  C  CA  A SER A 1 62  ? -10.094 6.779   -3.730  0.47 36.61  ? 61  SER A CA  1 
ATOM   514  C  CA  B SER A 1 62  ? -10.109 6.785   -3.743  0.04 32.97  ? 61  SER A CA  1 
ATOM   515  C  C   A SER A 1 62  ? -10.718 5.889   -2.644  0.47 35.26  ? 61  SER A C   1 
ATOM   516  C  C   B SER A 1 62  ? -10.757 5.910   -2.663  0.04 33.08  ? 61  SER A C   1 
ATOM   517  O  O   A SER A 1 62  ? -10.633 6.249   -1.446  0.47 31.88  ? 61  SER A O   1 
ATOM   518  O  O   B SER A 1 62  ? -10.774 6.340   -1.494  0.04 33.19  ? 61  SER A O   1 
ATOM   519  C  CB  A SER A 1 62  ? -11.144 7.497   -4.510  0.47 42.73  ? 61  SER A CB  1 
ATOM   520  C  CB  B SER A 1 62  ? -11.141 7.554   -4.535  0.04 33.34  ? 61  SER A CB  1 
ATOM   521  O  OG  A SER A 1 62  ? -11.985 8.196   -3.623  0.47 43.64  ? 61  SER A OG  1 
ATOM   522  O  OG  B SER A 1 62  ? -12.170 6.703   -5.014  0.04 32.81  ? 61  SER A OG  1 
ATOM   523  N  N   . GLU A 1 63  ? -11.249 4.722   -3.034  1.00 33.26  ? 62  GLU A N   1 
ATOM   524  C  CA  . GLU A 1 63  ? -11.792 3.747   -2.046  1.00 31.90  ? 62  GLU A CA  1 
ATOM   525  C  C   . GLU A 1 63  ? -10.639 3.164   -1.211  1.00 29.68  ? 62  GLU A C   1 
ATOM   526  O  O   . GLU A 1 63  ? -10.824 2.960   -0.045  1.00 28.77  ? 62  GLU A O   1 
ATOM   527  C  CB  . GLU A 1 63  ? -12.641 2.682   -2.763  1.00 31.29  ? 62  GLU A CB  1 
ATOM   528  C  CG  . GLU A 1 63  ? -13.165 1.596   -1.854  1.00 29.77  ? 62  GLU A CG  1 
ATOM   529  C  CD  . GLU A 1 63  ? -13.941 2.093   -0.639  1.00 30.77  ? 62  GLU A CD  1 
ATOM   530  O  OE1 . GLU A 1 63  ? -14.519 3.241   -0.736  1.00 32.33  ? 62  GLU A OE1 1 
ATOM   531  O  OE2 . GLU A 1 63  ? -13.984 1.359   0.413   1.00 29.54  ? 62  GLU A OE2 1 
ATOM   532  N  N   . LEU A 1 64  ? -9.452  2.870   -1.750  1.00 33.75  ? 63  LEU A N   1 
ATOM   533  C  CA  . LEU A 1 64  ? -8.359  2.330   -0.903  1.00 33.55  ? 63  LEU A CA  1 
ATOM   534  C  C   . LEU A 1 64  ? -7.926  3.349   0.172   1.00 31.65  ? 63  LEU A C   1 
ATOM   535  O  O   . LEU A 1 64  ? -7.634  2.927   1.334   1.00 33.25  ? 63  LEU A O   1 
ATOM   536  C  CB  . LEU A 1 64  ? -7.177  1.894   -1.766  1.00 34.31  ? 63  LEU A CB  1 
ATOM   537  C  CG  . LEU A 1 64  ? -6.008  1.335   -0.956  1.00 38.66  ? 63  LEU A CG  1 
ATOM   538  C  CD1 . LEU A 1 64  ? -6.447  0.223   0.024   1.00 38.51  ? 63  LEU A CD1 1 
ATOM   539  C  CD2 . LEU A 1 64  ? -4.898  0.831   -1.857  1.00 39.54  ? 63  LEU A CD2 1 
ATOM   540  N  N   . ILE A 1 65  ? -7.935  4.641   -0.143  1.00 36.93  ? 64  ILE A N   1 
ATOM   541  C  CA  . ILE A 1 65  ? -7.643  5.714   0.866   1.00 35.07  ? 64  ILE A CA  1 
ATOM   542  C  C   . ILE A 1 65  ? -8.679  5.639   1.975   1.00 35.37  ? 64  ILE A C   1 
ATOM   543  O  O   . ILE A 1 65  ? -8.286  5.607   3.157   1.00 38.87  ? 64  ILE A O   1 
ATOM   544  C  CB  . ILE A 1 65  ? -7.578  7.106   0.195   1.00 40.41  ? 64  ILE A CB  1 
ATOM   545  C  CG1 . ILE A 1 65  ? -6.342  7.215   -0.711  1.00 44.61  ? 64  ILE A CG1 1 
ATOM   546  C  CG2 . ILE A 1 65  ? -7.633  8.234   1.234   1.00 45.60  ? 64  ILE A CG2 1 
ATOM   547  C  CD1 . ILE A 1 65  ? -6.458  8.267   -1.800  1.00 44.61  ? 64  ILE A CD1 1 
ATOM   548  N  N   . LYS A 1 66  ? -9.968  5.555   1.627   1.00 38.93  ? 65  LYS A N   1 
ATOM   549  C  CA  . LYS A 1 66  ? -11.061 5.388   2.623   1.00 35.61  ? 65  LYS A CA  1 
ATOM   550  C  C   . LYS A 1 66  ? -10.857 4.157   3.509   1.00 36.20  ? 65  LYS A C   1 
ATOM   551  O  O   . LYS A 1 66  ? -11.133 4.222   4.725   1.00 31.70  ? 65  LYS A O   1 
ATOM   552  C  CB  . LYS A 1 66  ? -12.381 5.325   1.878   1.00 36.92  ? 65  LYS A CB  1 
ATOM   553  C  CG  . LYS A 1 66  ? -12.756 6.675   1.312   1.00 40.83  ? 65  LYS A CG  1 
ATOM   554  C  CD  . LYS A 1 66  ? -14.127 6.761   0.752   1.00 40.75  ? 65  LYS A CD  1 
ATOM   555  C  CE  . LYS A 1 66  ? -14.336 8.149   0.167   1.00 51.70  ? 65  LYS A CE  1 
ATOM   556  N  NZ  . LYS A 1 66  ? -14.706 8.064   -1.262  1.00 60.07  ? 65  LYS A NZ  1 
ATOM   557  N  N   . ILE A 1 67  ? -10.430 3.063   2.915   1.00 34.23  ? 66  ILE A N   1 
ATOM   558  C  CA  . ILE A 1 67  ? -10.226 1.783   3.640   1.00 32.23  ? 66  ILE A CA  1 
ATOM   559  C  C   . ILE A 1 67  ? -9.139  1.960   4.708   1.00 37.25  ? 66  ILE A C   1 
ATOM   560  O  O   . ILE A 1 67  ? -9.326  1.513   5.837   1.00 37.06  ? 66  ILE A O   1 
ATOM   561  C  CB  . ILE A 1 67  ? -9.858  0.704   2.627   1.00 31.47  ? 66  ILE A CB  1 
ATOM   562  C  CG1 . ILE A 1 67  ? -11.063 0.329   1.745   1.00 32.18  ? 66  ILE A CG1 1 
ATOM   563  C  CG2 . ILE A 1 67  ? -9.267  -0.499  3.334   1.00 33.70  ? 66  ILE A CG2 1 
ATOM   564  C  CD1 . ILE A 1 67  ? -10.723 -0.657  0.620   1.00 32.35  ? 66  ILE A CD1 1 
ATOM   565  N  N   A ILE A 1 68  ? -8.012  2.576   4.347   0.17 37.72  ? 67  ILE A N   1 
ATOM   566  N  N   B ILE A 1 68  ? -8.012  2.562   4.326   0.34 39.71  ? 67  ILE A N   1 
ATOM   567  C  CA  A ILE A 1 68  ? -6.835  2.719   5.259   0.17 38.49  ? 67  ILE A CA  1 
ATOM   568  C  CA  B ILE A 1 68  ? -6.828  2.739   5.224   0.34 41.71  ? 67  ILE A CA  1 
ATOM   569  C  C   A ILE A 1 68  ? -7.134  3.785   6.327   0.17 40.36  ? 67  ILE A C   1 
ATOM   570  C  C   B ILE A 1 68  ? -7.171  3.760   6.325   0.34 43.14  ? 67  ILE A C   1 
ATOM   571  O  O   A ILE A 1 68  ? -6.707  3.578   7.481   0.17 41.62  ? 67  ILE A O   1 
ATOM   572  O  O   B ILE A 1 68  ? -6.846  3.480   7.499   0.34 44.27  ? 67  ILE A O   1 
ATOM   573  C  CB  A ILE A 1 68  ? -5.542  3.012   4.478   0.17 38.48  ? 67  ILE A CB  1 
ATOM   574  C  CB  B ILE A 1 68  ? -5.568  3.131   4.429   0.34 44.39  ? 67  ILE A CB  1 
ATOM   575  C  CG1 A ILE A 1 68  ? -5.170  1.848   3.552   0.17 37.28  ? 67  ILE A CG1 1 
ATOM   576  C  CG1 B ILE A 1 68  ? -5.201  2.066   3.387   0.34 44.46  ? 67  ILE A CG1 1 
ATOM   577  C  CG2 A ILE A 1 68  ? -4.409  3.350   5.440   0.17 38.68  ? 67  ILE A CG2 1 
ATOM   578  C  CG2 B ILE A 1 68  ? -4.414  3.399   5.390   0.34 45.63  ? 67  ILE A CG2 1 
ATOM   579  C  CD1 A ILE A 1 68  ? -5.356  0.480   4.176   0.17 35.85  ? 67  ILE A CD1 1 
ATOM   580  C  CD1 B ILE A 1 68  ? -4.285  2.560   2.282   0.34 44.27  ? 67  ILE A CD1 1 
ATOM   581  N  N   . ARG A 1 69  ? -7.849  4.862   5.972   1.00 40.78  ? 68  ARG A N   1 
ATOM   582  C  CA  . ARG A 1 69  ? -8.333  5.867   6.961   1.00 40.17  ? 68  ARG A CA  1 
ATOM   583  C  C   . ARG A 1 69  ? -9.266  5.177   7.967   1.00 43.66  ? 68  ARG A C   1 
ATOM   584  O  O   . ARG A 1 69  ? -9.182  5.472   9.175   1.00 44.76  ? 68  ARG A O   1 
ATOM   585  C  CB  . ARG A 1 69  ? -9.071  7.018   6.268   1.00 36.61  ? 68  ARG A CB  1 
ATOM   586  C  CG  . ARG A 1 69  ? -8.218  8.016   5.505   1.00 37.73  ? 68  ARG A CG  1 
ATOM   587  C  CD  . ARG A 1 69  ? -9.062  9.157   4.898   1.00 38.92  ? 68  ARG A CD  1 
ATOM   588  N  NE  . ARG A 1 69  ? -9.649  9.986   5.944   1.00 42.34  ? 68  ARG A NE  1 
ATOM   589  C  CZ  . ARG A 1 69  ? -9.024  10.994  6.583   1.00 51.43  ? 68  ARG A CZ  1 
ATOM   590  N  NH1 . ARG A 1 69  ? -7.802  11.375  6.217   1.00 49.25  ? 68  ARG A NH1 1 
ATOM   591  N  NH2 . ARG A 1 69  ? -9.631  11.621  7.579   1.00 44.15  ? 68  ARG A NH2 1 
ATOM   592  N  N   . ARG A 1 70  ? -10.125 4.268   7.520   1.00 36.37  ? 69  ARG A N   1 
ATOM   593  C  CA  . ARG A 1 70  ? -10.952 3.449   8.442   1.00 35.40  ? 69  ARG A CA  1 
ATOM   594  C  C   . ARG A 1 70  ? -10.077 2.501   9.258   1.00 36.27  ? 69  ARG A C   1 
ATOM   595  O  O   . ARG A 1 70  ? -10.395 2.313   10.420  1.00 43.44  ? 69  ARG A O   1 
ATOM   596  C  CB  . ARG A 1 70  ? -12.065 2.697   7.700   1.00 35.36  ? 69  ARG A CB  1 
ATOM   597  C  CG  . ARG A 1 70  ? -13.220 3.599   7.266   1.00 35.95  ? 69  ARG A CG  1 
ATOM   598  C  CD  . ARG A 1 70  ? -14.486 2.851   6.848   1.00 33.96  ? 69  ARG A CD  1 
ATOM   599  N  NE  . ARG A 1 70  ? -14.365 2.097   5.580   1.00 32.67  ? 69  ARG A NE  1 
ATOM   600  C  CZ  . ARG A 1 70  ? -14.632 2.524   4.344   1.00 33.01  ? 69  ARG A CZ  1 
ATOM   601  N  NH1 . ARG A 1 70  ? -15.035 3.774   4.128   1.00 34.36  ? 69  ARG A NH1 1 
ATOM   602  N  NH2 . ARG A 1 70  ? -14.503 1.671   3.307   1.00 29.37  ? 69  ARG A NH2 1 
ATOM   603  N  N   . ARG A 1 71  ? -9.078  1.869   8.656   1.00 38.14  ? 70  ARG A N   1 
ATOM   604  C  CA  . ARG A 1 71  ? -8.164  0.916   9.327   1.00 41.11  ? 70  ARG A CA  1 
ATOM   605  C  C   . ARG A 1 71  ? -7.391  1.643   10.454  1.00 52.00  ? 70  ARG A C   1 
ATOM   606  O  O   . ARG A 1 71  ? -7.211  1.025   11.531  1.00 46.42  ? 70  ARG A O   1 
ATOM   607  C  CB  . ARG A 1 71  ? -7.224  0.297   8.293   1.00 41.19  ? 70  ARG A CB  1 
ATOM   608  C  CG  . ARG A 1 71  ? -6.438  -0.887  8.829   1.00 49.92  ? 70  ARG A CG  1 
ATOM   609  C  CD  . ARG A 1 71  ? -6.788  -2.177  8.153   1.00 52.61  ? 70  ARG A CD  1 
ATOM   610  N  NE  . ARG A 1 71  ? -6.308  -3.352  8.882   1.00 54.99  ? 70  ARG A NE  1 
ATOM   611  C  CZ  . ARG A 1 71  ? -6.650  -4.596  8.588   1.00 50.21  ? 70  ARG A CZ  1 
ATOM   612  N  NH1 . ARG A 1 71  ? -7.496  -4.834  7.590   1.00 44.64  ? 70  ARG A NH1 1 
ATOM   613  N  NH2 . ARG A 1 71  ? -6.180  -5.598  9.316   1.00 48.52  ? 70  ARG A NH2 1 
ATOM   614  N  N   . LEU A 1 72  ? -6.980  2.895   10.213  1.00 49.64  ? 71  LEU A N   1 
ATOM   615  C  CA  . LEU A 1 72  ? -6.271  3.782   11.185  1.00 55.13  ? 71  LEU A CA  1 
ATOM   616  C  C   . LEU A 1 72  ? -7.256  4.418   12.177  1.00 59.25  ? 71  LEU A C   1 
ATOM   617  O  O   . LEU A 1 72  ? -6.785  4.949   13.185  1.00 64.04  ? 71  LEU A O   1 
ATOM   618  C  CB  . LEU A 1 72  ? -5.511  4.868   10.419  1.00 53.29  ? 71  LEU A CB  1 
ATOM   619  C  CG  . LEU A 1 72  ? -4.283  4.387   9.655   1.00 52.45  ? 71  LEU A CG  1 
ATOM   620  C  CD1 . LEU A 1 72  ? -3.765  5.452   8.690   1.00 55.64  ? 71  LEU A CD1 1 
ATOM   621  C  CD2 . LEU A 1 72  ? -3.201  3.925   10.616  1.00 54.45  ? 71  LEU A CD2 1 
ATOM   622  N  N   . GLN A 1 73  ? -8.560  4.346   11.909  1.00 58.11  ? 72  GLN A N   1 
ATOM   623  C  CA  . GLN A 1 73  ? -9.661  4.914   12.733  1.00 61.67  ? 72  GLN A CA  1 
ATOM   624  C  C   . GLN A 1 73  ? -9.504  6.442   12.847  1.00 63.10  ? 72  GLN A C   1 
ATOM   625  O  O   . GLN A 1 73  ? -9.728  6.996   13.940  1.00 66.73  ? 72  GLN A O   1 
ATOM   626  C  CB  . GLN A 1 73  ? -9.724  4.184   14.082  1.00 70.09  ? 72  GLN A CB  1 
ATOM   627  C  CG  . GLN A 1 73  ? -10.567 2.912   14.060  1.00 74.81  ? 72  GLN A CG  1 
ATOM   628  C  CD  . GLN A 1 73  ? -12.055 3.161   13.892  1.00 79.85  ? 72  GLN A CD  1 
ATOM   629  O  OE1 . GLN A 1 73  ? -12.778 3.347   14.875  1.00 70.35  ? 72  GLN A OE1 1 
ATOM   630  N  NE2 . GLN A 1 73  ? -12.539 3.127   12.646  1.00 74.15  ? 72  GLN A NE2 1 
ATOM   631  N  N   . LEU A 1 74  ? -9.182  7.108   11.740  1.00 57.49  ? 73  LEU A N   1 
ATOM   632  C  CA  . LEU A 1 74  ? -9.005  8.587   11.650  1.00 58.47  ? 73  LEU A CA  1 
ATOM   633  C  C   . LEU A 1 74  ? -10.356 9.265   11.815  1.00 57.16  ? 73  LEU A C   1 
ATOM   634  O  O   . LEU A 1 74  ? -11.377 8.564   11.830  1.00 62.33  ? 73  LEU A O   1 
ATOM   635  C  CB  . LEU A 1 74  ? -8.389  8.972   10.297  1.00 56.05  ? 73  LEU A CB  1 
ATOM   636  C  CG  . LEU A 1 74  ? -6.998  8.403   10.016  1.00 53.23  ? 73  LEU A CG  1 
ATOM   637  C  CD1 . LEU A 1 74  ? -6.322  9.157   8.883   1.00 52.61  ? 73  LEU A CD1 1 
ATOM   638  C  CD2 . LEU A 1 74  ? -6.123  8.445   11.265  1.00 57.59  ? 73  LEU A CD2 1 
ATOM   639  N  N   . ASN A 1 75  ? -10.334 10.588  11.995  1.00 64.38  ? 74  ASN A N   1 
ATOM   640  C  CA  . ASN A 1 75  ? -11.544 11.455  12.038  1.00 64.48  ? 74  ASN A CA  1 
ATOM   641  C  C   . ASN A 1 75  ? -11.407 12.467  10.902  1.00 53.79  ? 74  ASN A C   1 
ATOM   642  O  O   . ASN A 1 75  ? -10.310 12.548  10.292  1.00 52.55  ? 74  ASN A O   1 
ATOM   643  C  CB  . ASN A 1 75  ? -11.812 12.087  13.415  1.00 75.67  ? 74  ASN A CB  1 
ATOM   644  C  CG  . ASN A 1 75  ? -10.627 12.838  13.998  1.00 75.71  ? 74  ASN A CG  1 
ATOM   645  O  OD1 . ASN A 1 75  ? -10.185 13.850  13.451  1.00 65.51  ? 74  ASN A OD1 1 
ATOM   646  N  ND2 . ASN A 1 75  ? -10.099 12.344  15.109  1.00 76.35  ? 74  ASN A ND2 1 
ATOM   647  N  N   . ALA A 1 76  ? -12.493 13.184  10.627  1.00 60.93  ? 75  ALA A N   1 
ATOM   648  C  CA  . ALA A 1 76  ? -12.703 13.973  9.397   1.00 67.74  ? 75  ALA A CA  1 
ATOM   649  C  C   . ALA A 1 76  ? -11.514 14.899  9.136   1.00 78.46  ? 75  ALA A C   1 
ATOM   650  O  O   . ALA A 1 76  ? -11.151 15.047  7.964   1.00 92.13  ? 75  ALA A O   1 
ATOM   651  C  CB  . ALA A 1 76  ? -13.994 14.740  9.510   1.00 74.63  ? 75  ALA A CB  1 
ATOM   652  N  N   . ASN A 1 77  ? -10.915 15.504  10.164  1.00 86.23  ? 76  ASN A N   1 
ATOM   653  C  CA  . ASN A 1 77  ? -9.951  16.621  9.951   1.00 89.94  ? 76  ASN A CA  1 
ATOM   654  C  C   . ASN A 1 77  ? -8.508  16.194  10.273  1.00 86.21  ? 76  ASN A C   1 
ATOM   655  O  O   . ASN A 1 77  ? -7.677  17.110  10.439  1.00 101.44 ? 76  ASN A O   1 
ATOM   656  C  CB  . ASN A 1 77  ? -10.385 17.884  10.702  1.00 94.61  ? 76  ASN A CB  1 
ATOM   657  C  CG  . ASN A 1 77  ? -10.571 17.675  12.190  1.00 98.49  ? 76  ASN A CG  1 
ATOM   658  O  OD1 . ASN A 1 77  ? -10.520 16.548  12.684  1.00 98.55  ? 76  ASN A OD1 1 
ATOM   659  N  ND2 . ASN A 1 77  ? -10.796 18.764  12.907  1.00 106.37 ? 76  ASN A ND2 1 
ATOM   660  N  N   . GLN A 1 78  ? -8.196  14.886  10.328  1.00 75.01  ? 77  GLN A N   1 
ATOM   661  C  CA  . GLN A 1 78  ? -6.795  14.375  10.231  1.00 67.76  ? 77  GLN A CA  1 
ATOM   662  C  C   . GLN A 1 78  ? -6.414  14.276  8.749   1.00 63.46  ? 77  GLN A C   1 
ATOM   663  O  O   . GLN A 1 78  ? -7.258  13.872  7.924   1.00 58.61  ? 77  GLN A O   1 
ATOM   664  C  CB  . GLN A 1 78  ? -6.608  13.037  10.947  1.00 67.58  ? 77  GLN A CB  1 
ATOM   665  C  CG  . GLN A 1 78  ? -6.916  13.112  12.435  1.00 70.87  ? 77  GLN A CG  1 
ATOM   666  C  CD  . GLN A 1 78  ? -6.995  11.753  13.088  1.00 74.68  ? 77  GLN A CD  1 
ATOM   667  O  OE1 . GLN A 1 78  ? -8.074  11.258  13.403  1.00 75.35  ? 77  GLN A OE1 1 
ATOM   668  N  NE2 . GLN A 1 78  ? -5.848  11.129  13.297  1.00 78.47  ? 77  GLN A NE2 1 
ATOM   669  N  N   . ALA A 1 79  ? -5.206  14.701  8.393   1.00 65.07  ? 78  ALA A N   1 
ATOM   670  C  CA  . ALA A 1 79  ? -4.718  14.634  7.002   1.00 59.74  ? 78  ALA A CA  1 
ATOM   671  C  C   . ALA A 1 79  ? -4.070  13.268  6.835   1.00 56.84  ? 78  ALA A C   1 
ATOM   672  O  O   . ALA A 1 79  ? -3.661  12.662  7.859   1.00 57.24  ? 78  ALA A O   1 
ATOM   673  C  CB  . ALA A 1 79  ? -3.758  15.743  6.653   1.00 65.21  ? 78  ALA A CB  1 
ATOM   674  N  N   . PHE A 1 80  ? -4.035  12.813  5.589   1.00 53.55  ? 79  PHE A N   1 
ATOM   675  C  CA  . PHE A 1 80  ? -3.556  11.470  5.209   1.00 52.64  ? 79  PHE A CA  1 
ATOM   676  C  C   . PHE A 1 80  ? -3.152  11.556  3.745   1.00 54.63  ? 79  PHE A C   1 
ATOM   677  O  O   . PHE A 1 80  ? -3.963  12.028  2.899   1.00 58.24  ? 79  PHE A O   1 
ATOM   678  C  CB  . PHE A 1 80  ? -4.632  10.433  5.531   1.00 51.51  ? 79  PHE A CB  1 
ATOM   679  C  CG  . PHE A 1 80  ? -4.305  9.059   5.028   1.00 45.22  ? 79  PHE A CG  1 
ATOM   680  C  CD1 . PHE A 1 80  ? -3.585  8.184   5.818   1.00 48.05  ? 79  PHE A CD1 1 
ATOM   681  C  CD2 . PHE A 1 80  ? -4.665  8.669   3.748   1.00 43.93  ? 79  PHE A CD2 1 
ATOM   682  C  CE1 . PHE A 1 80  ? -3.268  6.920   5.351   1.00 51.81  ? 79  PHE A CE1 1 
ATOM   683  C  CE2 . PHE A 1 80  ? -4.341  7.403   3.279   1.00 43.23  ? 79  PHE A CE2 1 
ATOM   684  C  CZ  . PHE A 1 80  ? -3.658  6.528   4.086   1.00 43.85  ? 79  PHE A CZ  1 
ATOM   685  N  N   . PHE A 1 81  ? -1.880  11.255  3.496   1.00 53.37  ? 80  PHE A N   1 
ATOM   686  C  CA  . PHE A 1 81  ? -1.272  11.274  2.144   1.00 58.45  ? 80  PHE A CA  1 
ATOM   687  C  C   . PHE A 1 81  ? -0.763  9.866   1.913   1.00 45.59  ? 80  PHE A C   1 
ATOM   688  O  O   . PHE A 1 81  ? -0.275  9.244   2.877   1.00 48.39  ? 80  PHE A O   1 
ATOM   689  C  CB  . PHE A 1 81  ? -0.239  12.402  2.029   1.00 57.58  ? 80  PHE A CB  1 
ATOM   690  C  CG  . PHE A 1 81  ? -0.886  13.748  2.202   1.00 59.78  ? 80  PHE A CG  1 
ATOM   691  C  CD1 . PHE A 1 81  ? -0.924  14.355  3.453   1.00 63.97  ? 80  PHE A CD1 1 
ATOM   692  C  CD2 . PHE A 1 81  ? -1.575  14.341  1.145   1.00 57.85  ? 80  PHE A CD2 1 
ATOM   693  C  CE1 . PHE A 1 81  ? -1.559  15.579  3.623   1.00 66.51  ? 80  PHE A CE1 1 
ATOM   694  C  CE2 . PHE A 1 81  ? -2.213  15.564  1.318   1.00 60.81  ? 80  PHE A CE2 1 
ATOM   695  C  CZ  . PHE A 1 81  ? -2.198  16.181  2.554   1.00 61.71  ? 80  PHE A CZ  1 
ATOM   696  N  N   . LEU A 1 82  ? -1.013  9.355   0.719   1.00 49.07  ? 81  LEU A N   1 
ATOM   697  C  CA  . LEU A 1 82  ? -0.654  7.975   0.339   1.00 48.74  ? 81  LEU A CA  1 
ATOM   698  C  C   . LEU A 1 82  ? 0.196   8.045   -0.920  1.00 48.70  ? 81  LEU A C   1 
ATOM   699  O  O   . LEU A 1 82  ? -0.297  8.508   -1.972  1.00 50.39  ? 81  LEU A O   1 
ATOM   700  C  CB  . LEU A 1 82  ? -1.925  7.145   0.125   1.00 55.34  ? 81  LEU A CB  1 
ATOM   701  C  CG  . LEU A 1 82  ? -1.711  5.644   -0.073  1.00 51.21  ? 81  LEU A CG  1 
ATOM   702  C  CD1 . LEU A 1 82  ? -1.204  5.006   1.212   1.00 44.24  ? 81  LEU A CD1 1 
ATOM   703  C  CD2 . LEU A 1 82  ? -3.007  4.995   -0.554  1.00 53.53  ? 81  LEU A CD2 1 
ATOM   704  N  N   . LEU A 1 83  ? 1.460   7.658   -0.778  1.00 44.11  ? 82  LEU A N   1 
ATOM   705  C  CA  . LEU A 1 83  ? 2.390   7.526   -1.917  1.00 45.92  ? 82  LEU A CA  1 
ATOM   706  C  C   . LEU A 1 83  ? 2.293   6.115   -2.444  1.00 39.10  ? 82  LEU A C   1 
ATOM   707  O  O   . LEU A 1 83  ? 2.142   5.141   -1.629  1.00 44.50  ? 82  LEU A O   1 
ATOM   708  C  CB  . LEU A 1 83  ? 3.824   7.763   -1.457  1.00 55.12  ? 82  LEU A CB  1 
ATOM   709  C  CG  . LEU A 1 83  ? 4.151   9.173   -0.994  1.00 58.04  ? 82  LEU A CG  1 
ATOM   710  C  CD1 . LEU A 1 83  ? 5.658   9.285   -0.815  1.00 61.24  ? 82  LEU A CD1 1 
ATOM   711  C  CD2 . LEU A 1 83  ? 3.631   10.209  -1.981  1.00 59.91  ? 82  LEU A CD2 1 
ATOM   712  N  N   . VAL A 1 84  ? 2.439   6.003   -3.745  1.00 37.87  ? 83  VAL A N   1 
ATOM   713  C  CA  . VAL A 1 84  ? 2.467   4.693   -4.436  1.00 41.45  ? 83  VAL A CA  1 
ATOM   714  C  C   . VAL A 1 84  ? 3.794   4.630   -5.199  1.00 42.17  ? 83  VAL A C   1 
ATOM   715  O  O   . VAL A 1 84  ? 3.997   5.517   -6.051  1.00 37.94  ? 83  VAL A O   1 
ATOM   716  C  CB  . VAL A 1 84  ? 1.251   4.531   -5.373  1.00 46.01  ? 83  VAL A CB  1 
ATOM   717  C  CG1 . VAL A 1 84  ? 1.237   3.138   -5.976  1.00 50.30  ? 83  VAL A CG1 1 
ATOM   718  C  CG2 . VAL A 1 84  ? -0.069  4.838   -4.672  1.00 51.92  ? 83  VAL A CG2 1 
ATOM   719  N  N   . ASN A 1 85  ? 4.561   3.543   -5.011  1.00 37.11  ? 84  ASN A N   1 
ATOM   720  C  CA  . ASN A 1 85  ? 5.816   3.263   -5.761  1.00 40.07  ? 84  ASN A CA  1 
ATOM   721  C  C   . ASN A 1 85  ? 6.716   4.516   -5.631  1.00 38.42  ? 84  ASN A C   1 
ATOM   722  O  O   . ASN A 1 85  ? 7.279   4.940   -6.617  1.00 42.53  ? 84  ASN A O   1 
ATOM   723  C  CB  . ASN A 1 85  ? 5.499   2.886   -7.214  1.00 38.93  ? 84  ASN A CB  1 
ATOM   724  C  CG  . ASN A 1 85  ? 6.717   2.592   -8.066  1.00 42.33  ? 84  ASN A CG  1 
ATOM   725  O  OD1 . ASN A 1 85  ? 7.682   1.998   -7.582  1.00 42.48  ? 84  ASN A OD1 1 
ATOM   726  N  ND2 . ASN A 1 85  ? 6.655   2.967   -9.335  1.00 45.25  ? 84  ASN A ND2 1 
ATOM   727  N  N   . GLY A 1 86  ? 6.708   5.147   -4.465  1.00 39.02  ? 85  GLY A N   1 
ATOM   728  C  CA  . GLY A 1 86  ? 7.598   6.260   -4.131  1.00 46.25  ? 85  GLY A CA  1 
ATOM   729  C  C   . GLY A 1 86  ? 7.040   7.631   -4.471  1.00 49.13  ? 85  GLY A C   1 
ATOM   730  O  O   . GLY A 1 86  ? 7.718   8.580   -4.093  1.00 51.15  ? 85  GLY A O   1 
ATOM   731  N  N   . HIS A 1 87  ? 5.930   7.780   -5.207  1.00 38.87  ? 86  HIS A N   1 
ATOM   732  C  CA  . HIS A 1 87  ? 5.478   9.104   -5.715  1.00 40.81  ? 86  HIS A CA  1 
ATOM   733  C  C   . HIS A 1 87  ? 3.973   9.329   -5.459  1.00 45.65  ? 86  HIS A C   1 
ATOM   734  O  O   . HIS A 1 87  ? 3.267   8.371   -5.123  1.00 39.35  ? 86  HIS A O   1 
ATOM   735  C  CB  . HIS A 1 87  ? 5.810   9.199   -7.186  1.00 42.91  ? 86  HIS A CB  1 
ATOM   736  C  CG  . HIS A 1 87  ? 5.179   8.147   -8.016  1.00 46.95  ? 86  HIS A CG  1 
ATOM   737  N  ND1 . HIS A 1 87  ? 3.868   8.255   -8.454  1.00 50.40  ? 86  HIS A ND1 1 
ATOM   738  C  CD2 . HIS A 1 87  ? 5.663   6.975   -8.476  1.00 46.08  ? 86  HIS A CD2 1 
ATOM   739  C  CE1 . HIS A 1 87  ? 3.574   7.190   -9.176  1.00 51.21  ? 86  HIS A CE1 1 
ATOM   740  N  NE2 . HIS A 1 87  ? 4.676   6.404   -9.220  1.00 49.72  ? 86  HIS A NE2 1 
ATOM   741  N  N   A SER A 1 88  ? 3.501   10.571  -5.594  0.06 43.00  ? 87  SER A N   1 
ATOM   742  N  N   B SER A 1 88  ? 3.511   10.575  -5.624  0.44 43.01  ? 87  SER A N   1 
ATOM   743  C  CA  A SER A 1 88  ? 2.075   10.938  -5.392  0.06 43.46  ? 87  SER A CA  1 
ATOM   744  C  CA  B SER A 1 88  ? 2.081   10.973  -5.497  0.44 47.44  ? 87  SER A CA  1 
ATOM   745  C  C   A SER A 1 88  ? 1.224   10.267  -6.477  0.06 43.69  ? 87  SER A C   1 
ATOM   746  C  C   B SER A 1 88  ? 1.249   10.163  -6.490  0.44 42.97  ? 87  SER A C   1 
ATOM   747  O  O   A SER A 1 88  ? 1.701   10.169  -7.622  0.06 44.14  ? 87  SER A O   1 
ATOM   748  O  O   B SER A 1 88  ? 1.739   9.908   -7.597  0.44 47.53  ? 87  SER A O   1 
ATOM   749  C  CB  A SER A 1 88  ? 1.885   12.434  -5.375  0.06 42.91  ? 87  SER A CB  1 
ATOM   750  C  CB  B SER A 1 88  ? 1.871   12.447  -5.755  0.44 49.47  ? 87  SER A CB  1 
ATOM   751  O  OG  A SER A 1 88  ? 2.164   13.000  -6.647  0.06 41.51  ? 87  SER A OG  1 
ATOM   752  O  OG  B SER A 1 88  ? 2.563   13.233  -4.803  0.44 53.57  ? 87  SER A OG  1 
ATOM   753  N  N   . MET A 1 89  ? 0.024   9.804   -6.116  1.00 44.35  ? 88  MET A N   1 
ATOM   754  C  CA  . MET A 1 89  ? -0.932  9.197   -7.063  1.00 47.91  ? 88  MET A CA  1 
ATOM   755  C  C   . MET A 1 89  ? -1.347  10.255  -8.098  1.00 48.71  ? 88  MET A C   1 
ATOM   756  O  O   . MET A 1 89  ? -1.702  11.385  -7.701  1.00 51.72  ? 88  MET A O   1 
ATOM   757  C  CB  . MET A 1 89  ? -2.153  8.733   -6.283  1.00 55.79  ? 88  MET A CB  1 
ATOM   758  C  CG  . MET A 1 89  ? -1.877  7.457   -5.531  1.00 63.85  ? 88  MET A CG  1 
ATOM   759  S  SD  . MET A 1 89  ? -3.118  7.255   -4.263  1.00 72.60  ? 88  MET A SD  1 
ATOM   760  C  CE  . MET A 1 89  ? -4.455  8.215   -4.959  1.00 57.16  ? 88  MET A CE  1 
ATOM   761  N  N   . VAL A 1 90  ? -1.256  9.932   -9.386  1.00 56.25  ? 89  VAL A N   1 
ATOM   762  C  CA  . VAL A 1 90  ? -1.666  10.870  -10.467 1.00 59.29  ? 89  VAL A CA  1 
ATOM   763  C  C   . VAL A 1 90  ? -3.183  11.092  -10.346 1.00 55.68  ? 89  VAL A C   1 
ATOM   764  O  O   . VAL A 1 90  ? -3.606  12.268  -10.545 1.00 48.19  ? 89  VAL A O   1 
ATOM   765  C  CB  . VAL A 1 90  ? -1.253  10.345  -11.854 1.00 67.17  ? 89  VAL A CB  1 
ATOM   766  C  CG1 . VAL A 1 90  ? -1.789  11.244  -12.965 1.00 65.62  ? 89  VAL A CG1 1 
ATOM   767  C  CG2 . VAL A 1 90  ? 0.261   10.191  -11.944 1.00 71.14  ? 89  VAL A CG2 1 
ATOM   768  N  N   . SER A 1 91  ? -3.941  10.011  -10.032 1.00 54.12  ? 90  SER A N   1 
ATOM   769  C  CA  . SER A 1 91  ? -5.427  9.974   -9.888  1.00 57.03  ? 90  SER A CA  1 
ATOM   770  C  C   . SER A 1 91  ? -5.932  8.885   -8.913  1.00 48.12  ? 90  SER A C   1 
ATOM   771  O  O   . SER A 1 91  ? -5.503  7.718   -8.959  1.00 53.64  ? 90  SER A O   1 
ATOM   772  C  CB  . SER A 1 91  ? -6.149  9.816   -11.226 1.00 56.69  ? 90  SER A CB  1 
ATOM   773  O  OG  . SER A 1 91  ? -7.561  10.008  -11.044 1.00 60.94  ? 90  SER A OG  1 
ATOM   774  N  N   . VAL A 1 92  ? -6.939  9.273   -8.143  1.00 58.58  ? 91  VAL A N   1 
ATOM   775  C  CA  . VAL A 1 92  ? -7.641  8.415   -7.155  1.00 60.12  ? 91  VAL A CA  1 
ATOM   776  C  C   . VAL A 1 92  ? -8.754  7.632   -7.872  1.00 53.77  ? 91  VAL A C   1 
ATOM   777  O  O   . VAL A 1 92  ? -9.348  6.745   -7.258  1.00 51.51  ? 91  VAL A O   1 
ATOM   778  C  CB  . VAL A 1 92  ? -8.143  9.277   -5.976  1.00 65.34  ? 91  VAL A CB  1 
ATOM   779  C  CG1 . VAL A 1 92  ? -7.004  10.081  -5.353  1.00 68.91  ? 91  VAL A CG1 1 
ATOM   780  C  CG2 . VAL A 1 92  ? -9.291  10.209  -6.367  1.00 67.98  ? 91  VAL A CG2 1 
ATOM   781  N  N   . SER A 1 93  ? -9.027  7.896   -9.141  1.00 48.69  ? 92  SER A N   1 
ATOM   782  C  CA  . SER A 1 93  ? -10.152 7.220   -9.825  1.00 48.51  ? 92  SER A CA  1 
ATOM   783  C  C   . SER A 1 93  ? -9.662  5.937   -10.479 1.00 46.95  ? 92  SER A C   1 
ATOM   784  O  O   . SER A 1 93  ? -10.493 5.135   -10.892 1.00 42.53  ? 92  SER A O   1 
ATOM   785  C  CB  . SER A 1 93  ? -10.817 8.114   -10.839 1.00 67.07  ? 92  SER A CB  1 
ATOM   786  O  OG  . SER A 1 93  ? -10.194 7.986   -12.112 1.00 69.67  ? 92  SER A OG  1 
ATOM   787  N  N   . THR A 1 94  ? -8.353  5.716   -10.596 1.00 45.08  ? 93  THR A N   1 
ATOM   788  C  CA  . THR A 1 94  ? -7.850  4.527   -11.340 1.00 48.50  ? 93  THR A CA  1 
ATOM   789  C  C   . THR A 1 94  ? -8.158  3.265   -10.526 1.00 44.06  ? 93  THR A C   1 
ATOM   790  O  O   . THR A 1 94  ? -7.920  3.253   -9.322  1.00 40.71  ? 93  THR A O   1 
ATOM   791  C  CB  . THR A 1 94  ? -6.330  4.599   -11.548 1.00 49.78  ? 93  THR A CB  1 
ATOM   792  O  OG1 . THR A 1 94  ? -5.930  5.980   -11.585 1.00 57.96  ? 93  THR A OG1 1 
ATOM   793  C  CG2 . THR A 1 94  ? -5.914  3.842   -12.785 1.00 49.89  ? 93  THR A CG2 1 
ATOM   794  N  N   . PRO A 1 95  ? -8.693  2.202   -11.156 1.00 40.98  ? 94  PRO A N   1 
ATOM   795  C  CA  . PRO A 1 95  ? -8.819  0.884   -10.544 1.00 39.41  ? 94  PRO A CA  1 
ATOM   796  C  C   . PRO A 1 95  ? -7.455  0.278   -10.193 1.00 42.24  ? 94  PRO A C   1 
ATOM   797  O  O   . PRO A 1 95  ? -6.471  0.506   -10.915 1.00 39.75  ? 94  PRO A O   1 
ATOM   798  C  CB  . PRO A 1 95  ? -9.455  -0.038  -11.568 1.00 42.35  ? 94  PRO A CB  1 
ATOM   799  C  CG  . PRO A 1 95  ? -9.875  0.872   -12.714 1.00 46.71  ? 94  PRO A CG  1 
ATOM   800  C  CD  . PRO A 1 95  ? -9.259  2.239   -12.504 1.00 48.38  ? 94  PRO A CD  1 
ATOM   801  N  N   . ILE A 1 96  ? -7.401  -0.412  -9.050  1.00 34.53  ? 95  ILE A N   1 
ATOM   802  C  CA  . ILE A 1 96  ? -6.106  -0.825  -8.454  1.00 31.50  ? 95  ILE A CA  1 
ATOM   803  C  C   . ILE A 1 96  ? -5.491  -1.870  -9.388  1.00 30.85  ? 95  ILE A C   1 
ATOM   804  O  O   . ILE A 1 96  ? -4.261  -1.892  -9.450  1.00 32.81  ? 95  ILE A O   1 
ATOM   805  C  CB  . ILE A 1 96  ? -6.171  -1.219  -6.954  1.00 32.99  ? 95  ILE A CB  1 
ATOM   806  C  CG1 . ILE A 1 96  ? -4.734  -1.288  -6.409  1.00 31.26  ? 95  ILE A CG1 1 
ATOM   807  C  CG2 . ILE A 1 96  ? -6.945  -2.508  -6.715  1.00 32.30  ? 95  ILE A CG2 1 
ATOM   808  C  CD1 . ILE A 1 96  ? -4.616  -1.718  -4.967  1.00 37.96  ? 95  ILE A CD1 1 
ATOM   809  N  N   . SER A 1 97  ? -6.279  -2.647  -10.151 1.00 31.85  ? 96  SER A N   1 
ATOM   810  C  CA  . SER A 1 97  ? -5.741  -3.580  -11.179 1.00 31.67  ? 96  SER A CA  1 
ATOM   811  C  C   . SER A 1 97  ? -4.847  -2.808  -12.181 1.00 37.03  ? 96  SER A C   1 
ATOM   812  O  O   . SER A 1 97  ? -3.764  -3.367  -12.562 1.00 32.68  ? 96  SER A O   1 
ATOM   813  C  CB  . SER A 1 97  ? -6.837  -4.287  -11.934 1.00 34.76  ? 96  SER A CB  1 
ATOM   814  O  OG  . SER A 1 97  ? -7.758  -3.323  -12.432 1.00 34.16  ? 96  SER A OG  1 
ATOM   815  N  N   . GLU A 1 98  ? -5.294  -1.614  -12.635 1.00 38.39  ? 97  GLU A N   1 
ATOM   816  C  CA  . GLU A 1 98  ? -4.554  -0.741  -13.605 1.00 38.30  ? 97  GLU A CA  1 
ATOM   817  C  C   . GLU A 1 98  ? -3.318  -0.151  -12.928 1.00 37.00  ? 97  GLU A C   1 
ATOM   818  O  O   . GLU A 1 98  ? -2.227  -0.121  -13.561 1.00 39.58  ? 97  GLU A O   1 
ATOM   819  C  CB  . GLU A 1 98  ? -5.370  0.465   -14.077 1.00 44.21  ? 97  GLU A CB  1 
ATOM   820  C  CG  . GLU A 1 98  ? -6.286  0.195   -15.253 1.00 59.20  ? 97  GLU A CG  1 
ATOM   821  C  CD  . GLU A 1 98  ? -7.075  1.423   -15.740 1.00 63.67  ? 97  GLU A CD  1 
ATOM   822  O  OE1 . GLU A 1 98  ? -8.323  1.305   -15.957 1.00 63.83  ? 97  GLU A OE1 1 
ATOM   823  O  OE2 . GLU A 1 98  ? -6.447  2.511   -15.904 1.00 63.22  ? 97  GLU A OE2 1 
ATOM   824  N  N   . VAL A 1 99  ? -3.476  0.363   -11.705 1.00 31.36  ? 98  VAL A N   1 
ATOM   825  C  CA  . VAL A 1 99  ? -2.353  0.943   -10.916 1.00 37.75  ? 98  VAL A CA  1 
ATOM   826  C  C   . VAL A 1 99  ? -1.273  -0.138  -10.717 1.00 40.60  ? 98  VAL A C   1 
ATOM   827  O  O   . VAL A 1 99  ? -0.038  0.178   -10.828 1.00 36.29  ? 98  VAL A O   1 
ATOM   828  C  CB  . VAL A 1 99  ? -2.802  1.532   -9.571  1.00 35.51  ? 98  VAL A CB  1 
ATOM   829  C  CG1 . VAL A 1 99  ? -1.610  1.984   -8.735  1.00 39.81  ? 98  VAL A CG1 1 
ATOM   830  C  CG2 . VAL A 1 99  ? -3.786  2.668   -9.739  1.00 40.82  ? 98  VAL A CG2 1 
ATOM   831  N  N   . TYR A 1 100 ? -1.665  -1.363  -10.380 1.00 30.01  ? 99  TYR A N   1 
ATOM   832  C  CA  . TYR A 1 100 ? -0.705  -2.486  -10.167 1.00 33.06  ? 99  TYR A CA  1 
ATOM   833  C  C   . TYR A 1 100 ? 0.203   -2.712  -11.386 1.00 37.70  ? 99  TYR A C   1 
ATOM   834  O  O   . TYR A 1 100 ? 1.419   -2.834  -11.227 1.00 37.25  ? 99  TYR A O   1 
ATOM   835  C  CB  . TYR A 1 100 ? -1.445  -3.771  -9.828  1.00 31.51  ? 99  TYR A CB  1 
ATOM   836  C  CG  . TYR A 1 100 ? -0.505  -4.912  -9.577  1.00 28.47  ? 99  TYR A CG  1 
ATOM   837  C  CD1 . TYR A 1 100 ? 0.162   -5.031  -8.381  1.00 28.90  ? 99  TYR A CD1 1 
ATOM   838  C  CD2 . TYR A 1 100 ? -0.380  -5.907  -10.508 1.00 29.52  ? 99  TYR A CD2 1 
ATOM   839  C  CE1 . TYR A 1 100 ? 0.965   -6.125  -8.136  1.00 29.24  ? 99  TYR A CE1 1 
ATOM   840  C  CE2 . TYR A 1 100 ? 0.456   -6.984  -10.304 1.00 32.98  ? 99  TYR A CE2 1 
ATOM   841  C  CZ  . TYR A 1 100 ? 1.117   -7.099  -9.097  1.00 32.34  ? 99  TYR A CZ  1 
ATOM   842  O  OH  . TYR A 1 100 ? 1.969   -8.145  -8.923  1.00 32.47  ? 99  TYR A OH  1 
ATOM   843  N  N   . GLU A 1 101 ? -0.384  -2.814  -12.574 1.00 35.88  ? 100 GLU A N   1 
ATOM   844  C  CA  . GLU A 1 101 ? 0.325   -3.136  -13.821 1.00 43.35  ? 100 GLU A CA  1 
ATOM   845  C  C   . GLU A 1 101 ? 1.388   -2.077  -14.159 1.00 40.38  ? 100 GLU A C   1 
ATOM   846  O  O   . GLU A 1 101 ? 2.412   -2.479  -14.752 1.00 38.89  ? 100 GLU A O   1 
ATOM   847  C  CB  . GLU A 1 101 ? -0.649  -3.217  -14.997 1.00 43.51  ? 100 GLU A CB  1 
ATOM   848  C  CG  . GLU A 1 101 ? -1.363  -4.525  -15.099 1.00 50.31  ? 100 GLU A CG  1 
ATOM   849  C  CD  . GLU A 1 101 ? -1.625  -4.944  -16.531 1.00 59.20  ? 100 GLU A CD  1 
ATOM   850  O  OE1 . GLU A 1 101 ? -1.295  -4.172  -17.462 1.00 55.24  ? 100 GLU A OE1 1 
ATOM   851  O  OE2 . GLU A 1 101 ? -2.147  -6.042  -16.699 1.00 63.82  ? 100 GLU A OE2 1 
ATOM   852  N  N   . SER A 1 102 ? 1.150   -0.808  -13.843 1.00 41.15  ? 101 SER A N   1 
ATOM   853  C  CA  . SER A 1 102 ? 2.100   0.280   -14.161 1.00 39.94  ? 101 SER A CA  1 
ATOM   854  C  C   . SER A 1 102 ? 3.010   0.606   -12.967 1.00 44.12  ? 101 SER A C   1 
ATOM   855  O  O   . SER A 1 102 ? 4.102   1.081   -13.249 1.00 42.06  ? 101 SER A O   1 
ATOM   856  C  CB  . SER A 1 102 ? 1.375   1.472   -14.738 1.00 43.28  ? 101 SER A CB  1 
ATOM   857  O  OG  . SER A 1 102 ? 0.694   2.173   -13.735 1.00 56.84  ? 101 SER A OG  1 
ATOM   858  N  N   . GLU A 1 103 ? 2.662   0.314   -11.699 1.00 33.95  ? 102 GLU A N   1 
ATOM   859  C  CA  . GLU A 1 103 ? 3.445   0.771   -10.524 1.00 34.92  ? 102 GLU A CA  1 
ATOM   860  C  C   . GLU A 1 103 ? 3.997   -0.383  -9.704  1.00 32.94  ? 102 GLU A C   1 
ATOM   861  O  O   . GLU A 1 103 ? 4.617   -0.091  -8.664  1.00 40.01  ? 102 GLU A O   1 
ATOM   862  C  CB  . GLU A 1 103 ? 2.641   1.677   -9.599  1.00 34.21  ? 102 GLU A CB  1 
ATOM   863  C  CG  . GLU A 1 103 ? 2.079   2.902   -10.303 1.00 37.25  ? 102 GLU A CG  1 
ATOM   864  C  CD  . GLU A 1 103 ? 3.096   3.883   -10.874 1.00 46.85  ? 102 GLU A CD  1 
ATOM   865  O  OE1 . GLU A 1 103 ? 4.250   3.957   -10.366 1.00 42.06  ? 102 GLU A OE1 1 
ATOM   866  O  OE2 . GLU A 1 103 ? 2.710   4.583   -11.821 1.00 48.95  ? 102 GLU A OE2 1 
ATOM   867  N  N   . LYS A 1 104 ? 3.759   -1.626  -10.098 1.00 32.98  ? 103 LYS A N   1 
ATOM   868  C  CA  . LYS A 1 104 ? 4.223   -2.758  -9.249  1.00 35.00  ? 103 LYS A CA  1 
ATOM   869  C  C   . LYS A 1 104 ? 5.751   -2.687  -9.158  1.00 43.74  ? 103 LYS A C   1 
ATOM   870  O  O   . LYS A 1 104 ? 6.373   -2.229  -10.129 1.00 38.23  ? 103 LYS A O   1 
ATOM   871  C  CB  . LYS A 1 104 ? 3.862   -4.116  -9.849  1.00 34.00  ? 103 LYS A CB  1 
ATOM   872  C  CG  . LYS A 1 104 ? 4.305   -4.362  -11.255 1.00 35.03  ? 103 LYS A CG  1 
ATOM   873  C  CD  . LYS A 1 104 ? 3.639   -5.536  -11.939 1.00 40.78  ? 103 LYS A CD  1 
ATOM   874  C  CE  . LYS A 1 104 ? 4.246   -5.801  -13.295 1.00 44.81  ? 103 LYS A CE  1 
ATOM   875  N  NZ  . LYS A 1 104 ? 3.913   -4.732  -14.280 1.00 54.75  ? 103 LYS A NZ  1 
ATOM   876  N  N   . ASP A 1 105 ? 6.315   -3.136  -8.045  1.00 43.88  ? 104 ASP A N   1 
ATOM   877  C  CA  . ASP A 1 105 ? 7.767   -3.392  -7.892  1.00 47.13  ? 104 ASP A CA  1 
ATOM   878  C  C   . ASP A 1 105 ? 8.206   -4.628  -8.708  1.00 46.03  ? 104 ASP A C   1 
ATOM   879  O  O   . ASP A 1 105 ? 7.367   -5.508  -9.133  1.00 39.58  ? 104 ASP A O   1 
ATOM   880  C  CB  . ASP A 1 105 ? 8.058   -3.524  -6.397  1.00 46.29  ? 104 ASP A CB  1 
ATOM   881  C  CG  . ASP A 1 105 ? 9.524   -3.388  -6.020  1.00 49.79  ? 104 ASP A CG  1 
ATOM   882  O  OD1 . ASP A 1 105 ? 9.934   -2.240  -5.629  1.00 43.06  ? 104 ASP A OD1 1 
ATOM   883  O  OD2 . ASP A 1 105 ? 10.217  -4.430  -6.065  1.00 45.33  ? 104 ASP A OD2 1 
ATOM   884  N  N   . GLU A 1 106 ? 9.513   -4.774  -8.920  1.00 44.36  ? 105 GLU A N   1 
ATOM   885  C  CA  . GLU A 1 106 ? 10.040  -5.962  -9.643  1.00 41.48  ? 105 GLU A CA  1 
ATOM   886  C  C   . GLU A 1 106 ? 9.826   -7.233  -8.811  1.00 35.67  ? 105 GLU A C   1 
ATOM   887  O  O   . GLU A 1 106 ? 9.821   -8.281  -9.436  1.00 41.92  ? 105 GLU A O   1 
ATOM   888  C  CB  . GLU A 1 106 ? 11.523  -5.831  -9.990  1.00 50.04  ? 105 GLU A CB  1 
ATOM   889  C  CG  . GLU A 1 106 ? 11.836  -4.802  -11.076 1.00 58.09  ? 105 GLU A CG  1 
ATOM   890  C  CD  . GLU A 1 106 ? 13.133  -5.047  -11.868 1.00 63.02  ? 105 GLU A CD  1 
ATOM   891  O  OE1 . GLU A 1 106 ? 14.024  -5.747  -11.359 1.00 56.51  ? 105 GLU A OE1 1 
ATOM   892  O  OE2 . GLU A 1 106 ? 13.218  -4.590  -13.035 1.00 66.80  ? 105 GLU A OE2 1 
ATOM   893  N  N   . ASP A 1 107 ? 9.677   -7.147  -7.475  1.00 37.06  ? 106 ASP A N   1 
ATOM   894  C  CA  . ASP A 1 107 ? 9.329   -8.329  -6.607  1.00 42.07  ? 106 ASP A CA  1 
ATOM   895  C  C   . ASP A 1 107 ? 7.859   -8.763  -6.762  1.00 46.54  ? 106 ASP A C   1 
ATOM   896  O  O   . ASP A 1 107 ? 7.534   -9.922  -6.367  1.00 47.55  ? 106 ASP A O   1 
ATOM   897  C  CB  . ASP A 1 107 ? 9.631   -8.106  -5.130  1.00 39.71  ? 106 ASP A CB  1 
ATOM   898  C  CG  . ASP A 1 107 ? 8.844   -7.058  -4.370  1.00 42.40  ? 106 ASP A CG  1 
ATOM   899  O  OD1 . ASP A 1 107 ? 7.900   -6.449  -4.946  1.00 42.24  ? 106 ASP A OD1 1 
ATOM   900  O  OD2 . ASP A 1 107 ? 9.154   -6.896  -3.154  1.00 44.01  ? 106 ASP A OD2 1 
ATOM   901  N  N   . GLY A 1 108 ? 7.002   -7.879  -7.298  1.00 42.43  ? 107 GLY A N   1 
ATOM   902  C  CA  . GLY A 1 108 ? 5.582   -8.185  -7.588  1.00 40.08  ? 107 GLY A CA  1 
ATOM   903  C  C   . GLY A 1 108 ? 4.621   -7.561  -6.588  1.00 37.31  ? 107 GLY A C   1 
ATOM   904  O  O   . GLY A 1 108 ? 3.400   -7.620  -6.851  1.00 38.16  ? 107 GLY A O   1 
ATOM   905  N  N   . PHE A 1 109 ? 5.109   -6.911  -5.529  1.00 34.41  ? 108 PHE A N   1 
ATOM   906  C  CA  . PHE A 1 109 ? 4.251   -6.195  -4.548  1.00 37.53  ? 108 PHE A CA  1 
ATOM   907  C  C   . PHE A 1 109 ? 3.995   -4.781  -5.102  1.00 39.81  ? 108 PHE A C   1 
ATOM   908  O  O   . PHE A 1 109 ? 4.809   -4.333  -5.972  1.00 36.88  ? 108 PHE A O   1 
ATOM   909  C  CB  . PHE A 1 109 ? 4.861   -6.198  -3.137  1.00 38.48  ? 108 PHE A CB  1 
ATOM   910  C  CG  . PHE A 1 109 ? 4.656   -7.458  -2.328  1.00 43.49  ? 108 PHE A CG  1 
ATOM   911  C  CD1 . PHE A 1 109 ? 3.414   -7.777  -1.805  1.00 35.95  ? 108 PHE A CD1 1 
ATOM   912  C  CD2 . PHE A 1 109 ? 5.704   -8.332  -2.075  1.00 42.71  ? 108 PHE A CD2 1 
ATOM   913  C  CE1 . PHE A 1 109 ? 3.222   -8.955  -1.083  1.00 37.96  ? 108 PHE A CE1 1 
ATOM   914  C  CE2 . PHE A 1 109 ? 5.521   -9.482  -1.318  1.00 42.50  ? 108 PHE A CE2 1 
ATOM   915  C  CZ  . PHE A 1 109 ? 4.267   -9.808  -0.846  1.00 38.64  ? 108 PHE A CZ  1 
ATOM   916  N  N   . LEU A 1 110 ? 2.912   -4.142  -4.653  1.00 35.76  ? 109 LEU A N   1 
ATOM   917  C  CA  . LEU A 1 110 ? 2.639   -2.689  -4.854  1.00 35.30  ? 109 LEU A CA  1 
ATOM   918  C  C   . LEU A 1 110 ? 2.917   -1.987  -3.520  1.00 31.05  ? 109 LEU A C   1 
ATOM   919  O  O   . LEU A 1 110 ? 2.313   -2.355  -2.496  1.00 35.95  ? 109 LEU A O   1 
ATOM   920  C  CB  . LEU A 1 110 ? 1.190   -2.511  -5.353  1.00 32.62  ? 109 LEU A CB  1 
ATOM   921  C  CG  . LEU A 1 110 ? 0.765   -1.115  -5.812  1.00 34.73  ? 109 LEU A CG  1 
ATOM   922  C  CD1 . LEU A 1 110 ? 1.640   -0.615  -6.987  1.00 33.35  ? 109 LEU A CD1 1 
ATOM   923  C  CD2 . LEU A 1 110 ? -0.736  -1.127  -6.189  1.00 34.29  ? 109 LEU A CD2 1 
ATOM   924  N  N   . TYR A 1 111 ? 3.884   -1.069  -3.501  1.00 33.38  ? 110 TYR A N   1 
ATOM   925  C  CA  . TYR A 1 111 ? 4.474   -0.456  -2.285  1.00 33.60  ? 110 TYR A CA  1 
ATOM   926  C  C   . TYR A 1 111 ? 3.818   0.914   -2.061  1.00 36.89  ? 110 TYR A C   1 
ATOM   927  O  O   . TYR A 1 111 ? 3.683   1.718   -2.977  1.00 35.16  ? 110 TYR A O   1 
ATOM   928  C  CB  . TYR A 1 111 ? 6.007   -0.412  -2.385  1.00 38.19  ? 110 TYR A CB  1 
ATOM   929  C  CG  . TYR A 1 111 ? 6.677   -1.756  -2.136  1.00 35.40  ? 110 TYR A CG  1 
ATOM   930  C  CD1 . TYR A 1 111 ? 6.943   -2.619  -3.173  1.00 36.44  ? 110 TYR A CD1 1 
ATOM   931  C  CD2 . TYR A 1 111 ? 7.080   -2.149  -0.864  1.00 37.67  ? 110 TYR A CD2 1 
ATOM   932  C  CE1 . TYR A 1 111 ? 7.497   -3.871  -2.945  1.00 33.32  ? 110 TYR A CE1 1 
ATOM   933  C  CE2 . TYR A 1 111 ? 7.685   -3.378  -0.632  1.00 39.96  ? 110 TYR A CE2 1 
ATOM   934  C  CZ  . TYR A 1 111 ? 7.899   -4.242  -1.683  1.00 38.03  ? 110 TYR A CZ  1 
ATOM   935  O  OH  . TYR A 1 111 ? 8.493   -5.471  -1.498  1.00 40.94  ? 110 TYR A OH  1 
ATOM   936  N  N   . MET A 1 112 ? 3.293   1.103   -0.872  1.00 34.41  ? 111 MET A N   1 
ATOM   937  C  CA  . MET A 1 112 ? 2.640   2.369   -0.492  1.00 45.39  ? 111 MET A CA  1 
ATOM   938  C  C   . MET A 1 112 ? 3.175   2.818   0.857   1.00 41.99  ? 111 MET A C   1 
ATOM   939  O  O   . MET A 1 112 ? 3.497   1.973   1.725   1.00 39.65  ? 111 MET A O   1 
ATOM   940  C  CB  . MET A 1 112 ? 1.117   2.205   -0.419  1.00 43.06  ? 111 MET A CB  1 
ATOM   941  C  CG  . MET A 1 112 ? 0.554   1.563   -1.665  1.00 44.44  ? 111 MET A CG  1 
ATOM   942  S  SD  . MET A 1 112 ? -1.229  1.829   -1.800  1.00 41.54  ? 111 MET A SD  1 
ATOM   943  C  CE  . MET A 1 112 ? -1.443  1.099   -3.423  1.00 45.65  ? 111 MET A CE  1 
ATOM   944  N  N   A VAL A 1 113 ? 3.247   4.136   1.034   0.41 43.11  ? 112 VAL A N   1 
ATOM   945  N  N   B VAL A 1 113 ? 3.305   4.134   1.037   0.10 42.43  ? 112 VAL A N   1 
ATOM   946  C  CA  A VAL A 1 113 ? 3.697   4.805   2.290   0.41 44.82  ? 112 VAL A CA  1 
ATOM   947  C  CA  B VAL A 1 113 ? 3.689   4.761   2.336   0.10 42.73  ? 112 VAL A CA  1 
ATOM   948  C  C   A VAL A 1 113 ? 2.713   5.933   2.574   0.41 44.85  ? 112 VAL A C   1 
ATOM   949  C  C   B VAL A 1 113 ? 2.756   5.946   2.587   0.10 43.41  ? 112 VAL A C   1 
ATOM   950  O  O   A VAL A 1 113 ? 2.351   6.616   1.608   0.41 41.56  ? 112 VAL A O   1 
ATOM   951  O  O   B VAL A 1 113 ? 2.453   6.670   1.619   0.10 42.33  ? 112 VAL A O   1 
ATOM   952  C  CB  A VAL A 1 113 ? 5.133   5.355   2.165   0.41 46.66  ? 112 VAL A CB  1 
ATOM   953  C  CB  B VAL A 1 113 ? 5.171   5.186   2.371   0.10 42.78  ? 112 VAL A CB  1 
ATOM   954  C  CG1 A VAL A 1 113 ? 5.592   5.986   3.472   0.41 49.37  ? 112 VAL A CG1 1 
ATOM   955  C  CG1 B VAL A 1 113 ? 6.104   3.986   2.303   0.10 42.15  ? 112 VAL A CG1 1 
ATOM   956  C  CG2 A VAL A 1 113 ? 6.114   4.286   1.704   0.41 46.04  ? 112 VAL A CG2 1 
ATOM   957  C  CG2 B VAL A 1 113 ? 5.508   6.190   1.280   0.10 42.43  ? 112 VAL A CG2 1 
ATOM   958  N  N   . TYR A 1 114 ? 2.322   6.112   3.839   1.00 42.85  ? 113 TYR A N   1 
ATOM   959  C  CA  . TYR A 1 114 ? 1.396   7.184   4.260   1.00 47.48  ? 113 TYR A CA  1 
ATOM   960  C  C   . TYR A 1 114 ? 2.072   8.097   5.284   1.00 51.07  ? 113 TYR A C   1 
ATOM   961  O  O   . TYR A 1 114 ? 2.885   7.601   6.151   1.00 51.51  ? 113 TYR A O   1 
ATOM   962  C  CB  . TYR A 1 114 ? 0.115   6.605   4.864   1.00 45.22  ? 113 TYR A CB  1 
ATOM   963  C  CG  . TYR A 1 114 ? 0.272   5.766   6.104   1.00 43.74  ? 113 TYR A CG  1 
ATOM   964  C  CD1 . TYR A 1 114 ? 0.512   4.405   6.039   1.00 44.20  ? 113 TYR A CD1 1 
ATOM   965  C  CD2 . TYR A 1 114 ? 0.165   6.343   7.360   1.00 40.18  ? 113 TYR A CD2 1 
ATOM   966  C  CE1 . TYR A 1 114 ? 0.648   3.644   7.192   1.00 46.92  ? 113 TYR A CE1 1 
ATOM   967  C  CE2 . TYR A 1 114 ? 0.238   5.585   8.518   1.00 39.17  ? 113 TYR A CE2 1 
ATOM   968  C  CZ  . TYR A 1 114 ? 0.500   4.237   8.439   1.00 46.56  ? 113 TYR A CZ  1 
ATOM   969  O  OH  . TYR A 1 114 ? 0.591   3.525   9.597   1.00 50.27  ? 113 TYR A OH  1 
ATOM   970  N  N   . ALA A 1 115 ? 1.654   9.358   5.234   1.00 51.09  ? 114 ALA A N   1 
ATOM   971  C  CA  . ALA A 1 115 ? 2.055   10.439  6.168   1.00 67.33  ? 114 ALA A CA  1 
ATOM   972  C  C   . ALA A 1 115 ? 0.911   11.446  6.342   1.00 62.03  ? 114 ALA A C   1 
ATOM   973  O  O   . ALA A 1 115 ? 0.005   11.453  5.486   1.00 61.73  ? 114 ALA A O   1 
ATOM   974  C  CB  . ALA A 1 115 ? 3.294   11.128  5.630   1.00 65.79  ? 114 ALA A CB  1 
ATOM   975  N  N   . SER A 1 116 ? 1.008   12.308  7.366   1.00 67.77  ? 115 SER A N   1 
ATOM   976  C  CA  . SER A 1 116 ? 0.102   13.466  7.614   1.00 67.51  ? 115 SER A CA  1 
ATOM   977  C  C   . SER A 1 116 ? 0.545   14.665  6.775   1.00 73.35  ? 115 SER A C   1 
ATOM   978  O  O   . SER A 1 116 ? -0.300  15.562  6.564   1.00 73.64  ? 115 SER A O   1 
ATOM   979  C  CB  . SER A 1 116 ? 0.033   13.820  9.077   1.00 66.51  ? 115 SER A CB  1 
ATOM   980  O  OG  . SER A 1 116 ? 1.210   13.407  9.727   1.00 66.73  ? 115 SER A OG  1 
ATOM   981  N  N   . GLN A 1 117 ? 1.799   14.660  6.301   1.00 68.00  ? 116 GLN A N   1 
ATOM   982  C  CA  . GLN A 1 117 ? 2.397   15.750  5.483   1.00 78.39  ? 116 GLN A CA  1 
ATOM   983  C  C   . GLN A 1 117 ? 2.459   15.287  4.022   1.00 85.69  ? 116 GLN A C   1 
ATOM   984  O  O   . GLN A 1 117 ? 2.839   14.124  3.807   1.00 87.59  ? 116 GLN A O   1 
ATOM   985  C  CB  . GLN A 1 117 ? 3.798   16.101  5.999   1.00 74.60  ? 116 GLN A CB  1 
ATOM   986  N  N   . GLU A 1 118 ? 2.099   16.158  3.067   1.00 86.12  ? 117 GLU A N   1 
ATOM   987  C  CA  . GLU A 1 118 ? 2.399   15.998  1.614   1.00 92.86  ? 117 GLU A CA  1 
ATOM   988  C  C   . GLU A 1 118 ? 3.912   16.048  1.362   1.00 103.71 ? 117 GLU A C   1 
ATOM   989  O  O   . GLU A 1 118 ? 4.372   15.348  0.441   1.00 108.38 ? 117 GLU A O   1 
ATOM   990  C  CB  . GLU A 1 118 ? 1.752   17.114  0.802   1.00 97.03  ? 117 GLU A CB  1 
ATOM   991  C  CG  . GLU A 1 118 ? 0.754   16.609  -0.210  1.00 106.02 ? 117 GLU A CG  1 
ATOM   992  C  CD  . GLU A 1 118 ? 0.138   17.704  -1.064  1.00 119.98 ? 117 GLU A CD  1 
ATOM   993  O  OE1 . GLU A 1 118 ? 0.160   18.878  -0.622  1.00 116.86 ? 117 GLU A OE1 1 
ATOM   994  O  OE2 . GLU A 1 118 ? -0.353  17.384  -2.171  1.00 124.43 ? 117 GLU A OE2 1 
ATOM   995  N  N   . THR A 1 119 ? 4.637   16.898  2.101   1.00 113.12 ? 118 THR A N   1 
ATOM   996  C  CA  . THR A 1 119 ? 6.122   16.941  2.161   1.00 120.41 ? 118 THR A CA  1 
ATOM   997  C  C   . THR A 1 119 ? 6.604   15.838  3.123   1.00 130.29 ? 118 THR A C   1 
ATOM   998  O  O   . THR A 1 119 ? 6.777   16.139  4.330   1.00 138.69 ? 118 THR A O   1 
ATOM   999  C  CB  . THR A 1 119 ? 6.604   18.343  2.562   1.00 105.00 ? 118 THR A CB  1 
ATOM   1000 N  N   . PHE A 1 120 ? 6.781   14.610  2.609   1.00 132.50 ? 119 PHE A N   1 
ATOM   1001 C  CA  . PHE A 1 120 ? 7.214   13.398  3.362   1.00 133.41 ? 119 PHE A CA  1 
ATOM   1002 C  C   . PHE A 1 120 ? 8.649   13.613  3.853   1.00 135.22 ? 119 PHE A C   1 
ATOM   1003 O  O   . PHE A 1 120 ? 9.568   13.724  3.031   1.00 140.26 ? 119 PHE A O   1 
ATOM   1004 C  CB  . PHE A 1 120 ? 7.100   12.131  2.501   1.00 135.60 ? 119 PHE A CB  1 
ATOM   1005 C  CG  . PHE A 1 120 ? 5.712   11.536  2.421   1.00 144.88 ? 119 PHE A CG  1 
ATOM   1006 C  CD1 . PHE A 1 120 ? 4.648   12.282  1.932   1.00 148.75 ? 119 PHE A CD1 1 
ATOM   1007 C  CD2 . PHE A 1 120 ? 5.466   10.225  2.816   1.00 142.41 ? 119 PHE A CD2 1 
ATOM   1008 C  CE1 . PHE A 1 120 ? 3.371   11.743  1.851   1.00 142.67 ? 119 PHE A CE1 1 
ATOM   1009 C  CE2 . PHE A 1 120 ? 4.186   9.688   2.734   1.00 140.89 ? 119 PHE A CE2 1 
ATOM   1010 C  CZ  . PHE A 1 120 ? 3.141   10.448  2.255   1.00 140.45 ? 119 PHE A CZ  1 
HETATM 1011 N  N1  . KA3 B 2 .   ? -7.069  -8.747  3.613   0.74 48.64  ? 201 KA3 A N1  1 
HETATM 1012 C  C4  . KA3 B 2 .   ? -5.946  -7.854  3.339   0.74 47.92  ? 201 KA3 A C4  1 
HETATM 1013 C  C5  . KA3 B 2 .   ? -8.183  -8.070  4.269   0.74 51.14  ? 201 KA3 A C5  1 
HETATM 1014 C  C6  . KA3 B 2 .   ? -8.530  -6.839  3.478   0.74 54.16  ? 201 KA3 A C6  1 
HETATM 1015 C  C7  . KA3 B 2 .   ? -7.211  -10.068 3.289   0.74 52.36  ? 201 KA3 A C7  1 
HETATM 1016 C  C8  . KA3 B 2 .   ? -9.301  -11.373 3.228   0.74 60.44  ? 201 KA3 A C8  1 
HETATM 1017 C  C10 . KA3 B 2 .   ? -8.383  -13.772 3.139   0.74 61.40  ? 201 KA3 A C10 1 
HETATM 1018 C  C1  . KA3 B 2 .   ? -8.469  -4.196  2.250   0.74 47.86  ? 201 KA3 A C1  1 
HETATM 1019 C  C11 . KA3 B 2 .   ? -7.761  -13.053 1.992   0.74 60.34  ? 201 KA3 A C11 1 
HETATM 1020 C  C2  . KA3 B 2 .   ? -7.429  -5.826  3.671   0.74 50.81  ? 201 KA3 A C2  1 
HETATM 1021 C  C3  . KA3 B 2 .   ? -6.120  -6.516  4.024   0.74 52.19  ? 201 KA3 A C3  1 
HETATM 1022 C  C9  . KA3 B 2 .   ? -9.111  -12.656 2.476   0.74 59.75  ? 201 KA3 A C9  1 
HETATM 1023 N  N2  . KA3 B 2 .   ? -8.394  -10.351 2.736   0.74 59.10  ? 201 KA3 A N2  1 
HETATM 1024 O  O1  . KA3 B 2 .   ? -7.351  -5.046  2.485   0.74 52.75  ? 201 KA3 A O1  1 
HETATM 1025 O  O2  . KA3 B 2 .   ? -6.338  -10.899 3.519   0.74 57.00  ? 201 KA3 A O2  1 
HETATM 1026 C  C1  . EDO C 3 .   ? 2.822   11.978  -10.069 1.00 84.62  ? 202 EDO A C1  1 
HETATM 1027 O  O1  . EDO C 3 .   ? 4.129   11.987  -9.510  1.00 89.44  ? 202 EDO A O1  1 
HETATM 1028 C  C2  . EDO C 3 .   ? 2.298   13.330  -10.415 1.00 78.91  ? 202 EDO A C2  1 
HETATM 1029 O  O2  . EDO C 3 .   ? 2.798   13.876  -11.617 1.00 59.26  ? 202 EDO A O2  1 
HETATM 1030 C  C1  . EDO D 3 .   ? 13.746  -3.251  -6.008  1.00 76.83  ? 203 EDO A C1  1 
HETATM 1031 O  O1  . EDO D 3 .   ? 14.262  -2.765  -4.791  1.00 68.93  ? 203 EDO A O1  1 
HETATM 1032 C  C2  . EDO D 3 .   ? 13.762  -4.722  -6.084  1.00 81.42  ? 203 EDO A C2  1 
HETATM 1033 O  O2  . EDO D 3 .   ? 13.177  -5.299  -4.931  1.00 84.33  ? 203 EDO A O2  1 
HETATM 1034 C  C1  . EDO E 3 .   ? -14.515 10.267  4.127   1.00 64.45  ? 204 EDO A C1  1 
HETATM 1035 O  O1  . EDO E 3 .   ? -15.374 10.131  3.010   1.00 58.29  ? 204 EDO A O1  1 
HETATM 1036 C  C2  . EDO E 3 .   ? -13.492 9.195   4.164   1.00 60.96  ? 204 EDO A C2  1 
HETATM 1037 O  O2  . EDO E 3 .   ? -12.227 9.665   3.784   1.00 69.33  ? 204 EDO A O2  1 
HETATM 1038 C  C1  . EDO F 3 .   ? -10.430 10.559  -1.805  1.00 79.41  ? 205 EDO A C1  1 
HETATM 1039 O  O1  . EDO F 3 .   ? -9.081  10.949  -2.008  1.00 80.11  ? 205 EDO A O1  1 
HETATM 1040 C  C2  . EDO F 3 .   ? -10.583 9.339   -0.945  1.00 74.16  ? 205 EDO A C2  1 
HETATM 1041 O  O2  . EDO F 3 .   ? -10.605 9.577   0.465   1.00 83.46  ? 205 EDO A O2  1 
HETATM 1042 C  C1  . EDO G 3 .   ? 9.370   3.239   4.949   1.00 100.34 ? 206 EDO A C1  1 
HETATM 1043 O  O1  . EDO G 3 .   ? 9.394   2.590   3.705   1.00 89.18  ? 206 EDO A O1  1 
HETATM 1044 C  C2  . EDO G 3 .   ? 8.812   4.614   4.867   1.00 106.96 ? 206 EDO A C2  1 
HETATM 1045 O  O2  . EDO G 3 .   ? 9.704   5.625   4.398   1.00 100.33 ? 206 EDO A O2  1 
HETATM 1046 C  C1  . EDO H 3 .   ? 6.274   -12.446 2.621   1.00 96.85  ? 207 EDO A C1  1 
HETATM 1047 O  O1  . EDO H 3 .   ? 6.931   -13.423 1.841   1.00 86.93  ? 207 EDO A O1  1 
HETATM 1048 C  C2  . EDO H 3 .   ? 5.613   -13.006 3.839   1.00 99.44  ? 207 EDO A C2  1 
HETATM 1049 O  O2  . EDO H 3 .   ? 5.190   -12.018 4.778   1.00 104.64 ? 207 EDO A O2  1 
HETATM 1050 C  C1  . EDO I 3 .   ? 12.457  3.446   -3.376  1.00 104.59 ? 208 EDO A C1  1 
HETATM 1051 O  O1  . EDO I 3 .   ? 13.483  3.256   -2.418  1.00 90.97  ? 208 EDO A O1  1 
HETATM 1052 C  C2  . EDO I 3 .   ? 11.842  4.802   -3.329  1.00 99.55  ? 208 EDO A C2  1 
HETATM 1053 O  O2  . EDO I 3 .   ? 12.109  5.592   -4.478  1.00 84.74  ? 208 EDO A O2  1 
HETATM 1054 C  C1  . EDO J 3 .   ? -0.873  5.698   -9.450  1.00 80.11  ? 209 EDO A C1  1 
HETATM 1055 O  O1  . EDO J 3 .   ? 0.045   6.753   -9.661  1.00 75.87  ? 209 EDO A O1  1 
HETATM 1056 C  C2  . EDO J 3 .   ? -2.099  6.119   -8.707  1.00 87.24  ? 209 EDO A C2  1 
HETATM 1057 O  O2  . EDO J 3 .   ? -3.289  6.251   -9.491  1.00 81.65  ? 209 EDO A O2  1 
HETATM 1058 CL CL  . CL  K 4 .   ? -9.327  -14.351 -4.837  1.00 37.62  ? 210 CL  A CL  1 
HETATM 1059 O  O   . HOH L 5 .   ? 12.411  -0.779  3.023   1.00 72.75  ? 301 HOH A O   1 
HETATM 1060 O  O   . HOH L 5 .   ? -15.335 11.573  1.402   1.00 83.58  ? 302 HOH A O   1 
HETATM 1061 O  O   . HOH L 5 .   ? -4.529  3.724   -16.297 1.00 72.94  ? 303 HOH A O   1 
HETATM 1062 O  O   . HOH L 5 .   ? -14.006 4.638   16.410  1.00 58.97  ? 304 HOH A O   1 
HETATM 1063 O  O   . HOH L 5 .   ? 2.381   -1.144  7.914   1.00 61.57  ? 305 HOH A O   1 
HETATM 1064 O  O   . HOH L 5 .   ? 7.100   5.583   10.662  1.00 64.28  ? 306 HOH A O   1 
HETATM 1065 O  O   . HOH L 5 .   ? -5.324  13.894  -11.136 1.00 49.85  ? 307 HOH A O   1 
HETATM 1066 O  O   . HOH L 5 .   ? -0.597  10.567  -3.269  1.00 46.39  ? 308 HOH A O   1 
HETATM 1067 O  O   . HOH L 5 .   ? 7.586   7.686   12.102  1.00 86.75  ? 309 HOH A O   1 
HETATM 1068 O  O   . HOH L 5 .   ? -2.116  -9.982  5.293   1.00 58.10  ? 310 HOH A O   1 
HETATM 1069 O  O   . HOH L 5 .   ? 10.090  1.823   -8.234  1.00 47.14  ? 311 HOH A O   1 
HETATM 1070 O  O   . HOH L 5 .   ? 0.631   3.575   16.067  1.00 78.79  ? 312 HOH A O   1 
HETATM 1071 O  O   . HOH L 5 .   ? 13.162  0.763   -2.381  1.00 69.38  ? 313 HOH A O   1 
HETATM 1072 O  O   . HOH L 5 .   ? 10.635  0.264   -2.663  1.00 67.47  ? 314 HOH A O   1 
HETATM 1073 O  O   . HOH L 5 .   ? 6.583   -9.790  6.948   1.00 63.45  ? 315 HOH A O   1 
HETATM 1074 O  O   . HOH L 5 .   ? 17.883  -16.141 -2.284  1.00 63.28  ? 316 HOH A O   1 
HETATM 1075 O  O   . HOH L 5 .   ? 1.693   15.610  -5.223  1.00 66.21  ? 317 HOH A O   1 
HETATM 1076 O  O   . HOH L 5 .   ? 11.351  7.719   -3.233  1.00 85.04  ? 318 HOH A O   1 
HETATM 1077 O  O   . HOH L 5 .   ? 5.741   -2.556  7.509   1.00 91.57  ? 319 HOH A O   1 
HETATM 1078 O  O   . HOH L 5 .   ? 9.395   -2.077  2.337   1.00 53.42  ? 320 HOH A O   1 
HETATM 1079 O  O   . HOH L 5 .   ? 9.034   -16.880 7.250   1.00 84.05  ? 321 HOH A O   1 
HETATM 1080 O  O   . HOH L 5 .   ? -14.437 6.204   -3.131  1.00 46.16  ? 322 HOH A O   1 
HETATM 1081 O  O   . HOH L 5 .   ? -10.559 -0.701  6.634   1.00 37.98  ? 323 HOH A O   1 
HETATM 1082 O  O   . HOH L 5 .   ? 5.454   -0.427  -6.162  1.00 38.03  ? 324 HOH A O   1 
HETATM 1083 O  O   . HOH L 5 .   ? 0.365   15.017  -3.153  1.00 69.38  ? 325 HOH A O   1 
HETATM 1084 O  O   . HOH L 5 .   ? -9.101  -14.405 -1.829  1.00 38.34  ? 326 HOH A O   1 
HETATM 1085 O  O   . HOH L 5 .   ? 8.891   -17.661 4.682   1.00 67.16  ? 327 HOH A O   1 
HETATM 1086 O  O   . HOH L 5 .   ? -11.401 -9.460  -5.207  1.00 41.46  ? 328 HOH A O   1 
HETATM 1087 O  O   . HOH L 5 .   ? 1.964   -17.724 -9.425  1.00 55.60  ? 329 HOH A O   1 
HETATM 1088 O  O   . HOH L 5 .   ? -12.001 -8.092  -7.780  1.00 42.56  ? 330 HOH A O   1 
HETATM 1089 O  O   . HOH L 5 .   ? -4.162  -0.379  11.980  1.00 71.49  ? 331 HOH A O   1 
HETATM 1090 O  O   . HOH L 5 .   ? -3.769  -6.121  -12.493 1.00 32.67  ? 332 HOH A O   1 
HETATM 1091 O  O   . HOH L 5 .   ? 0.500   -10.492 -8.900  1.00 41.37  ? 333 HOH A O   1 
HETATM 1092 O  O   . HOH L 5 .   ? -10.419 -4.089  -12.110 1.00 58.82  ? 334 HOH A O   1 
HETATM 1093 O  O   . HOH L 5 .   ? 6.433   -11.507 -10.069 1.00 56.06  ? 335 HOH A O   1 
HETATM 1094 O  O   . HOH L 5 .   ? 8.011   -0.002  -5.658  1.00 44.43  ? 336 HOH A O   1 
HETATM 1095 O  O   . HOH L 5 .   ? 5.845   0.473   1.501   1.00 51.98  ? 337 HOH A O   1 
HETATM 1096 O  O   . HOH L 5 .   ? 6.062   -2.944  -14.391 1.00 59.89  ? 338 HOH A O   1 
HETATM 1097 O  O   . HOH L 5 .   ? 6.204   -0.983  -12.649 1.00 69.92  ? 339 HOH A O   1 
HETATM 1098 O  O   . HOH L 5 .   ? -3.037  -12.311 -6.672  1.00 31.93  ? 340 HOH A O   1 
HETATM 1099 O  O   . HOH L 5 .   ? -3.369  -12.330 -9.375  1.00 33.50  ? 341 HOH A O   1 
HETATM 1100 O  O   . HOH L 5 .   ? 2.214   0.672   9.572   1.00 54.66  ? 342 HOH A O   1 
HETATM 1101 O  O   . HOH L 5 .   ? -3.728  1.493   13.354  1.00 81.39  ? 343 HOH A O   1 
HETATM 1102 O  O   . HOH L 5 .   ? -2.726  -1.678  -17.443 1.00 63.73  ? 344 HOH A O   1 
HETATM 1103 O  O   . HOH L 5 .   ? -7.825  12.863  -10.685 1.00 61.48  ? 345 HOH A O   1 
HETATM 1104 O  O   . HOH L 5 .   ? -11.659 -6.432  -11.840 1.00 41.55  ? 346 HOH A O   1 
HETATM 1105 O  O   . HOH L 5 .   ? 0.196   18.292  3.681   1.00 84.76  ? 347 HOH A O   1 
HETATM 1106 O  O   . HOH L 5 .   ? 3.143   -5.116  10.718  1.00 71.75  ? 348 HOH A O   1 
HETATM 1107 O  O   . HOH L 5 .   ? -3.891  -7.118  -14.603 1.00 46.22  ? 349 HOH A O   1 
HETATM 1108 O  O   . HOH L 5 .   ? -13.890 1.419   -5.878  1.00 40.40  ? 350 HOH A O   1 
HETATM 1109 O  O   . HOH L 5 .   ? -5.478  14.485  3.651   1.00 53.21  ? 351 HOH A O   1 
HETATM 1110 O  O   . HOH L 5 .   ? 12.825  -8.404  -11.806 1.00 73.53  ? 352 HOH A O   1 
HETATM 1111 O  O   . HOH L 5 .   ? 5.476   4.428   -1.865  1.00 43.41  ? 353 HOH A O   1 
HETATM 1112 O  O   . HOH L 5 .   ? -0.747  -22.480 1.994   1.00 56.64  ? 354 HOH A O   1 
HETATM 1113 O  O   . HOH L 5 .   ? -2.094  0.194   -16.535 1.00 59.43  ? 355 HOH A O   1 
HETATM 1114 O  O   . HOH L 5 .   ? -3.227  13.169  10.781  1.00 76.58  ? 356 HOH A O   1 
HETATM 1115 O  O   . HOH L 5 .   ? 17.476  -10.658 -0.763  1.00 43.38  ? 357 HOH A O   1 
HETATM 1116 O  O   . HOH L 5 .   ? 5.520   15.124  -11.446 1.00 49.75  ? 358 HOH A O   1 
HETATM 1117 O  O   . HOH L 5 .   ? 2.671   -3.497  11.978  1.00 64.42  ? 359 HOH A O   1 
HETATM 1118 O  O   . HOH L 5 .   ? -3.003  -16.750 -10.878 1.00 37.79  ? 360 HOH A O   1 
HETATM 1119 O  O   . HOH L 5 .   ? -0.192  -11.699 -6.324  1.00 32.14  ? 361 HOH A O   1 
HETATM 1120 O  O   . HOH L 5 .   ? 5.033   0.638   8.897   1.00 63.02  ? 362 HOH A O   1 
HETATM 1121 O  O   . HOH L 5 .   ? -11.458 8.404   16.028  1.00 75.57  ? 363 HOH A O   1 
HETATM 1122 O  O   . HOH L 5 .   ? -12.595 6.307   10.168  1.00 53.51  ? 364 HOH A O   1 
HETATM 1123 O  O   . HOH L 5 .   ? 3.329   -17.042 -11.486 1.00 67.60  ? 365 HOH A O   1 
HETATM 1124 O  O   . HOH L 5 .   ? 4.021   14.084  11.490  1.00 64.49  ? 366 HOH A O   1 
HETATM 1125 O  O   . HOH L 5 .   ? 2.538   20.705  -1.531  1.00 89.15  ? 367 HOH A O   1 
HETATM 1126 O  O   . HOH L 5 .   ? -7.209  11.503  3.122   1.00 51.16  ? 368 HOH A O   1 
HETATM 1127 O  O   . HOH L 5 .   ? 8.856   -0.311  -10.499 1.00 56.15  ? 369 HOH A O   1 
HETATM 1128 O  O   . HOH L 5 .   ? 10.050  3.415   -5.531  1.00 58.97  ? 370 HOH A O   1 
HETATM 1129 O  O   . HOH L 5 .   ? 1.548   -8.297  7.472   1.00 42.40  ? 371 HOH A O   1 
HETATM 1130 O  O   . HOH L 5 .   ? 6.458   -12.255 -8.367  1.00 54.08  ? 372 HOH A O   1 
HETATM 1131 O  O   . HOH L 5 .   ? -7.357  12.505  -8.237  1.00 67.13  ? 373 HOH A O   1 
HETATM 1132 O  O   . HOH L 5 .   ? 2.684   -7.309  9.502   1.00 104.95 ? 374 HOH A O   1 
HETATM 1133 O  O   . HOH L 5 .   ? 7.353   -17.477 5.699   1.00 95.05  ? 375 HOH A O   1 
HETATM 1134 O  O   . HOH L 5 .   ? -3.972  10.818  -0.156  1.00 66.55  ? 376 HOH A O   1 
HETATM 1135 O  O   . HOH L 5 .   ? -12.830 -9.226  -9.050  1.00 62.76  ? 377 HOH A O   1 
HETATM 1136 O  O   . HOH L 5 .   ? -9.488  -18.900 -4.481  1.00 52.73  ? 378 HOH A O   1 
HETATM 1137 O  O   . HOH L 5 .   ? 5.178   14.136  9.661   1.00 61.03  ? 379 HOH A O   1 
HETATM 1138 O  O   . HOH L 5 .   ? 4.313   -8.720  6.876   1.00 74.24  ? 380 HOH A O   1 
HETATM 1139 O  O   . HOH L 5 .   ? 7.918   3.138   -1.699  1.00 59.72  ? 381 HOH A O   1 
HETATM 1140 O  O   . HOH L 5 .   ? -17.208 -4.870  -3.733  1.00 63.06  ? 382 HOH A O   1 
HETATM 1141 O  O   . HOH L 5 .   ? -3.409  10.885  -1.594  1.00 53.48  ? 383 HOH A O   1 
HETATM 1142 O  O   . HOH L 5 .   ? -13.355 8.662   -7.907  1.00 58.09  ? 384 HOH A O   1 
HETATM 1143 O  O   . HOH L 5 .   ? -2.731  16.209  10.737  1.00 63.01  ? 385 HOH A O   1 
HETATM 1144 O  O   . HOH L 5 .   ? 10.160  -0.494  0.738   1.00 56.44  ? 386 HOH A O   1 
HETATM 1145 O  O   . HOH L 5 .   ? -14.579 -6.006  -2.038  1.00 60.32  ? 387 HOH A O   1 
HETATM 1146 O  O   . HOH L 5 .   ? 8.827   1.981   -3.821  1.00 69.08  ? 388 HOH A O   1 
HETATM 1147 O  O   . HOH L 5 .   ? 7.596   1.869   0.348   1.00 67.26  ? 389 HOH A O   1 
HETATM 1148 O  O   . HOH L 5 .   ? -2.499  -12.146 4.042   1.00 74.68  ? 390 HOH A O   1 
HETATM 1149 O  O   . HOH L 5 .   ? -0.106  -10.324 7.280   1.00 70.23  ? 391 HOH A O   1 
HETATM 1150 O  O   . HOH L 5 .   ? 10.928  -12.410 -10.776 1.00 62.03  ? 392 HOH A O   1 
HETATM 1151 O  O   . HOH L 5 .   ? 9.884   5.291   -0.844  1.00 69.09  ? 393 HOH A O   1 
# 
